data_7RFB
#
_entry.id   7RFB
#
_cell.length_a   68.090
_cell.length_b   102.431
_cell.length_c   131.520
_cell.angle_alpha   90.000
_cell.angle_beta   92.730
_cell.angle_gamma   90.000
#
_symmetry.space_group_name_H-M   'P 1 21 1'
#
loop_
_entity.id
_entity.type
_entity.pdbx_description
1 polymer 'mAb1198 Heavy Chain'
2 polymer 'mAb1198 Light Chain'
3 polymer 'envelope glycoprotein E2'
4 branched alpha-D-mannopyranose-(1-6)-beta-D-mannopyranose-(1-4)-2-acetamido-2-deoxy-beta-D-glucopyranose-(1-4)-2-acetamido-2-deoxy-beta-D-glucopyranose
5 branched alpha-D-mannopyranose-(1-3)-[alpha-D-mannopyranose-(1-6)]beta-D-mannopyranose-(1-4)-2-acetamido-2-deoxy-beta-D-glucopyranose-(1-4)-2-acetamido-2-deoxy-beta-D-glucopyranose
6 non-polymer 2-acetamido-2-deoxy-beta-D-glucopyranose
#
loop_
_entity_poly.entity_id
_entity_poly.type
_entity_poly.pdbx_seq_one_letter_code
_entity_poly.pdbx_strand_id
1 'polypeptide(L)'
;QVQLVQSGAEVKKPGSSVKVSCRTSGGTVNTLHWVRQAPGQGLEWMGSIFPLLGVPTYAQKFQGRVTVTADRSTSTAYME
LRSLRADDTAVYYCAKDGVGWSGHGPSQWSGVDVWGPGTTVTVSSASTKGPSVFPLAPSSKSTSGGTAALGCLVKDYFPE
PVTVSWNSGALTSGVHTFPAVLQSSGLYSLSSVVTVPSSSLGTQTYICNVNHKPSNTKVDKRVEPKSCDKTHHHHHH
;
A,H
2 'polypeptide(L)'
;DIVMTQSPLSLPVTPGEPASISCTSSQSLLHSTGYNYLDWYVQKPGQSPQLLIYLGSIRASGVPDRFSGSGSGTDFTLRI
SRVEAGDVGIYYCMQALEIPRLTFGGGTKLEIKRTVAAPSVFIFPPSDEQLKSGTASVVCLLNNFYPREAKVQWKVDNAL
QSGNSQESVTEQDSKDSTYSLSSTLTLSKADYEKHKVYACEVTHQGLSSPVTKSFNRGEC
;
B,L
3 'polypeptide(L)'
;STHVTGGTASHTTRHFASLFSSGASQRVQLINTNGSWHINRTALNCNDSLHTGFLAALFYTHKFNASGCPERMAHCRPID
EFAQGWGPITYAEGHGSDQRPYCWHYAPRQCGTIPASQVCGPVYCFTPSPVVVGTTDRFGAPTYTWGENETDVLILNNTR
PPQGNWFGCTWMNSTGFTKTCGGPPCNIGGVGNNTLTCPTDCFRKHPEATYTKCGSGPWLTPRCLVDYPYRLWHYPCTVN
FTIFKVRMYVGGVEHRLNAACN
;
C,D
#
loop_
_chem_comp.id
_chem_comp.type
_chem_comp.name
_chem_comp.formula
BMA D-saccharide, beta linking beta-D-mannopyranose 'C6 H12 O6'
MAN D-saccharide, alpha linking alpha-D-mannopyranose 'C6 H12 O6'
NAG D-saccharide, beta linking 2-acetamido-2-deoxy-beta-D-glucopyranose 'C8 H15 N O6'
#
# COMPACT_ATOMS: atom_id res chain seq x y z
N GLN A 1 0.10 -6.70 46.46
CA GLN A 1 0.80 -7.57 45.52
C GLN A 1 -0.20 -8.32 44.66
N VAL A 2 -1.31 -7.66 44.33
CA VAL A 2 -2.25 -8.20 43.37
C VAL A 2 -1.50 -8.47 42.07
N GLN A 3 -1.79 -9.61 41.46
CA GLN A 3 -1.32 -9.93 40.13
C GLN A 3 -2.50 -10.01 39.17
N LEU A 4 -2.24 -9.71 37.92
CA LEU A 4 -3.26 -9.73 36.87
C LEU A 4 -2.81 -10.74 35.83
N VAL A 5 -3.44 -11.90 35.78
CA VAL A 5 -3.04 -12.92 34.83
C VAL A 5 -4.04 -12.94 33.68
N GLN A 6 -3.52 -12.85 32.47
CA GLN A 6 -4.30 -12.64 31.26
C GLN A 6 -4.28 -13.89 30.38
N SER A 7 -5.30 -13.99 29.53
CA SER A 7 -5.37 -15.10 28.59
C SER A 7 -4.37 -14.92 27.45
N GLY A 8 -3.92 -16.04 26.90
CA GLY A 8 -2.85 -16.04 25.92
C GLY A 8 -3.24 -15.44 24.57
N ALA A 9 -2.24 -15.40 23.69
CA ALA A 9 -2.36 -14.79 22.37
C ALA A 9 -3.51 -15.41 21.58
N GLU A 10 -3.95 -14.66 20.56
CA GLU A 10 -5.13 -15.00 19.78
C GLU A 10 -4.91 -14.57 18.34
N VAL A 11 -5.06 -15.51 17.41
CA VAL A 11 -4.98 -15.24 15.98
C VAL A 11 -6.39 -15.34 15.42
N LYS A 12 -6.98 -14.19 15.15
CA LYS A 12 -8.33 -14.11 14.64
C LYS A 12 -8.32 -13.62 13.19
N LYS A 13 -9.42 -13.88 12.49
CA LYS A 13 -9.60 -13.46 11.11
C LYS A 13 -10.56 -12.28 11.06
N PRO A 14 -10.55 -11.49 9.98
CA PRO A 14 -11.47 -10.35 9.91
C PRO A 14 -12.92 -10.79 10.02
N GLY A 15 -13.67 -10.09 10.86
CA GLY A 15 -15.08 -10.33 11.04
C GLY A 15 -15.45 -11.02 12.34
N SER A 16 -14.51 -11.76 12.94
CA SER A 16 -14.85 -12.60 14.07
C SER A 16 -14.65 -11.81 15.36
N SER A 17 -14.75 -12.50 16.49
CA SER A 17 -14.78 -11.90 17.82
C SER A 17 -13.69 -12.55 18.65
N VAL A 18 -13.13 -11.80 19.60
CA VAL A 18 -12.21 -12.34 20.59
C VAL A 18 -12.70 -11.94 21.98
N LYS A 19 -12.52 -12.85 22.94
CA LYS A 19 -12.85 -12.60 24.35
C LYS A 19 -11.59 -12.78 25.18
N VAL A 20 -10.92 -11.67 25.48
CA VAL A 20 -9.73 -11.67 26.33
C VAL A 20 -10.14 -11.71 27.81
N SER A 21 -9.43 -12.50 28.61
CA SER A 21 -9.73 -12.63 30.03
C SER A 21 -8.62 -12.02 30.87
N CYS A 22 -8.98 -11.69 32.12
CA CYS A 22 -8.06 -11.08 33.07
C CYS A 22 -8.52 -11.45 34.46
N ARG A 23 -7.67 -12.12 35.24
CA ARG A 23 -8.04 -12.60 36.57
C ARG A 23 -7.20 -11.91 37.64
N THR A 24 -7.85 -11.15 38.52
CA THR A 24 -7.15 -10.55 39.65
C THR A 24 -6.74 -11.63 40.63
N SER A 25 -5.45 -11.67 40.96
CA SER A 25 -4.89 -12.68 41.84
C SER A 25 -4.34 -12.01 43.09
N GLY A 26 -4.80 -12.46 44.26
CA GLY A 26 -4.21 -12.01 45.51
C GLY A 26 -4.74 -10.72 46.08
N GLY A 27 -5.91 -10.25 45.65
CA GLY A 27 -6.53 -9.12 46.31
C GLY A 27 -7.75 -8.64 45.55
N THR A 28 -8.20 -7.45 45.92
CA THR A 28 -9.35 -6.81 45.30
C THR A 28 -8.90 -5.50 44.65
N VAL A 29 -9.78 -4.97 43.82
CA VAL A 29 -9.51 -3.85 42.92
C VAL A 29 -10.67 -2.88 43.01
N ASN A 30 -10.39 -1.58 42.84
CA ASN A 30 -11.47 -0.63 42.65
C ASN A 30 -12.07 -0.76 41.25
N THR A 31 -11.20 -0.78 40.24
CA THR A 31 -11.62 -0.77 38.84
C THR A 31 -10.57 -1.40 37.94
N LEU A 32 -11.02 -2.37 37.12
CA LEU A 32 -10.20 -2.86 36.01
C LEU A 32 -10.31 -1.94 34.82
N HIS A 33 -9.22 -1.88 34.05
CA HIS A 33 -9.20 -1.13 32.82
C HIS A 33 -8.72 -2.02 31.68
N TRP A 34 -9.16 -1.68 30.48
CA TRP A 34 -8.63 -2.28 29.27
C TRP A 34 -7.96 -1.16 28.47
N VAL A 35 -6.66 -1.31 28.27
CA VAL A 35 -5.85 -0.40 27.47
C VAL A 35 -5.16 -1.25 26.42
N ARG A 36 -5.19 -0.80 25.17
CA ARG A 36 -4.52 -1.53 24.10
C ARG A 36 -3.42 -0.68 23.48
N GLN A 37 -2.56 -1.35 22.73
CA GLN A 37 -1.38 -0.71 22.14
C GLN A 37 -1.16 -1.29 20.75
N ALA A 38 -1.60 -0.57 19.73
CA ALA A 38 -1.36 -0.98 18.36
C ALA A 38 0.14 -0.91 18.06
N PRO A 39 0.65 -1.82 17.21
CA PRO A 39 2.09 -1.79 16.89
C PRO A 39 2.56 -0.41 16.49
N GLY A 40 3.57 0.09 17.19
CA GLY A 40 4.12 1.41 16.94
C GLY A 40 3.28 2.56 17.43
N GLN A 41 2.00 2.36 17.72
CA GLN A 41 1.18 3.44 18.23
C GLN A 41 1.18 3.41 19.76
N GLY A 42 0.58 4.43 20.38
CA GLY A 42 0.61 4.58 21.82
C GLY A 42 -0.36 3.70 22.61
N LEU A 43 -0.75 4.20 23.78
CA LEU A 43 -1.69 3.50 24.66
C LEU A 43 -3.09 4.09 24.53
N GLU A 44 -4.10 3.22 24.43
CA GLU A 44 -5.48 3.68 24.24
C GLU A 44 -6.41 3.02 25.24
N TRP A 45 -7.03 3.83 26.09
CA TRP A 45 -8.06 3.29 26.97
C TRP A 45 -9.27 2.88 26.13
N MET A 46 -9.81 1.70 26.44
CA MET A 46 -11.00 1.18 25.76
C MET A 46 -12.22 1.15 26.67
N GLY A 47 -12.05 0.67 27.89
CA GLY A 47 -13.17 0.60 28.80
C GLY A 47 -12.69 0.10 30.15
N SER A 48 -13.60 0.15 31.10
CA SER A 48 -13.23 -0.22 32.46
C SER A 48 -14.50 -0.62 33.19
N ILE A 49 -14.32 -1.24 34.34
CA ILE A 49 -15.45 -1.74 35.11
C ILE A 49 -15.08 -1.72 36.58
N PHE A 50 -16.06 -1.38 37.41
CA PHE A 50 -15.99 -1.60 38.85
C PHE A 50 -16.47 -3.02 39.11
N PRO A 51 -15.57 -3.96 39.42
CA PRO A 51 -16.00 -5.35 39.60
C PRO A 51 -16.96 -5.55 40.75
N LEU A 52 -16.92 -4.70 41.78
CA LEU A 52 -17.92 -4.78 42.83
C LEU A 52 -19.32 -4.55 42.26
N LEU A 53 -19.50 -3.46 41.52
CA LEU A 53 -20.82 -3.12 41.04
C LEU A 53 -21.17 -3.83 39.75
N GLY A 54 -20.16 -4.25 38.99
CA GLY A 54 -20.39 -4.86 37.69
C GLY A 54 -20.94 -3.89 36.67
N VAL A 55 -20.60 -2.61 36.76
CA VAL A 55 -21.08 -1.59 35.82
C VAL A 55 -19.88 -1.09 35.04
N PRO A 56 -19.87 -1.22 33.70
CA PRO A 56 -18.70 -0.78 32.92
C PRO A 56 -18.88 0.58 32.26
N THR A 57 -17.77 1.17 31.80
CA THR A 57 -17.74 2.38 30.99
C THR A 57 -16.92 2.09 29.74
N TYR A 58 -17.32 2.65 28.61
CA TYR A 58 -16.66 2.39 27.34
C TYR A 58 -16.20 3.68 26.71
N ALA A 59 -15.01 3.65 26.11
CA ALA A 59 -14.59 4.75 25.24
C ALA A 59 -15.50 4.81 24.02
N GLN A 60 -15.70 6.03 23.51
CA GLN A 60 -16.61 6.22 22.37
C GLN A 60 -16.16 5.43 21.15
N LYS A 61 -14.85 5.35 20.92
CA LYS A 61 -14.36 4.70 19.70
C LYS A 61 -14.78 3.24 19.62
N PHE A 62 -15.04 2.60 20.76
CA PHE A 62 -15.41 1.19 20.79
C PHE A 62 -16.85 0.97 21.25
N GLN A 63 -17.60 2.03 21.50
CA GLN A 63 -18.99 1.89 21.93
C GLN A 63 -19.77 1.09 20.89
N GLY A 64 -20.34 -0.04 21.33
CA GLY A 64 -21.16 -0.88 20.48
C GLY A 64 -20.48 -2.11 19.93
N ARG A 65 -19.15 -2.18 19.99
CA ARG A 65 -18.43 -3.37 19.56
C ARG A 65 -17.51 -3.92 20.65
N VAL A 66 -17.56 -3.37 21.86
CA VAL A 66 -16.86 -3.91 23.03
C VAL A 66 -17.86 -4.06 24.17
N THR A 67 -17.69 -5.12 24.98
CA THR A 67 -18.42 -5.26 26.23
C THR A 67 -17.47 -5.79 27.30
N VAL A 68 -17.50 -5.16 28.48
CA VAL A 68 -16.66 -5.57 29.61
C VAL A 68 -17.57 -6.16 30.68
N THR A 69 -17.18 -7.32 31.20
CA THR A 69 -17.95 -8.04 32.21
C THR A 69 -16.99 -8.58 33.24
N ALA A 70 -17.48 -8.76 34.47
CA ALA A 70 -16.62 -9.15 35.60
C ALA A 70 -17.29 -10.23 36.45
N ASP A 71 -16.81 -11.47 36.31
CA ASP A 71 -17.32 -12.60 37.09
C ASP A 71 -16.78 -12.57 38.52
N ARG A 72 -17.70 -12.50 39.48
CA ARG A 72 -17.33 -12.28 40.88
C ARG A 72 -16.68 -13.51 41.50
N SER A 73 -17.35 -14.68 41.37
CA SER A 73 -16.87 -15.87 42.06
C SER A 73 -15.45 -16.24 41.67
N THR A 74 -15.08 -16.03 40.41
CA THR A 74 -13.76 -16.39 39.92
C THR A 74 -12.77 -15.24 39.93
N SER A 75 -13.22 -14.02 40.29
CA SER A 75 -12.36 -12.83 40.25
C SER A 75 -11.73 -12.65 38.87
N THR A 76 -12.52 -12.94 37.84
CA THR A 76 -12.10 -12.82 36.45
C THR A 76 -12.98 -11.80 35.74
N ALA A 77 -12.35 -10.93 34.97
CA ALA A 77 -13.05 -9.96 34.14
C ALA A 77 -12.74 -10.26 32.68
N TYR A 78 -13.74 -10.04 31.82
CA TYR A 78 -13.64 -10.30 30.39
C TYR A 78 -13.84 -9.03 29.60
N MET A 79 -13.25 -9.00 28.41
CA MET A 79 -13.40 -7.89 27.49
C MET A 79 -13.64 -8.54 26.14
N GLU A 80 -14.70 -8.18 25.44
CA GLU A 80 -15.02 -8.81 24.15
C GLU A 80 -15.10 -7.75 23.08
N LEU A 81 -14.24 -7.84 22.07
CA LEU A 81 -14.24 -6.93 20.94
C LEU A 81 -14.72 -7.70 19.72
N ARG A 82 -15.77 -7.22 19.08
CA ARG A 82 -16.36 -7.94 17.96
C ARG A 82 -16.25 -7.10 16.69
N SER A 83 -16.52 -7.75 15.55
CA SER A 83 -16.29 -7.17 14.23
C SER A 83 -14.83 -6.75 14.07
N LEU A 84 -13.94 -7.71 14.28
CA LEU A 84 -12.52 -7.41 14.30
C LEU A 84 -12.02 -7.05 12.91
N ARG A 85 -11.05 -6.14 12.90
CA ARG A 85 -10.48 -5.59 11.67
C ARG A 85 -8.97 -5.61 11.84
N ALA A 86 -8.23 -5.59 10.73
CA ALA A 86 -6.77 -5.58 10.82
C ALA A 86 -6.30 -4.43 11.71
N ASP A 87 -7.06 -3.34 11.72
CA ASP A 87 -6.83 -2.18 12.58
C ASP A 87 -6.78 -2.53 14.06
N ASP A 88 -7.23 -3.72 14.46
CA ASP A 88 -7.38 -4.10 15.86
C ASP A 88 -6.25 -4.98 16.36
N THR A 89 -5.26 -5.32 15.53
CA THR A 89 -4.13 -6.08 16.02
C THR A 89 -3.30 -5.18 16.94
N ALA A 90 -3.06 -5.68 18.15
CA ALA A 90 -2.51 -4.86 19.23
C ALA A 90 -2.23 -5.80 20.39
N VAL A 91 -1.56 -5.28 21.38
CA VAL A 91 -1.43 -5.95 22.67
C VAL A 91 -2.52 -5.38 23.56
N TYR A 92 -3.20 -6.25 24.29
CA TYR A 92 -4.37 -5.84 25.06
C TYR A 92 -4.04 -5.99 26.53
N TYR A 93 -3.95 -4.87 27.23
CA TYR A 93 -3.53 -4.86 28.63
C TYR A 93 -4.75 -4.64 29.52
N CYS A 94 -4.96 -5.54 30.48
CA CYS A 94 -5.84 -5.17 31.58
C CYS A 94 -4.97 -4.58 32.67
N ALA A 95 -5.53 -3.60 33.39
CA ALA A 95 -4.82 -2.90 34.44
C ALA A 95 -5.84 -2.49 35.49
N LYS A 96 -5.37 -2.38 36.73
CA LYS A 96 -6.23 -2.06 37.86
C LYS A 96 -5.76 -0.78 38.54
N ASP A 97 -6.66 -0.19 39.33
CA ASP A 97 -6.28 0.75 40.35
C ASP A 97 -7.11 0.46 41.59
N GLY A 98 -6.51 0.71 42.76
CA GLY A 98 -7.21 0.55 44.00
C GLY A 98 -7.07 -0.84 44.59
N VAL A 99 -7.45 -0.95 45.86
CA VAL A 99 -7.46 -2.23 46.53
C VAL A 99 -8.87 -2.73 46.80
N GLY A 100 -9.88 -2.02 46.33
CA GLY A 100 -11.24 -2.36 46.66
C GLY A 100 -11.84 -1.41 47.68
N TRP A 101 -13.16 -1.31 47.66
CA TRP A 101 -13.86 -0.38 48.52
C TRP A 101 -13.75 -0.82 49.97
N SER A 102 -13.31 0.10 50.83
CA SER A 102 -13.17 -0.23 52.24
C SER A 102 -14.51 -0.50 52.92
N GLY A 103 -15.63 -0.25 52.23
CA GLY A 103 -16.92 -0.43 52.84
C GLY A 103 -17.29 0.65 53.84
N HIS A 104 -16.42 1.62 54.07
CA HIS A 104 -16.70 2.67 55.03
C HIS A 104 -16.62 4.07 54.44
N GLY A 105 -15.85 4.27 53.38
CA GLY A 105 -15.74 5.57 52.76
C GLY A 105 -14.95 5.53 51.47
N PRO A 106 -14.93 6.65 50.74
CA PRO A 106 -14.15 6.70 49.50
C PRO A 106 -12.68 6.72 49.83
N SER A 107 -11.89 6.27 48.86
CA SER A 107 -10.45 6.20 48.99
C SER A 107 -9.80 7.30 48.16
N GLN A 108 -8.52 7.52 48.39
CA GLN A 108 -7.77 8.48 47.59
C GLN A 108 -7.11 7.76 46.42
N TRP A 109 -7.17 8.41 45.24
CA TRP A 109 -6.53 7.91 44.03
C TRP A 109 -5.08 7.57 44.30
N SER A 110 -4.64 6.44 43.76
CA SER A 110 -3.28 5.96 43.96
C SER A 110 -2.65 5.44 42.68
N GLY A 111 -3.23 5.75 41.53
CA GLY A 111 -2.66 5.40 40.24
C GLY A 111 -3.13 4.06 39.71
N VAL A 112 -2.87 3.85 38.43
CA VAL A 112 -3.08 2.53 37.79
C VAL A 112 -1.80 1.75 38.03
N ASP A 113 -1.68 1.24 39.24
CA ASP A 113 -0.41 0.74 39.76
C ASP A 113 -0.06 -0.70 39.38
N VAL A 114 -1.00 -1.49 38.84
CA VAL A 114 -0.71 -2.87 38.46
C VAL A 114 -1.24 -3.12 37.05
N TRP A 115 -0.36 -3.59 36.16
CA TRP A 115 -0.70 -3.93 34.79
C TRP A 115 -0.46 -5.40 34.56
N GLY A 116 -1.34 -6.03 33.79
CA GLY A 116 -1.10 -7.38 33.36
C GLY A 116 -0.04 -7.43 32.29
N PRO A 117 0.41 -8.66 31.97
CA PRO A 117 1.48 -8.81 30.98
C PRO A 117 1.05 -8.50 29.57
N GLY A 118 -0.24 -8.51 29.28
CA GLY A 118 -0.76 -8.18 27.97
C GLY A 118 -1.25 -9.42 27.24
N THR A 119 -2.15 -9.21 26.28
CA THR A 119 -2.60 -10.27 25.39
C THR A 119 -2.39 -9.81 23.96
N THR A 120 -1.65 -10.58 23.18
CA THR A 120 -1.44 -10.26 21.77
C THR A 120 -2.58 -10.84 20.95
N VAL A 121 -3.28 -9.97 20.23
CA VAL A 121 -4.38 -10.34 19.36
C VAL A 121 -4.01 -9.94 17.95
N THR A 122 -3.90 -10.92 17.07
CA THR A 122 -3.63 -10.71 15.64
C THR A 122 -4.91 -10.88 14.85
N VAL A 123 -5.20 -9.94 13.96
CA VAL A 123 -6.39 -9.96 13.11
C VAL A 123 -5.92 -9.94 11.66
N SER A 124 -6.11 -11.06 10.96
CA SER A 124 -5.57 -11.20 9.62
C SER A 124 -6.25 -12.37 8.94
N SER A 125 -6.36 -12.29 7.61
CA SER A 125 -6.92 -13.38 6.84
C SER A 125 -5.87 -14.34 6.32
N ALA A 126 -4.61 -14.15 6.70
CA ALA A 126 -3.55 -15.06 6.30
C ALA A 126 -3.70 -16.41 7.02
N SER A 127 -2.96 -17.41 6.53
CA SER A 127 -2.96 -18.76 7.07
C SER A 127 -1.57 -19.10 7.63
N THR A 128 -1.52 -20.17 8.43
CA THR A 128 -0.29 -20.54 9.12
C THR A 128 0.76 -21.03 8.13
N LYS A 129 1.88 -20.32 8.05
CA LYS A 129 2.95 -20.72 7.16
C LYS A 129 4.29 -20.66 7.88
N GLY A 130 5.07 -21.73 7.80
CA GLY A 130 6.43 -21.72 8.28
C GLY A 130 7.32 -20.92 7.37
N PRO A 131 8.52 -20.58 7.86
CA PRO A 131 9.44 -19.74 7.08
C PRO A 131 10.29 -20.54 6.11
N SER A 132 10.60 -19.90 4.98
CA SER A 132 11.76 -20.26 4.18
C SER A 132 12.97 -19.52 4.74
N VAL A 133 14.07 -20.23 4.93
CA VAL A 133 15.27 -19.64 5.52
C VAL A 133 16.39 -19.64 4.49
N PHE A 134 16.80 -18.45 4.08
CA PHE A 134 17.82 -18.35 3.05
C PHE A 134 19.12 -17.79 3.62
N PRO A 135 20.26 -18.22 3.09
CA PRO A 135 21.53 -17.66 3.57
C PRO A 135 21.74 -16.24 3.07
N LEU A 136 22.20 -15.38 3.96
CA LEU A 136 22.79 -14.08 3.64
C LEU A 136 24.30 -14.22 3.78
N ALA A 137 24.93 -14.59 2.66
CA ALA A 137 26.30 -15.05 2.67
C ALA A 137 27.26 -13.87 2.66
N PRO A 138 28.38 -13.96 3.36
CA PRO A 138 29.35 -12.85 3.35
C PRO A 138 30.08 -12.82 2.03
N SER A 139 30.15 -11.63 1.43
CA SER A 139 30.92 -11.46 0.19
C SER A 139 32.41 -11.29 0.52
N GLY A 145 41.35 -9.32 9.78
CA GLY A 145 41.52 -7.91 9.48
C GLY A 145 40.23 -7.11 9.53
N GLY A 146 39.40 -7.26 8.50
CA GLY A 146 38.13 -6.57 8.44
C GLY A 146 37.07 -7.26 9.28
N THR A 147 35.84 -6.74 9.16
CA THR A 147 34.71 -7.22 9.94
C THR A 147 33.65 -7.63 8.93
N ALA A 148 33.24 -8.89 8.95
CA ALA A 148 32.35 -9.44 7.94
C ALA A 148 30.95 -9.63 8.50
N ALA A 149 29.95 -9.27 7.70
CA ALA A 149 28.55 -9.51 8.06
C ALA A 149 28.02 -10.75 7.36
N LEU A 150 27.21 -11.53 8.08
CA LEU A 150 26.48 -12.63 7.49
C LEU A 150 25.14 -12.74 8.23
N GLY A 151 24.22 -13.50 7.66
CA GLY A 151 22.93 -13.60 8.31
C GLY A 151 22.01 -14.59 7.65
N CYS A 152 20.79 -14.66 8.17
CA CYS A 152 19.70 -15.45 7.62
C CYS A 152 18.50 -14.55 7.34
N LEU A 153 17.92 -14.69 6.14
CA LEU A 153 16.64 -14.08 5.81
C LEU A 153 15.54 -15.09 6.11
N VAL A 154 14.70 -14.78 7.09
CA VAL A 154 13.57 -15.60 7.48
C VAL A 154 12.32 -14.98 6.84
N LYS A 155 11.81 -15.62 5.79
CA LYS A 155 10.84 -14.99 4.91
C LYS A 155 9.53 -15.78 4.85
N ASP A 156 8.42 -15.04 4.80
CA ASP A 156 7.11 -15.55 4.41
C ASP A 156 6.57 -16.55 5.43
N TYR A 157 6.39 -16.07 6.65
CA TYR A 157 5.85 -16.87 7.73
C TYR A 157 4.68 -16.14 8.37
N PHE A 158 3.80 -16.93 8.97
CA PHE A 158 2.61 -16.43 9.67
C PHE A 158 2.19 -17.52 10.63
N PRO A 159 1.69 -17.18 11.83
CA PRO A 159 1.62 -15.85 12.38
C PRO A 159 2.92 -15.57 13.11
N GLU A 160 2.92 -14.51 13.82
CA GLU A 160 4.20 -14.32 14.46
C GLU A 160 4.12 -14.80 15.90
N PRO A 161 5.23 -15.13 16.57
CA PRO A 161 6.68 -14.97 16.47
C PRO A 161 7.45 -16.18 16.01
N VAL A 162 8.65 -15.86 15.53
CA VAL A 162 9.70 -16.80 15.21
C VAL A 162 10.89 -16.41 16.08
N THR A 163 11.77 -17.37 16.37
CA THR A 163 12.99 -17.09 17.12
C THR A 163 14.20 -17.54 16.32
N VAL A 164 15.20 -16.66 16.25
CA VAL A 164 16.47 -16.94 15.57
C VAL A 164 17.57 -17.04 16.62
N SER A 165 18.45 -18.01 16.45
CA SER A 165 19.63 -18.12 17.29
C SER A 165 20.82 -18.44 16.37
N TRP A 166 22.01 -18.52 16.95
CA TRP A 166 23.18 -18.80 16.14
C TRP A 166 24.07 -19.83 16.85
N ASN A 167 24.52 -20.83 16.09
CA ASN A 167 25.32 -21.93 16.62
C ASN A 167 24.73 -22.43 17.95
N SER A 168 23.41 -22.65 17.95
CA SER A 168 22.68 -23.19 19.09
C SER A 168 22.86 -22.31 20.33
N GLY A 169 22.81 -21.00 20.14
CA GLY A 169 22.96 -20.07 21.23
C GLY A 169 24.39 -19.81 21.68
N ALA A 170 25.39 -20.37 21.00
CA ALA A 170 26.79 -20.10 21.34
C ALA A 170 27.27 -18.75 20.81
N LEU A 171 26.56 -18.17 19.83
CA LEU A 171 26.94 -16.91 19.21
C LEU A 171 25.83 -15.91 19.48
N THR A 172 26.08 -14.96 20.38
CA THR A 172 25.10 -13.92 20.71
C THR A 172 25.74 -12.55 20.55
N SER A 173 27.05 -12.46 20.71
CA SER A 173 27.71 -11.18 20.51
C SER A 173 27.54 -10.74 19.06
N GLY A 174 27.14 -9.49 18.87
CA GLY A 174 27.11 -8.91 17.54
C GLY A 174 25.99 -9.39 16.66
N VAL A 175 24.93 -9.97 17.23
CA VAL A 175 23.81 -10.51 16.48
C VAL A 175 22.69 -9.47 16.45
N HIS A 176 22.10 -9.26 15.28
CA HIS A 176 20.92 -8.40 15.16
C HIS A 176 19.81 -9.16 14.47
N THR A 177 18.77 -9.51 15.24
CA THR A 177 17.53 -10.03 14.68
C THR A 177 16.54 -8.88 14.63
N PHE A 178 16.09 -8.56 13.44
CA PHE A 178 15.34 -7.34 13.22
C PHE A 178 13.86 -7.55 13.52
N PRO A 179 13.15 -6.50 13.94
CA PRO A 179 11.70 -6.63 14.08
C PRO A 179 11.10 -6.99 12.73
N ALA A 180 10.17 -7.94 12.74
CA ALA A 180 9.59 -8.40 11.48
C ALA A 180 8.75 -7.32 10.84
N VAL A 181 8.79 -7.30 9.53
CA VAL A 181 7.96 -6.39 8.74
C VAL A 181 6.81 -7.21 8.17
N LEU A 182 5.72 -6.53 7.84
CA LEU A 182 4.53 -7.17 7.30
C LEU A 182 4.44 -6.85 5.82
N GLN A 183 4.43 -7.89 4.99
CA GLN A 183 4.49 -7.71 3.54
C GLN A 183 3.09 -7.49 2.96
N SER A 184 3.01 -7.27 1.65
CA SER A 184 1.72 -7.10 1.02
C SER A 184 0.93 -8.41 0.94
N SER A 185 1.62 -9.55 1.00
CA SER A 185 0.97 -10.85 1.02
C SER A 185 0.30 -11.15 2.35
N GLY A 186 0.58 -10.36 3.40
CA GLY A 186 0.09 -10.66 4.72
C GLY A 186 1.00 -11.54 5.53
N LEU A 187 2.07 -12.05 4.93
CA LEU A 187 3.07 -12.84 5.63
C LEU A 187 4.16 -11.94 6.21
N TYR A 188 4.79 -12.42 7.28
CA TYR A 188 5.89 -11.69 7.87
C TYR A 188 7.23 -12.15 7.30
N SER A 189 8.16 -11.22 7.22
CA SER A 189 9.52 -11.57 6.87
C SER A 189 10.46 -10.84 7.81
N LEU A 190 11.63 -11.45 8.00
CA LEU A 190 12.58 -11.09 9.03
C LEU A 190 13.98 -11.47 8.56
N SER A 191 14.96 -10.69 9.00
CA SER A 191 16.35 -11.03 8.73
C SER A 191 17.13 -10.90 10.03
N SER A 192 17.99 -11.87 10.29
CA SER A 192 18.90 -11.82 11.43
C SER A 192 20.33 -11.92 10.93
N VAL A 193 21.19 -11.01 11.41
CA VAL A 193 22.57 -10.89 10.93
C VAL A 193 23.51 -10.90 12.12
N VAL A 194 24.78 -11.18 11.82
CA VAL A 194 25.84 -11.15 12.83
C VAL A 194 27.15 -10.78 12.14
N THR A 195 27.95 -9.95 12.82
CA THR A 195 29.28 -9.56 12.34
C THR A 195 30.33 -10.43 13.01
N VAL A 196 31.24 -10.98 12.22
CA VAL A 196 32.22 -11.93 12.73
C VAL A 196 33.59 -11.51 12.21
N PRO A 197 34.68 -12.07 12.70
CA PRO A 197 35.99 -11.79 12.10
C PRO A 197 36.09 -12.41 10.72
N SER A 198 36.43 -11.58 9.73
CA SER A 198 36.73 -12.07 8.38
C SER A 198 37.69 -13.24 8.43
N SER A 199 38.66 -13.17 9.35
CA SER A 199 39.62 -14.24 9.59
C SER A 199 38.93 -15.60 9.71
N SER A 200 37.67 -15.61 10.13
CA SER A 200 36.95 -16.84 10.42
C SER A 200 36.05 -17.31 9.28
N LEU A 201 35.96 -16.54 8.18
CA LEU A 201 34.86 -16.71 7.24
C LEU A 201 34.82 -18.11 6.66
N GLY A 202 35.83 -18.48 5.90
CA GLY A 202 35.85 -19.82 5.36
C GLY A 202 36.02 -20.86 6.43
N THR A 203 36.71 -20.51 7.52
CA THR A 203 37.04 -21.54 8.49
C THR A 203 35.87 -21.78 9.46
N GLN A 204 35.29 -20.73 10.05
CA GLN A 204 34.30 -20.94 11.09
C GLN A 204 32.92 -21.26 10.51
N THR A 205 32.29 -22.28 11.07
CA THR A 205 30.98 -22.71 10.63
C THR A 205 29.91 -21.97 11.42
N TYR A 206 28.99 -21.35 10.70
CA TYR A 206 27.89 -20.60 11.26
C TYR A 206 26.58 -21.26 10.84
N ILE A 207 25.75 -21.60 11.84
CA ILE A 207 24.42 -22.15 11.62
C ILE A 207 23.44 -21.25 12.36
N CYS A 208 22.51 -20.67 11.62
CA CYS A 208 21.40 -19.95 12.23
C CYS A 208 20.25 -20.91 12.47
N ASN A 209 19.63 -20.79 13.64
CA ASN A 209 18.63 -21.75 14.13
C ASN A 209 17.31 -21.01 14.27
N VAL A 210 16.38 -21.34 13.38
CA VAL A 210 15.08 -20.68 13.29
C VAL A 210 14.02 -21.64 13.82
N ASN A 211 13.04 -21.09 14.54
CA ASN A 211 12.03 -21.90 15.22
C ASN A 211 10.70 -21.15 15.12
N HIS A 212 9.69 -21.82 14.57
CA HIS A 212 8.36 -21.26 14.39
C HIS A 212 7.36 -22.30 14.93
N LYS A 213 6.99 -22.12 16.18
CA LYS A 213 6.12 -23.03 16.91
C LYS A 213 4.70 -23.06 16.35
N PRO A 214 4.14 -21.93 15.85
CA PRO A 214 2.81 -22.00 15.21
C PRO A 214 2.70 -23.06 14.11
N SER A 215 3.84 -23.46 13.54
CA SER A 215 3.83 -24.50 12.52
C SER A 215 4.81 -25.64 12.79
N ASN A 216 5.38 -25.77 13.98
CA ASN A 216 6.41 -26.81 14.23
C ASN A 216 7.52 -26.83 13.19
N THR A 217 7.91 -25.64 12.77
CA THR A 217 9.03 -25.50 11.86
C THR A 217 10.31 -25.28 12.67
N LYS A 218 11.32 -26.12 12.41
CA LYS A 218 12.69 -25.88 12.86
C LYS A 218 13.58 -26.04 11.65
N VAL A 219 14.47 -25.08 11.45
CA VAL A 219 15.39 -25.10 10.31
C VAL A 219 16.75 -24.69 10.82
N ASP A 220 17.79 -25.43 10.40
CA ASP A 220 19.18 -25.11 10.68
C ASP A 220 19.86 -24.84 9.34
N LYS A 221 19.84 -23.59 8.91
CA LYS A 221 20.56 -23.21 7.70
C LYS A 221 22.01 -22.91 8.03
N ARG A 222 22.91 -23.55 7.29
CA ARG A 222 24.32 -23.20 7.32
C ARG A 222 24.58 -22.02 6.40
N VAL A 223 25.37 -21.06 6.85
CA VAL A 223 25.72 -19.88 6.07
C VAL A 223 27.20 -19.97 5.72
N GLU A 224 27.50 -20.24 4.47
CA GLU A 224 28.86 -20.43 4.00
C GLU A 224 29.30 -19.28 3.10
N PRO A 225 30.60 -19.05 2.99
CA PRO A 225 31.06 -18.06 2.00
C PRO A 225 30.66 -18.49 0.60
N LYS A 226 30.05 -17.58 -0.14
CA LYS A 226 29.57 -17.89 -1.49
C LYS A 226 30.74 -18.07 -2.46
N ILE B 2 -10.78 16.03 27.83
CA ILE B 2 -9.42 16.43 28.16
C ILE B 2 -8.41 15.74 27.24
N VAL B 3 -7.49 16.52 26.66
CA VAL B 3 -6.47 16.00 25.76
C VAL B 3 -5.11 16.23 26.39
N MET B 4 -4.29 15.17 26.41
CA MET B 4 -2.94 15.21 26.97
C MET B 4 -1.93 15.26 25.83
N THR B 5 -1.33 16.42 25.60
CA THR B 5 -0.21 16.55 24.67
C THR B 5 1.12 16.66 25.42
N GLN B 6 2.16 16.06 24.83
CA GLN B 6 3.47 15.90 25.44
C GLN B 6 4.56 16.47 24.55
N SER B 7 5.66 16.88 25.19
CA SER B 7 6.82 17.44 24.53
C SER B 7 8.04 17.12 25.39
N PRO B 8 9.19 16.77 24.77
CA PRO B 8 9.37 16.56 23.34
C PRO B 8 8.77 15.22 22.95
N LEU B 9 8.85 14.84 21.68
CA LEU B 9 8.46 13.47 21.37
C LEU B 9 9.64 12.51 21.54
N SER B 10 10.82 12.92 21.08
CA SER B 10 12.06 12.17 21.25
C SER B 10 13.00 12.96 22.16
N LEU B 11 13.62 12.27 23.11
CA LEU B 11 14.56 12.90 24.04
C LEU B 11 15.87 12.13 24.08
N PRO B 12 16.89 12.54 23.32
CA PRO B 12 18.23 11.96 23.47
C PRO B 12 18.96 12.58 24.65
N VAL B 13 19.49 11.74 25.53
CA VAL B 13 20.06 12.16 26.80
C VAL B 13 21.39 11.45 27.03
N THR B 14 22.46 12.23 27.20
CA THR B 14 23.76 11.66 27.57
C THR B 14 23.68 11.06 28.97
N PRO B 15 24.29 9.88 29.19
CA PRO B 15 24.14 9.20 30.49
C PRO B 15 24.69 10.02 31.65
N GLY B 16 23.95 10.02 32.76
CA GLY B 16 24.24 10.82 33.93
C GLY B 16 23.69 12.24 33.86
N GLU B 17 23.55 12.79 32.65
CA GLU B 17 22.89 14.08 32.48
C GLU B 17 21.41 13.97 32.85
N PRO B 18 20.81 15.06 33.33
CA PRO B 18 19.38 15.03 33.65
C PRO B 18 18.52 15.03 32.39
N ALA B 19 17.24 14.72 32.60
CA ALA B 19 16.24 14.71 31.54
C ALA B 19 14.98 15.37 32.07
N SER B 20 14.16 15.87 31.15
CA SER B 20 12.93 16.55 31.52
C SER B 20 11.94 16.47 30.39
N ILE B 21 10.69 16.15 30.72
CA ILE B 21 9.64 15.99 29.74
C ILE B 21 8.38 16.63 30.28
N SER B 22 7.67 17.34 29.40
CA SER B 22 6.56 18.19 29.77
C SER B 22 5.24 17.58 29.32
N CYS B 23 4.20 17.83 30.10
CA CYS B 23 2.84 17.42 29.77
C CYS B 23 1.93 18.62 29.99
N THR B 24 0.98 18.82 29.09
CA THR B 24 -0.03 19.85 29.25
C THR B 24 -1.41 19.23 29.10
N SER B 25 -2.36 19.80 29.84
CA SER B 25 -3.73 19.30 29.88
C SER B 25 -4.68 20.37 29.35
N SER B 26 -5.64 19.95 28.52
CA SER B 26 -6.59 20.89 27.96
C SER B 26 -7.41 21.60 29.02
N GLN B 27 -7.56 21.01 30.21
CA GLN B 27 -8.25 21.67 31.32
C GLN B 27 -7.44 21.47 32.58
N SER B 28 -7.70 22.30 33.59
CA SER B 28 -6.98 22.20 34.85
C SER B 28 -7.26 20.86 35.51
N LEU B 29 -6.19 20.17 35.91
CA LEU B 29 -6.26 18.90 36.62
C LEU B 29 -6.26 19.07 38.13
N LEU B 30 -6.27 20.30 38.63
CA LEU B 30 -6.28 20.56 40.06
C LEU B 30 -7.72 20.60 40.56
N HIS B 31 -7.98 19.91 41.66
CA HIS B 31 -9.32 19.62 42.15
C HIS B 31 -9.58 20.28 43.50
N SER B 32 -10.86 20.32 43.87
CA SER B 32 -11.29 20.85 45.17
C SER B 32 -10.44 20.30 46.32
N THR B 33 -10.18 19.00 46.30
CA THR B 33 -9.47 18.34 47.39
C THR B 33 -8.11 18.98 47.66
N GLY B 34 -7.51 19.58 46.65
CA GLY B 34 -6.17 20.11 46.78
C GLY B 34 -5.08 19.19 46.28
N TYR B 35 -5.34 18.41 45.24
CA TYR B 35 -4.37 17.53 44.62
C TYR B 35 -4.44 17.69 43.12
N ASN B 36 -3.29 17.53 42.45
CA ASN B 36 -3.25 17.52 41.00
C ASN B 36 -3.35 16.07 40.54
N TYR B 37 -4.33 15.78 39.70
CA TYR B 37 -4.63 14.39 39.33
C TYR B 37 -3.99 14.03 38.00
N LEU B 38 -2.66 14.05 38.01
CA LEU B 38 -1.84 13.68 36.86
C LEU B 38 -0.88 12.60 37.27
N ASP B 39 -0.82 11.53 36.48
CA ASP B 39 0.07 10.40 36.67
C ASP B 39 1.14 10.38 35.59
N TRP B 40 2.27 9.75 35.90
CA TRP B 40 3.34 9.51 34.94
C TRP B 40 3.59 8.02 34.85
N TYR B 41 3.58 7.48 33.62
CA TYR B 41 3.85 6.07 33.35
C TYR B 41 5.04 5.95 32.41
N VAL B 42 5.78 4.86 32.56
CA VAL B 42 6.87 4.53 31.64
C VAL B 42 6.60 3.15 31.08
N GLN B 43 6.80 3.01 29.78
CA GLN B 43 6.79 1.69 29.15
C GLN B 43 8.18 1.44 28.59
N LYS B 44 8.93 0.60 29.29
CA LYS B 44 10.23 0.17 28.81
C LYS B 44 10.05 -0.88 27.72
N PRO B 45 10.88 -0.86 26.68
CA PRO B 45 10.66 -1.77 25.55
C PRO B 45 10.62 -3.22 25.99
N GLY B 46 9.59 -3.94 25.51
CA GLY B 46 9.39 -5.33 25.87
C GLY B 46 8.50 -5.55 27.07
N GLN B 47 8.09 -4.49 27.77
CA GLN B 47 7.46 -4.64 29.06
C GLN B 47 6.10 -3.93 29.08
N SER B 48 5.31 -4.29 30.08
CA SER B 48 4.04 -3.63 30.33
C SER B 48 4.26 -2.18 30.76
N PRO B 49 3.34 -1.28 30.44
CA PRO B 49 3.34 0.02 31.09
C PRO B 49 3.47 -0.13 32.60
N GLN B 50 4.11 0.84 33.21
CA GLN B 50 4.47 0.75 34.61
C GLN B 50 4.32 2.13 35.23
N LEU B 51 3.72 2.16 36.43
CA LEU B 51 3.44 3.42 37.09
C LEU B 51 4.72 3.99 37.68
N LEU B 52 4.90 5.30 37.51
CA LEU B 52 6.06 6.01 38.00
C LEU B 52 5.71 7.00 39.10
N ILE B 53 4.70 7.82 38.87
CA ILE B 53 4.36 8.93 39.74
C ILE B 53 2.86 9.16 39.67
N TYR B 54 2.20 9.22 40.82
CA TYR B 54 0.79 9.56 40.85
C TYR B 54 0.56 10.82 41.66
N LEU B 55 -0.59 11.45 41.41
CA LEU B 55 -0.98 12.70 42.05
C LEU B 55 0.10 13.77 41.87
N GLY B 56 0.62 13.87 40.66
CA GLY B 56 1.63 14.87 40.36
C GLY B 56 3.04 14.65 40.91
N SER B 57 3.16 14.22 42.17
CA SER B 57 4.47 14.25 42.84
C SER B 57 4.83 13.00 43.63
N ILE B 58 3.89 12.11 43.93
CA ILE B 58 4.23 10.92 44.71
C ILE B 58 4.74 9.85 43.76
N ARG B 59 5.83 9.22 44.14
CA ARG B 59 6.47 8.28 43.26
C ARG B 59 6.19 6.85 43.75
N ALA B 60 6.01 5.95 42.78
CA ALA B 60 5.36 4.67 43.02
C ALA B 60 6.36 3.66 43.57
N SER B 61 5.84 2.47 43.91
CA SER B 61 6.66 1.42 44.52
C SER B 61 7.87 1.11 43.65
N GLY B 62 9.03 1.06 44.28
CA GLY B 62 10.26 0.77 43.58
C GLY B 62 10.85 1.91 42.78
N VAL B 63 10.21 3.08 42.77
CA VAL B 63 10.68 4.19 41.94
C VAL B 63 11.71 5.01 42.72
N PRO B 64 12.89 5.22 42.17
CA PRO B 64 13.97 5.89 42.92
C PRO B 64 13.74 7.38 43.04
N ASP B 65 14.45 7.97 44.01
CA ASP B 65 14.36 9.41 44.27
C ASP B 65 14.77 10.26 43.08
N ARG B 66 15.47 9.69 42.11
CA ARG B 66 15.94 10.44 40.95
C ARG B 66 14.84 10.70 39.91
N PHE B 67 13.64 10.16 40.11
CA PHE B 67 12.47 10.59 39.36
C PHE B 67 11.69 11.57 40.21
N SER B 68 11.34 12.72 39.64
CA SER B 68 10.53 13.70 40.34
C SER B 68 9.54 14.30 39.37
N GLY B 69 8.30 14.45 39.83
CA GLY B 69 7.26 15.11 39.07
C GLY B 69 6.84 16.38 39.76
N SER B 70 6.68 17.45 38.98
CA SER B 70 6.23 18.75 39.48
C SER B 70 5.26 19.35 38.48
N GLY B 71 4.48 20.31 38.95
CA GLY B 71 3.56 21.02 38.08
C GLY B 71 2.22 21.19 38.74
N SER B 72 1.40 22.11 38.22
CA SER B 72 0.07 22.35 38.78
C SER B 72 -0.86 22.87 37.70
N GLY B 73 -2.13 22.47 37.81
CA GLY B 73 -3.17 22.98 36.95
C GLY B 73 -3.19 22.34 35.58
N THR B 74 -2.46 22.95 34.63
CA THR B 74 -2.41 22.48 33.26
C THR B 74 -1.01 22.21 32.74
N ASP B 75 0.04 22.55 33.49
CA ASP B 75 1.40 22.33 33.06
C ASP B 75 2.13 21.49 34.09
N PHE B 76 2.69 20.36 33.64
CA PHE B 76 3.38 19.42 34.52
C PHE B 76 4.68 19.00 33.86
N THR B 77 5.62 18.54 34.69
CA THR B 77 6.94 18.13 34.23
C THR B 77 7.41 16.90 34.99
N LEU B 78 7.93 15.93 34.25
CA LEU B 78 8.67 14.82 34.83
C LEU B 78 10.16 15.07 34.58
N ARG B 79 10.95 15.07 35.66
CA ARG B 79 12.37 15.33 35.60
C ARG B 79 13.11 14.08 36.09
N ILE B 80 14.16 13.70 35.38
CA ILE B 80 14.95 12.50 35.69
C ILE B 80 16.39 12.93 35.79
N SER B 81 17.01 12.71 36.96
CA SER B 81 18.21 13.44 37.36
C SER B 81 19.52 12.81 36.89
N ARG B 82 19.66 11.48 36.99
CA ARG B 82 20.89 10.79 36.56
C ARG B 82 20.46 9.72 35.57
N VAL B 83 20.27 10.12 34.30
CA VAL B 83 19.75 9.18 33.31
C VAL B 83 20.79 8.12 33.02
N GLU B 84 20.32 6.87 32.98
CA GLU B 84 20.94 5.57 32.93
C GLU B 84 20.36 4.79 31.76
N ALA B 85 21.12 3.79 31.31
CA ALA B 85 20.62 2.99 30.22
C ALA B 85 19.35 2.28 30.61
N GLY B 86 19.12 2.07 31.91
CA GLY B 86 17.93 1.38 32.35
C GLY B 86 16.67 2.17 32.09
N ASP B 87 16.77 3.50 32.08
CA ASP B 87 15.57 4.35 32.06
C ASP B 87 14.96 4.47 30.67
N VAL B 88 15.57 3.88 29.65
CA VAL B 88 15.11 4.08 28.28
C VAL B 88 13.70 3.51 28.13
N GLY B 89 12.89 4.15 27.30
CA GLY B 89 11.54 3.70 27.10
C GLY B 89 10.65 4.87 26.69
N ILE B 90 9.34 4.62 26.66
CA ILE B 90 8.38 5.68 26.37
C ILE B 90 7.70 6.09 27.67
N TYR B 91 7.60 7.39 27.89
CA TYR B 91 7.07 8.00 29.10
C TYR B 91 5.73 8.65 28.78
N TYR B 92 4.68 8.28 29.51
CA TYR B 92 3.33 8.75 29.25
C TYR B 92 2.82 9.51 30.46
N CYS B 93 2.20 10.65 30.23
CA CYS B 93 1.38 11.22 31.29
C CYS B 93 -0.08 10.78 31.10
N MET B 94 -0.86 10.97 32.15
CA MET B 94 -2.25 10.55 32.09
C MET B 94 -3.03 11.26 33.19
N GLN B 95 -4.13 11.91 32.81
CA GLN B 95 -4.97 12.58 33.79
C GLN B 95 -5.95 11.59 34.41
N ALA B 96 -6.21 11.76 35.71
CA ALA B 96 -7.12 10.90 36.44
C ALA B 96 -8.29 11.70 37.03
N LEU B 97 -8.53 12.89 36.51
CA LEU B 97 -9.68 13.69 36.93
C LEU B 97 -10.98 13.08 36.45
N GLU B 98 -10.94 12.26 35.40
CA GLU B 98 -12.15 11.77 34.74
C GLU B 98 -12.34 10.27 34.89
N ILE B 99 -11.74 9.65 35.91
CA ILE B 99 -11.83 8.20 36.11
C ILE B 99 -13.30 7.84 36.27
N PRO B 100 -13.76 6.65 35.80
CA PRO B 100 -13.06 5.48 35.26
C PRO B 100 -12.31 5.72 33.96
N ARG B 101 -12.65 6.78 33.23
CA ARG B 101 -12.04 7.06 31.94
C ARG B 101 -10.63 7.58 32.11
N LEU B 102 -9.67 6.93 31.45
CA LEU B 102 -8.32 7.42 31.38
C LEU B 102 -8.08 7.96 29.98
N THR B 103 -7.14 8.90 29.87
CA THR B 103 -6.71 9.42 28.57
C THR B 103 -5.21 9.63 28.66
N PHE B 104 -4.46 8.99 27.75
CA PHE B 104 -3.01 9.00 27.79
C PHE B 104 -2.48 10.01 26.77
N GLY B 105 -1.24 10.43 26.99
CA GLY B 105 -0.57 11.22 25.99
C GLY B 105 0.07 10.36 24.93
N GLY B 106 0.50 10.99 23.84
CA GLY B 106 1.18 10.27 22.78
C GLY B 106 2.48 9.63 23.19
N GLY B 107 3.05 10.04 24.31
CA GLY B 107 4.27 9.45 24.80
C GLY B 107 5.50 10.28 24.44
N THR B 108 6.54 10.14 25.26
CA THR B 108 7.86 10.71 25.00
C THR B 108 8.89 9.61 25.06
N LYS B 109 9.71 9.51 24.01
CA LYS B 109 10.72 8.46 23.91
C LYS B 109 12.03 8.97 24.51
N LEU B 110 12.44 8.35 25.63
CA LEU B 110 13.75 8.57 26.19
C LEU B 110 14.73 7.60 25.54
N GLU B 111 15.90 8.13 25.25
CA GLU B 111 16.87 7.67 24.28
C GLU B 111 18.23 8.10 24.79
N ILE B 112 19.21 7.22 24.80
CA ILE B 112 20.56 7.59 25.23
C ILE B 112 21.37 8.20 24.09
N LYS B 113 21.99 9.35 24.38
CA LYS B 113 22.74 10.06 23.37
C LYS B 113 24.19 9.59 23.35
N ARG B 114 24.71 9.50 22.13
CA ARG B 114 25.98 8.91 21.83
C ARG B 114 26.69 9.86 20.88
N THR B 115 28.01 9.70 20.76
CA THR B 115 28.69 10.34 19.65
C THR B 115 28.20 9.73 18.35
N VAL B 116 27.98 10.58 17.36
CA VAL B 116 27.60 10.20 16.01
C VAL B 116 28.48 9.03 15.57
N ALA B 117 27.86 8.05 14.93
CA ALA B 117 28.58 6.90 14.41
C ALA B 117 28.09 6.63 13.00
N ALA B 118 29.02 6.53 12.07
CA ALA B 118 28.65 6.20 10.72
C ALA B 118 28.24 4.73 10.65
N PRO B 119 27.29 4.39 9.80
CA PRO B 119 26.95 2.97 9.62
C PRO B 119 27.97 2.28 8.72
N SER B 120 28.36 1.08 9.12
CA SER B 120 28.98 0.14 8.20
C SER B 120 27.87 -0.45 7.33
N VAL B 121 28.02 -0.34 6.02
CA VAL B 121 26.99 -0.72 5.07
C VAL B 121 27.42 -2.02 4.41
N PHE B 122 26.50 -2.98 4.37
CA PHE B 122 26.70 -4.24 3.68
C PHE B 122 25.53 -4.48 2.75
N ILE B 123 25.78 -5.06 1.58
CA ILE B 123 24.74 -5.53 0.67
C ILE B 123 24.93 -7.02 0.39
N PHE B 124 23.83 -7.75 0.42
CA PHE B 124 23.76 -9.18 0.16
C PHE B 124 22.87 -9.43 -1.05
N PRO B 125 23.33 -10.18 -2.05
CA PRO B 125 22.46 -10.54 -3.16
C PRO B 125 21.49 -11.63 -2.75
N PRO B 126 20.48 -11.94 -3.55
CA PRO B 126 19.59 -13.06 -3.22
C PRO B 126 20.31 -14.40 -3.34
N SER B 127 19.92 -15.33 -2.49
CA SER B 127 20.53 -16.65 -2.50
C SER B 127 20.11 -17.43 -3.74
N ASP B 128 20.89 -18.47 -4.06
CA ASP B 128 20.49 -19.38 -5.13
C ASP B 128 19.21 -20.10 -4.79
N GLU B 129 19.06 -20.54 -3.53
CA GLU B 129 17.85 -21.25 -3.13
C GLU B 129 16.61 -20.37 -3.30
N GLN B 130 16.68 -19.11 -2.88
CA GLN B 130 15.56 -18.22 -3.11
C GLN B 130 15.32 -18.00 -4.59
N LEU B 131 16.39 -17.99 -5.38
CA LEU B 131 16.25 -17.72 -6.80
C LEU B 131 15.51 -18.85 -7.50
N LYS B 132 15.75 -20.10 -7.09
CA LYS B 132 14.87 -21.18 -7.51
C LYS B 132 13.42 -20.89 -7.13
N SER B 133 13.20 -20.41 -5.91
CA SER B 133 11.86 -20.26 -5.36
C SER B 133 10.96 -19.44 -6.27
N GLY B 134 11.53 -18.52 -7.05
CA GLY B 134 10.74 -17.60 -7.84
C GLY B 134 10.66 -16.19 -7.29
N THR B 135 11.31 -15.92 -6.16
CA THR B 135 11.40 -14.58 -5.59
C THR B 135 12.88 -14.18 -5.51
N ALA B 136 13.12 -12.89 -5.28
CA ALA B 136 14.48 -12.39 -5.10
C ALA B 136 14.43 -11.27 -4.08
N SER B 137 15.21 -11.42 -3.01
CA SER B 137 15.33 -10.41 -1.97
C SER B 137 16.78 -9.93 -1.96
N VAL B 138 16.97 -8.64 -2.18
CA VAL B 138 18.28 -8.01 -2.07
C VAL B 138 18.27 -7.17 -0.80
N VAL B 139 19.25 -7.40 0.08
CA VAL B 139 19.20 -6.89 1.44
C VAL B 139 20.39 -5.96 1.70
N CYS B 140 20.11 -4.83 2.33
CA CYS B 140 21.12 -3.85 2.69
C CYS B 140 21.14 -3.70 4.20
N LEU B 141 22.34 -3.79 4.78
CA LEU B 141 22.52 -3.72 6.23
C LEU B 141 23.29 -2.45 6.57
N LEU B 142 22.72 -1.63 7.45
CA LEU B 142 23.40 -0.51 8.10
C LEU B 142 23.62 -0.91 9.56
N ASN B 143 24.86 -1.10 9.96
CA ASN B 143 25.16 -1.65 11.27
C ASN B 143 25.86 -0.61 12.14
N ASN B 144 25.36 -0.43 13.37
CA ASN B 144 26.04 0.29 14.44
C ASN B 144 26.24 1.78 14.10
N PHE B 145 25.15 2.48 13.89
CA PHE B 145 25.21 3.91 13.61
C PHE B 145 24.45 4.68 14.68
N TYR B 146 24.65 6.01 14.68
CA TYR B 146 23.88 6.87 15.54
C TYR B 146 24.09 8.29 15.00
N PRO B 147 23.06 9.17 15.00
CA PRO B 147 21.67 8.93 15.43
C PRO B 147 20.89 8.04 14.48
N ARG B 148 19.64 7.77 14.85
CA ARG B 148 18.83 6.77 14.16
C ARG B 148 18.49 7.19 12.74
N GLU B 149 18.32 8.48 12.49
CA GLU B 149 17.86 8.94 11.18
C GLU B 149 18.87 8.56 10.11
N ALA B 150 18.36 7.92 9.06
CA ALA B 150 19.19 7.44 7.96
C ALA B 150 18.30 7.30 6.74
N LYS B 151 18.89 7.44 5.57
CA LYS B 151 18.16 7.33 4.31
C LYS B 151 18.81 6.22 3.51
N VAL B 152 17.99 5.31 2.98
CA VAL B 152 18.50 4.20 2.20
C VAL B 152 17.95 4.36 0.80
N GLN B 153 18.83 4.38 -0.19
CA GLN B 153 18.45 4.65 -1.57
C GLN B 153 18.85 3.48 -2.45
N TRP B 154 17.87 2.88 -3.11
CA TRP B 154 18.08 1.74 -3.97
C TRP B 154 18.15 2.21 -5.42
N LYS B 155 19.18 1.79 -6.15
CA LYS B 155 19.19 2.04 -7.57
C LYS B 155 19.40 0.70 -8.27
N VAL B 156 18.49 0.34 -9.18
CA VAL B 156 18.52 -0.90 -9.95
C VAL B 156 18.82 -0.52 -11.39
N ASP B 157 20.02 -0.85 -11.87
CA ASP B 157 20.56 -0.31 -13.12
C ASP B 157 20.57 1.22 -13.07
N ASN B 158 21.01 1.78 -11.95
CA ASN B 158 21.10 3.21 -11.67
C ASN B 158 19.75 3.90 -11.62
N ALA B 159 18.65 3.16 -11.73
CA ALA B 159 17.31 3.74 -11.65
C ALA B 159 16.80 3.75 -10.21
N LEU B 160 16.18 4.87 -9.84
CA LEU B 160 15.66 5.04 -8.47
C LEU B 160 14.43 4.18 -8.26
N GLN B 161 14.35 3.54 -7.09
CA GLN B 161 13.27 2.63 -6.78
C GLN B 161 12.38 3.22 -5.68
N SER B 162 11.07 3.00 -5.82
CA SER B 162 10.10 3.41 -4.83
C SER B 162 8.99 2.38 -4.71
N GLY B 163 8.65 2.04 -3.47
CA GLY B 163 7.53 1.18 -3.18
C GLY B 163 7.78 -0.30 -3.30
N ASN B 164 9.04 -0.72 -3.43
CA ASN B 164 9.40 -2.13 -3.51
C ASN B 164 10.40 -2.52 -2.43
N SER B 165 10.59 -1.69 -1.41
CA SER B 165 11.53 -1.95 -0.34
C SER B 165 10.87 -1.71 1.01
N GLN B 166 11.25 -2.52 1.99
CA GLN B 166 10.86 -2.31 3.37
C GLN B 166 12.09 -2.27 4.24
N GLU B 167 12.01 -1.55 5.36
CA GLU B 167 13.12 -1.46 6.28
C GLU B 167 12.64 -1.65 7.72
N SER B 168 13.46 -2.29 8.54
CA SER B 168 13.21 -2.33 9.98
C SER B 168 14.50 -2.04 10.73
N VAL B 169 14.34 -1.36 11.85
CA VAL B 169 15.46 -0.89 12.65
C VAL B 169 15.45 -1.62 14.00
N THR B 170 16.59 -2.11 14.44
CA THR B 170 16.68 -2.59 15.79
C THR B 170 16.36 -1.43 16.74
N GLU B 171 15.78 -1.70 17.89
CA GLU B 171 15.69 -0.70 18.93
C GLU B 171 17.04 -0.63 19.69
N GLN B 172 17.30 0.47 20.41
CA GLN B 172 18.67 0.85 20.66
C GLN B 172 19.51 -0.19 21.40
N ASP B 173 20.78 -0.31 21.01
CA ASP B 173 21.65 -1.30 21.62
C ASP B 173 22.03 -0.91 23.05
N SER B 174 22.12 -1.92 23.94
CA SER B 174 22.30 -1.60 25.35
C SER B 174 23.74 -1.24 25.69
N LYS B 175 24.70 -1.80 24.96
CA LYS B 175 26.12 -1.56 25.22
C LYS B 175 26.63 -0.30 24.51
N ASP B 176 26.55 -0.29 23.18
CA ASP B 176 27.13 0.81 22.42
C ASP B 176 26.14 1.93 22.11
N SER B 177 24.85 1.75 22.41
CA SER B 177 23.80 2.75 22.19
C SER B 177 23.58 3.07 20.72
N THR B 178 24.04 2.23 19.81
CA THR B 178 23.75 2.43 18.39
C THR B 178 22.51 1.64 17.95
N TYR B 179 22.13 1.88 16.69
CA TYR B 179 21.07 1.18 15.99
C TYR B 179 21.63 0.42 14.82
N SER B 180 20.80 -0.49 14.31
CA SER B 180 21.09 -1.21 13.08
C SER B 180 19.83 -1.27 12.24
N LEU B 181 19.99 -1.21 10.93
CA LEU B 181 18.87 -1.13 10.02
C LEU B 181 19.05 -2.12 8.88
N SER B 182 17.97 -2.85 8.58
CA SER B 182 17.92 -3.71 7.40
C SER B 182 16.96 -3.08 6.41
N SER B 183 17.32 -3.14 5.14
CA SER B 183 16.43 -2.72 4.06
C SER B 183 16.44 -3.81 3.00
N THR B 184 15.26 -4.35 2.69
CA THR B 184 15.09 -5.47 1.78
C THR B 184 14.37 -5.00 0.54
N LEU B 185 15.02 -5.16 -0.61
CA LEU B 185 14.37 -4.92 -1.89
C LEU B 185 13.78 -6.23 -2.39
N THR B 186 12.47 -6.26 -2.53
CA THR B 186 11.77 -7.46 -2.96
C THR B 186 11.38 -7.30 -4.43
N LEU B 187 11.97 -8.14 -5.27
CA LEU B 187 11.64 -8.23 -6.68
C LEU B 187 11.26 -9.67 -6.97
N SER B 188 10.80 -9.93 -8.17
CA SER B 188 10.48 -11.30 -8.55
C SER B 188 11.58 -11.80 -9.48
N LYS B 189 11.62 -13.12 -9.68
CA LYS B 189 12.80 -13.69 -10.35
C LYS B 189 12.98 -13.13 -11.76
N ALA B 190 11.87 -12.87 -12.46
CA ALA B 190 11.95 -12.31 -13.80
C ALA B 190 12.55 -10.90 -13.77
N ASP B 191 12.10 -10.06 -12.84
CA ASP B 191 12.63 -8.71 -12.75
C ASP B 191 14.06 -8.68 -12.21
N TYR B 192 14.44 -9.66 -11.38
CA TYR B 192 15.82 -9.69 -10.92
C TYR B 192 16.77 -9.97 -12.07
N GLU B 193 16.38 -10.83 -12.99
CA GLU B 193 17.26 -11.24 -14.08
C GLU B 193 17.32 -10.22 -15.21
N LYS B 194 16.43 -9.23 -15.23
CA LYS B 194 16.44 -8.23 -16.30
C LYS B 194 17.48 -7.14 -16.10
N HIS B 195 18.04 -7.02 -14.90
CA HIS B 195 18.93 -5.93 -14.56
C HIS B 195 20.21 -6.50 -13.99
N LYS B 196 21.26 -5.67 -13.99
CA LYS B 196 22.58 -6.17 -13.64
C LYS B 196 23.18 -5.49 -12.41
N VAL B 197 23.18 -4.16 -12.36
CA VAL B 197 23.73 -3.45 -11.21
C VAL B 197 22.64 -3.25 -10.17
N TYR B 198 22.91 -3.67 -8.94
CA TYR B 198 22.03 -3.46 -7.80
C TYR B 198 22.82 -2.70 -6.74
N ALA B 199 22.39 -1.48 -6.44
CA ALA B 199 23.13 -0.57 -5.58
C ALA B 199 22.31 -0.13 -4.39
N CYS B 200 22.98 0.05 -3.26
CA CYS B 200 22.38 0.55 -2.03
C CYS B 200 23.13 1.82 -1.63
N GLU B 201 22.45 2.96 -1.66
CA GLU B 201 23.06 4.23 -1.29
C GLU B 201 22.52 4.66 0.06
N VAL B 202 23.44 5.04 0.96
CA VAL B 202 23.12 5.30 2.36
C VAL B 202 23.48 6.74 2.68
N THR B 203 22.56 7.46 3.32
CA THR B 203 22.76 8.83 3.75
C THR B 203 22.62 8.90 5.27
N HIS B 204 23.56 9.59 5.92
CA HIS B 204 23.57 9.60 7.37
C HIS B 204 24.44 10.75 7.87
N GLN B 205 24.12 11.20 9.09
CA GLN B 205 24.84 12.34 9.68
C GLN B 205 26.35 12.10 9.74
N GLY B 206 26.78 10.86 9.94
CA GLY B 206 28.19 10.54 10.09
C GLY B 206 28.94 10.19 8.83
N LEU B 207 28.31 10.35 7.66
CA LEU B 207 28.95 10.07 6.38
C LEU B 207 29.24 11.39 5.69
N SER B 208 30.51 11.63 5.36
CA SER B 208 30.86 12.88 4.67
C SER B 208 30.23 12.94 3.29
N SER B 209 29.98 11.79 2.67
CA SER B 209 29.29 11.67 1.40
C SER B 209 28.51 10.36 1.41
N PRO B 210 27.40 10.27 0.69
CA PRO B 210 26.61 9.03 0.72
C PRO B 210 27.46 7.84 0.30
N VAL B 211 27.19 6.69 0.93
CA VAL B 211 27.97 5.47 0.74
C VAL B 211 27.13 4.49 -0.08
N THR B 212 27.67 4.06 -1.22
CA THR B 212 27.02 3.09 -2.08
C THR B 212 27.81 1.79 -2.07
N LYS B 213 27.15 0.71 -1.67
CA LYS B 213 27.62 -0.66 -1.91
C LYS B 213 26.76 -1.26 -3.00
N SER B 214 27.38 -2.04 -3.89
CA SER B 214 26.66 -2.55 -5.05
C SER B 214 27.25 -3.90 -5.47
N PHE B 215 26.57 -4.53 -6.43
CA PHE B 215 27.04 -5.79 -7.00
C PHE B 215 26.45 -5.97 -8.40
N ASN B 216 26.99 -6.94 -9.12
CA ASN B 216 26.47 -7.40 -10.39
C ASN B 216 25.98 -8.84 -10.24
N ARG B 217 24.85 -9.14 -10.88
CA ARG B 217 24.26 -10.49 -10.80
C ARG B 217 25.29 -11.59 -11.02
N GLY B 218 25.94 -11.59 -12.18
CA GLY B 218 26.81 -12.70 -12.54
C GLY B 218 27.86 -13.00 -11.47
N GLU B 219 28.61 -11.98 -11.07
CA GLU B 219 29.67 -12.17 -10.08
C GLU B 219 29.12 -12.45 -8.69
N TRP C 37 -21.63 -1.82 58.45
CA TRP C 37 -20.18 -1.97 58.56
C TRP C 37 -19.70 -3.17 57.75
N HIS C 38 -20.33 -4.32 57.98
CA HIS C 38 -20.08 -5.48 57.13
C HIS C 38 -20.49 -5.11 55.71
N ILE C 39 -19.55 -5.29 54.78
CA ILE C 39 -19.74 -4.73 53.46
C ILE C 39 -20.90 -5.44 52.78
N ASN C 40 -21.09 -6.73 53.10
CA ASN C 40 -22.16 -7.56 52.51
C ASN C 40 -23.57 -7.09 52.87
N ARG C 41 -23.73 -6.27 53.91
CA ARG C 41 -25.05 -5.74 54.26
C ARG C 41 -25.32 -4.39 53.61
N THR C 42 -24.57 -4.03 52.59
CA THR C 42 -24.78 -2.78 51.87
C THR C 42 -25.66 -3.02 50.66
N ALA C 43 -26.74 -2.26 50.55
CA ALA C 43 -27.53 -2.31 49.33
C ALA C 43 -26.72 -1.66 48.23
N LEU C 44 -26.52 -2.40 47.14
CA LEU C 44 -25.46 -1.98 46.25
C LEU C 44 -25.94 -2.10 44.80
N ASN C 45 -27.27 -2.02 44.60
CA ASN C 45 -27.93 -2.11 43.29
C ASN C 45 -27.82 -0.76 42.58
N CYS C 46 -26.69 -0.55 41.93
CA CYS C 46 -26.41 0.74 41.29
C CYS C 46 -26.50 0.61 39.78
N ASN C 47 -27.13 1.62 39.15
CA ASN C 47 -27.59 1.56 37.77
C ASN C 47 -27.32 2.92 37.15
N ASP C 48 -26.26 3.02 36.34
CA ASP C 48 -25.91 4.31 35.74
C ASP C 48 -26.54 4.47 34.36
N SER C 49 -27.85 4.29 34.29
CA SER C 49 -28.54 4.35 32.99
C SER C 49 -28.41 5.73 32.36
N LEU C 50 -28.36 6.79 33.18
CA LEU C 50 -28.25 8.15 32.68
C LEU C 50 -26.81 8.56 32.39
N HIS C 51 -25.83 7.77 32.83
CA HIS C 51 -24.41 8.03 32.58
C HIS C 51 -23.96 9.32 33.27
N THR C 52 -24.51 9.58 34.46
CA THR C 52 -24.05 10.72 35.24
C THR C 52 -22.71 10.45 35.91
N GLY C 53 -22.29 9.19 36.00
CA GLY C 53 -21.00 8.84 36.56
C GLY C 53 -20.91 8.94 38.06
N PHE C 54 -22.01 8.74 38.77
CA PHE C 54 -22.00 8.92 40.22
C PHE C 54 -21.33 7.76 40.95
N LEU C 55 -21.15 6.60 40.30
CA LEU C 55 -20.57 5.45 41.00
C LEU C 55 -19.13 5.69 41.43
N ALA C 56 -18.35 6.44 40.64
CA ALA C 56 -16.96 6.66 41.01
C ALA C 56 -16.84 7.27 42.40
N ALA C 57 -17.80 8.11 42.79
CA ALA C 57 -17.75 8.76 44.09
C ALA C 57 -17.78 7.76 45.24
N LEU C 58 -18.38 6.59 45.02
CA LEU C 58 -18.38 5.55 46.03
C LEU C 58 -16.95 5.14 46.39
N PHE C 59 -16.04 5.20 45.42
CA PHE C 59 -14.68 4.71 45.61
C PHE C 59 -13.66 5.81 45.85
N TYR C 60 -13.87 7.00 45.29
CA TYR C 60 -12.81 7.98 45.21
C TYR C 60 -13.27 9.33 45.74
N THR C 61 -12.36 10.01 46.44
CA THR C 61 -12.69 11.22 47.18
C THR C 61 -12.92 12.42 46.27
N HIS C 62 -12.30 12.44 45.09
CA HIS C 62 -12.38 13.58 44.19
C HIS C 62 -13.45 13.45 43.11
N LYS C 63 -14.31 12.44 43.18
CA LYS C 63 -15.25 12.18 42.11
C LYS C 63 -16.70 12.45 42.51
N PHE C 64 -16.92 13.50 43.29
CA PHE C 64 -18.27 14.00 43.55
C PHE C 64 -18.54 15.17 42.60
N ASN C 65 -19.76 15.25 42.10
CA ASN C 65 -20.11 16.20 41.05
C ASN C 65 -20.77 17.41 41.70
N ALA C 66 -19.99 18.48 41.85
CA ALA C 66 -20.49 19.75 42.35
C ALA C 66 -20.81 20.73 41.22
N SER C 67 -21.12 20.21 40.04
CA SER C 67 -21.46 21.06 38.91
C SER C 67 -22.92 21.48 39.00
N GLY C 68 -23.17 22.74 38.68
CA GLY C 68 -24.53 23.13 38.95
C GLY C 68 -24.79 23.49 40.40
N CYS C 69 -23.78 23.47 41.26
CA CYS C 69 -24.05 23.74 42.68
C CYS C 69 -24.19 25.23 42.99
N PRO C 70 -23.33 26.14 42.51
CA PRO C 70 -23.50 27.57 42.84
C PRO C 70 -24.90 28.13 42.58
N GLU C 71 -25.45 27.89 41.38
CA GLU C 71 -26.81 28.32 41.07
C GLU C 71 -27.95 27.64 41.86
N ARG C 72 -27.88 26.33 42.15
CA ARG C 72 -28.96 25.70 42.85
C ARG C 72 -28.95 26.06 44.32
N MET C 73 -27.77 26.07 44.95
CA MET C 73 -27.69 26.50 46.34
C MET C 73 -28.16 27.94 46.52
N ALA C 74 -28.35 28.68 45.44
CA ALA C 74 -28.96 30.00 45.53
C ALA C 74 -30.47 29.91 45.70
N HIS C 75 -31.11 28.86 45.19
CA HIS C 75 -32.53 28.67 45.45
C HIS C 75 -32.81 28.72 46.95
N CYS C 76 -31.92 28.16 47.76
CA CYS C 76 -32.19 28.03 49.18
C CYS C 76 -32.38 29.41 49.81
N ARG C 77 -33.36 29.50 50.64
CA ARG C 77 -33.66 30.71 51.37
C ARG C 77 -32.92 30.69 52.70
N PRO C 78 -32.19 31.76 53.05
CA PRO C 78 -31.72 31.90 54.43
C PRO C 78 -32.90 32.07 55.37
N ILE C 79 -32.70 31.67 56.62
CA ILE C 79 -33.82 31.66 57.58
C ILE C 79 -34.39 33.06 57.78
N ASP C 80 -33.58 34.09 57.55
CA ASP C 80 -34.00 35.47 57.71
C ASP C 80 -35.32 35.77 57.00
N GLU C 81 -35.53 35.14 55.84
CA GLU C 81 -36.65 35.48 54.97
C GLU C 81 -37.95 34.81 55.37
N PHE C 82 -37.92 33.82 56.24
CA PHE C 82 -39.15 33.15 56.66
C PHE C 82 -39.86 33.97 57.73
N ALA C 83 -41.13 33.63 57.95
CA ALA C 83 -41.93 34.35 58.93
C ALA C 83 -41.59 33.89 60.34
N GLN C 84 -41.97 34.72 61.29
CA GLN C 84 -41.68 34.47 62.70
C GLN C 84 -42.65 33.45 63.27
N GLY C 85 -42.12 32.41 63.89
CA GLY C 85 -42.97 31.43 64.55
C GLY C 85 -43.63 32.00 65.79
N TRP C 86 -44.70 31.33 66.21
CA TRP C 86 -45.42 31.71 67.43
C TRP C 86 -46.34 30.57 67.81
N GLY C 87 -46.58 30.43 69.11
CA GLY C 87 -47.49 29.44 69.63
C GLY C 87 -46.82 28.10 69.82
N PRO C 88 -47.60 27.06 70.15
CA PRO C 88 -47.01 25.74 70.38
C PRO C 88 -46.72 24.97 69.09
N ILE C 89 -45.62 24.22 69.13
CA ILE C 89 -45.17 23.43 67.99
C ILE C 89 -46.08 22.23 67.82
N THR C 90 -46.58 22.02 66.60
CA THR C 90 -47.23 20.78 66.21
C THR C 90 -46.44 20.14 65.08
N TYR C 91 -46.52 18.82 64.97
CA TYR C 91 -45.81 18.12 63.91
C TYR C 91 -46.62 18.15 62.63
N ALA C 92 -45.96 18.49 61.53
CA ALA C 92 -46.64 18.66 60.24
C ALA C 92 -47.03 17.32 59.64
N GLU C 93 -48.17 17.31 58.95
CA GLU C 93 -48.71 16.09 58.35
C GLU C 93 -48.42 15.94 56.87
N GLY C 94 -47.98 17.01 56.20
CA GLY C 94 -47.83 16.99 54.76
C GLY C 94 -46.55 16.30 54.29
N HIS C 95 -46.45 16.20 52.94
CA HIS C 95 -45.27 15.75 52.22
C HIS C 95 -45.11 16.69 51.02
N GLY C 96 -44.67 17.91 51.27
CA GLY C 96 -44.59 18.89 50.20
C GLY C 96 -43.59 18.49 49.13
N SER C 97 -43.88 18.90 47.89
CA SER C 97 -43.13 18.43 46.72
C SER C 97 -42.04 19.44 46.37
N ASP C 98 -40.79 19.07 46.65
CA ASP C 98 -39.63 19.84 46.21
C ASP C 98 -38.62 18.93 45.52
N GLN C 99 -38.33 17.78 46.15
CA GLN C 99 -37.35 16.81 45.67
C GLN C 99 -35.95 17.40 45.58
N ARG C 100 -35.72 18.55 46.21
CA ARG C 100 -34.42 19.22 46.27
C ARG C 100 -33.84 19.09 47.67
N PRO C 101 -33.27 17.93 48.02
CA PRO C 101 -32.82 17.72 49.40
C PRO C 101 -31.61 18.56 49.76
N TYR C 102 -31.08 19.35 48.83
CA TYR C 102 -29.85 20.07 49.09
C TYR C 102 -30.06 21.32 49.94
N CYS C 103 -31.29 21.84 50.00
CA CYS C 103 -31.59 22.94 50.91
C CYS C 103 -31.75 22.44 52.34
N TRP C 104 -31.34 23.28 53.29
CA TRP C 104 -31.54 22.98 54.70
C TRP C 104 -33.02 22.95 55.09
N HIS C 105 -33.85 23.75 54.42
CA HIS C 105 -35.25 23.88 54.80
C HIS C 105 -36.15 22.89 54.07
N TYR C 106 -35.58 21.81 53.55
CA TYR C 106 -36.33 20.81 52.82
C TYR C 106 -37.04 19.89 53.81
N ALA C 107 -38.37 19.89 53.78
CA ALA C 107 -39.19 19.04 54.63
C ALA C 107 -39.20 17.61 54.13
N PRO C 108 -38.57 16.68 54.84
CA PRO C 108 -38.43 15.32 54.32
C PRO C 108 -39.68 14.46 54.52
N ARG C 109 -39.73 13.39 53.73
CA ARG C 109 -40.77 12.37 53.86
C ARG C 109 -40.53 11.60 55.14
N GLN C 110 -41.57 11.04 55.71
CA GLN C 110 -41.30 10.26 56.91
C GLN C 110 -40.68 8.92 56.54
N CYS C 111 -39.85 8.42 57.44
CA CYS C 111 -39.04 7.26 57.15
C CYS C 111 -39.87 5.99 57.18
N GLY C 112 -39.66 5.14 56.19
CA GLY C 112 -40.35 3.86 56.18
C GLY C 112 -39.41 2.73 55.85
N THR C 113 -39.97 1.61 55.44
CA THR C 113 -39.21 0.47 54.96
C THR C 113 -39.10 0.60 53.45
N ILE C 114 -37.88 0.68 52.93
CA ILE C 114 -37.72 0.82 51.49
C ILE C 114 -36.98 -0.42 50.99
N PRO C 115 -37.32 -0.94 49.81
CA PRO C 115 -36.64 -2.15 49.33
C PRO C 115 -35.23 -1.84 48.87
N ALA C 116 -34.33 -2.79 49.16
CA ALA C 116 -32.91 -2.67 48.84
C ALA C 116 -32.66 -2.36 47.37
N SER C 117 -33.59 -2.71 46.48
CA SER C 117 -33.37 -2.49 45.06
C SER C 117 -33.40 -1.02 44.69
N GLN C 118 -33.79 -0.13 45.60
CA GLN C 118 -33.82 1.30 45.33
C GLN C 118 -32.61 2.03 45.90
N VAL C 119 -31.59 1.31 46.35
CA VAL C 119 -30.53 1.91 47.15
C VAL C 119 -29.17 1.58 46.57
N CYS C 120 -28.29 2.58 46.58
CA CYS C 120 -26.92 2.44 46.08
C CYS C 120 -25.96 2.93 47.16
N GLY C 121 -25.19 2.02 47.73
CA GLY C 121 -24.24 2.39 48.74
C GLY C 121 -24.84 2.49 50.13
N PRO C 122 -24.05 2.97 51.08
CA PRO C 122 -24.52 3.00 52.47
C PRO C 122 -25.64 4.00 52.70
N VAL C 123 -26.56 3.60 53.57
CA VAL C 123 -27.62 4.46 54.09
C VAL C 123 -27.15 4.99 55.43
N TYR C 124 -27.15 6.31 55.59
CA TYR C 124 -26.72 6.96 56.81
C TYR C 124 -27.95 7.50 57.51
N CYS C 125 -28.11 7.15 58.77
CA CYS C 125 -29.09 7.80 59.63
C CYS C 125 -28.34 8.60 60.67
N PHE C 126 -29.02 9.58 61.23
CA PHE C 126 -28.38 10.61 62.05
C PHE C 126 -29.07 10.66 63.39
N THR C 127 -28.29 10.47 64.45
CA THR C 127 -28.87 10.22 65.76
C THR C 127 -28.59 11.27 66.84
N PRO C 128 -27.92 12.41 66.58
CA PRO C 128 -27.32 13.11 65.43
C PRO C 128 -26.14 12.40 64.82
N SER C 129 -25.42 11.62 65.62
CA SER C 129 -24.19 11.00 65.16
C SER C 129 -24.47 10.13 63.94
N PRO C 130 -23.59 10.11 62.94
CA PRO C 130 -23.84 9.28 61.76
C PRO C 130 -23.70 7.79 62.09
N VAL C 131 -24.60 7.01 61.50
CA VAL C 131 -24.77 5.57 61.72
C VAL C 131 -25.21 4.94 60.42
N VAL C 132 -24.69 3.74 60.13
CA VAL C 132 -25.04 3.03 58.90
C VAL C 132 -26.07 1.95 59.24
N VAL C 133 -27.18 1.97 58.52
CA VAL C 133 -28.22 0.95 58.66
C VAL C 133 -28.00 -0.11 57.59
N GLY C 134 -27.93 -1.35 58.01
CA GLY C 134 -27.63 -2.43 57.09
C GLY C 134 -28.87 -3.05 56.51
N THR C 135 -28.68 -3.78 55.43
CA THR C 135 -29.79 -4.46 54.79
C THR C 135 -30.26 -5.61 55.67
N THR C 136 -31.57 -5.89 55.62
CA THR C 136 -32.19 -6.75 56.61
C THR C 136 -33.47 -7.34 56.03
N ASP C 137 -34.12 -8.21 56.81
CA ASP C 137 -35.44 -8.71 56.45
C ASP C 137 -36.53 -7.84 57.11
N ARG C 138 -37.79 -8.14 56.81
CA ARG C 138 -38.87 -7.30 57.31
C ARG C 138 -38.93 -7.29 58.84
N PHE C 139 -38.25 -8.23 59.50
CA PHE C 139 -38.24 -8.31 60.95
C PHE C 139 -37.05 -7.61 61.59
N GLY C 140 -35.97 -7.40 60.85
CA GLY C 140 -34.78 -6.80 61.40
C GLY C 140 -33.62 -7.76 61.57
N ALA C 141 -33.75 -9.01 61.14
CA ALA C 141 -32.61 -9.91 61.15
C ALA C 141 -31.68 -9.57 59.99
N PRO C 142 -30.38 -9.43 60.24
CA PRO C 142 -29.47 -9.04 59.16
C PRO C 142 -29.44 -10.06 58.03
N THR C 143 -29.38 -9.54 56.80
CA THR C 143 -29.16 -10.31 55.59
C THR C 143 -27.87 -9.82 54.93
N TYR C 144 -27.28 -10.69 54.12
CA TYR C 144 -25.91 -10.48 53.64
C TYR C 144 -25.81 -10.70 52.14
N THR C 145 -26.86 -10.31 51.41
CA THR C 145 -26.96 -10.57 49.98
C THR C 145 -26.95 -9.28 49.17
N TRP C 146 -26.13 -8.31 49.59
CA TRP C 146 -25.86 -7.09 48.82
C TRP C 146 -27.12 -6.32 48.46
N GLY C 147 -28.24 -6.65 49.10
CA GLY C 147 -29.50 -6.09 48.68
C GLY C 147 -30.02 -6.60 47.36
N GLU C 148 -29.43 -7.69 46.83
CA GLU C 148 -29.80 -8.21 45.52
C GLU C 148 -31.08 -9.01 45.53
N ASN C 149 -31.67 -9.24 46.70
CA ASN C 149 -32.90 -10.00 46.80
C ASN C 149 -34.09 -9.07 47.02
N GLU C 150 -35.29 -9.62 46.82
CA GLU C 150 -36.53 -8.90 47.10
C GLU C 150 -36.87 -8.88 48.58
N THR C 151 -36.41 -9.86 49.37
CA THR C 151 -36.60 -9.77 50.82
C THR C 151 -35.73 -8.70 51.44
N ASP C 152 -34.64 -8.29 50.78
CA ASP C 152 -33.73 -7.33 51.36
C ASP C 152 -34.39 -5.96 51.46
N VAL C 153 -34.51 -5.44 52.68
CA VAL C 153 -35.13 -4.14 52.93
C VAL C 153 -34.20 -3.33 53.81
N LEU C 154 -34.46 -2.02 53.84
CA LEU C 154 -33.77 -1.09 54.75
C LEU C 154 -34.84 -0.48 55.63
N ILE C 155 -34.94 -0.95 56.87
CA ILE C 155 -36.04 -0.49 57.73
C ILE C 155 -35.55 0.79 58.41
N LEU C 156 -36.01 1.92 57.90
CA LEU C 156 -35.56 3.21 58.40
C LEU C 156 -36.59 3.88 59.31
N ASN C 157 -37.71 3.21 59.60
CA ASN C 157 -38.79 3.80 60.40
C ASN C 157 -38.23 4.50 61.61
N ASN C 158 -38.43 5.82 61.67
CA ASN C 158 -37.75 6.66 62.66
C ASN C 158 -38.72 7.13 63.73
N THR C 159 -38.29 7.01 64.97
CA THR C 159 -38.88 7.69 66.11
C THR C 159 -37.75 8.51 66.73
N ARG C 160 -37.99 9.80 66.93
CA ARG C 160 -36.89 10.67 67.35
C ARG C 160 -36.35 10.23 68.70
N PRO C 161 -35.03 10.20 68.86
CA PRO C 161 -34.43 10.06 70.20
C PRO C 161 -34.90 11.16 71.14
N PRO C 162 -34.69 11.02 72.45
CA PRO C 162 -33.90 10.01 73.18
C PRO C 162 -34.51 8.61 73.23
N GLN C 163 -35.83 8.49 73.22
CA GLN C 163 -36.44 7.17 73.25
C GLN C 163 -36.22 6.43 71.93
N GLY C 164 -36.25 7.14 70.82
CA GLY C 164 -36.24 6.53 69.51
C GLY C 164 -34.84 6.17 69.03
N ASN C 165 -34.77 5.86 67.73
CA ASN C 165 -33.51 5.42 67.13
C ASN C 165 -32.73 6.58 66.52
N TRP C 166 -33.29 7.26 65.52
CA TRP C 166 -32.59 8.36 64.85
C TRP C 166 -33.58 9.43 64.41
N PHE C 167 -33.03 10.53 63.87
CA PHE C 167 -33.81 11.69 63.44
C PHE C 167 -34.14 11.68 61.95
N GLY C 168 -33.35 10.98 61.14
CA GLY C 168 -33.55 10.99 59.71
C GLY C 168 -32.44 10.19 59.05
N CYS C 169 -32.61 9.94 57.77
CA CYS C 169 -31.61 9.18 57.03
C CYS C 169 -31.43 9.78 55.64
N THR C 170 -30.28 9.46 55.03
CA THR C 170 -29.94 9.88 53.68
C THR C 170 -29.24 8.74 52.96
N TRP C 171 -29.44 8.68 51.64
CA TRP C 171 -28.89 7.60 50.84
C TRP C 171 -29.07 7.97 49.36
N MET C 172 -28.39 7.19 48.51
CA MET C 172 -28.38 7.41 47.07
C MET C 172 -29.27 6.35 46.44
N ASN C 173 -30.17 6.78 45.56
CA ASN C 173 -31.03 5.75 44.99
C ASN C 173 -30.30 5.13 43.80
N SER C 174 -30.92 4.14 43.17
CA SER C 174 -30.18 3.28 42.26
C SER C 174 -29.76 3.99 40.97
N THR C 175 -30.33 5.14 40.65
CA THR C 175 -29.96 5.87 39.43
C THR C 175 -29.23 7.17 39.71
N GLY C 176 -28.81 7.40 40.95
CA GLY C 176 -27.92 8.49 41.27
C GLY C 176 -28.52 9.72 41.92
N PHE C 177 -29.68 9.60 42.56
CA PHE C 177 -30.31 10.74 43.20
C PHE C 177 -30.22 10.60 44.71
N THR C 178 -29.95 11.71 45.40
CA THR C 178 -29.97 11.70 46.85
C THR C 178 -31.40 11.56 47.36
N LYS C 179 -31.62 10.66 48.30
CA LYS C 179 -32.90 10.50 48.96
C LYS C 179 -32.74 10.71 50.46
N THR C 180 -33.76 11.29 51.07
CA THR C 180 -33.71 11.56 52.51
C THR C 180 -35.10 11.44 53.10
N CYS C 181 -35.17 10.95 54.32
CA CYS C 181 -36.40 10.87 55.08
C CYS C 181 -36.13 11.23 56.53
N GLY C 182 -37.18 11.62 57.23
CA GLY C 182 -37.09 11.81 58.66
C GLY C 182 -38.19 12.73 59.15
N GLY C 183 -38.18 12.95 60.45
CA GLY C 183 -39.11 13.86 61.08
C GLY C 183 -40.19 13.14 61.85
N PRO C 184 -41.45 13.61 61.73
CA PRO C 184 -41.95 14.70 60.89
C PRO C 184 -41.43 16.09 61.26
N PRO C 185 -41.30 16.97 60.27
CA PRO C 185 -40.92 18.36 60.56
C PRO C 185 -41.98 19.10 61.37
N CYS C 186 -41.68 20.33 61.78
CA CYS C 186 -42.50 21.05 62.74
C CYS C 186 -43.32 22.16 62.08
N ASN C 187 -44.55 22.32 62.57
CA ASN C 187 -45.31 23.56 62.40
C ASN C 187 -44.82 24.56 63.43
N ILE C 188 -44.18 25.64 63.00
CA ILE C 188 -43.66 26.60 63.97
C ILE C 188 -44.60 27.77 64.16
N GLY C 189 -45.69 27.83 63.41
CA GLY C 189 -46.50 29.03 63.36
C GLY C 189 -46.08 29.95 62.24
N GLY C 190 -46.53 31.19 62.33
CA GLY C 190 -46.29 32.17 61.30
C GLY C 190 -47.57 32.50 60.52
N VAL C 191 -47.51 33.60 59.78
CA VAL C 191 -48.60 34.05 58.92
C VAL C 191 -48.00 34.53 57.60
N GLY C 192 -48.49 34.00 56.48
CA GLY C 192 -48.28 34.65 55.20
C GLY C 192 -47.68 33.73 54.15
N ASN C 193 -47.43 34.34 52.98
CA ASN C 193 -46.64 33.78 51.87
C ASN C 193 -45.49 32.88 52.36
N ASN C 194 -44.70 33.38 53.30
CA ASN C 194 -43.56 32.66 53.86
C ASN C 194 -43.93 32.15 55.25
N THR C 195 -43.65 30.87 55.47
CA THR C 195 -43.96 30.21 56.73
C THR C 195 -43.11 28.97 56.76
N LEU C 196 -42.40 28.75 57.85
CA LEU C 196 -41.35 27.75 57.90
C LEU C 196 -41.90 26.45 58.47
N THR C 197 -41.78 25.38 57.71
CA THR C 197 -42.00 24.02 58.22
C THR C 197 -40.62 23.50 58.56
N CYS C 198 -40.25 23.66 59.81
CA CYS C 198 -38.85 23.60 60.21
C CYS C 198 -38.38 22.15 60.31
N PRO C 199 -37.28 21.77 59.64
CA PRO C 199 -36.78 20.39 59.77
C PRO C 199 -35.46 20.33 60.52
N THR C 200 -35.10 21.42 61.17
CA THR C 200 -33.79 21.51 61.79
C THR C 200 -33.94 22.29 63.08
N ASP C 201 -32.84 22.83 63.58
CA ASP C 201 -32.90 23.81 64.65
C ASP C 201 -33.29 25.15 64.04
N CYS C 202 -34.40 25.71 64.49
CA CYS C 202 -34.88 27.01 64.02
C CYS C 202 -35.12 27.95 65.19
N PHE C 203 -34.14 28.02 66.11
CA PHE C 203 -34.28 28.85 67.30
C PHE C 203 -34.63 30.29 66.95
N ARG C 204 -34.12 30.78 65.81
CA ARG C 204 -34.36 32.17 65.43
C ARG C 204 -35.85 32.45 65.32
N LYS C 205 -36.58 31.59 64.62
CA LYS C 205 -37.98 31.84 64.31
C LYS C 205 -38.94 31.38 65.41
N HIS C 206 -38.53 30.43 66.26
CA HIS C 206 -39.36 29.97 67.35
C HIS C 206 -38.43 29.45 68.44
N PRO C 207 -38.61 29.87 69.70
CA PRO C 207 -37.60 29.57 70.72
C PRO C 207 -37.42 28.09 70.99
N GLU C 208 -38.41 27.25 70.69
CA GLU C 208 -38.39 25.85 71.07
C GLU C 208 -38.18 24.88 69.92
N ALA C 209 -37.97 25.39 68.70
CA ALA C 209 -37.67 24.52 67.55
C ALA C 209 -36.21 24.05 67.63
N THR C 210 -35.94 23.26 68.66
CA THR C 210 -34.63 22.64 68.81
C THR C 210 -34.47 21.49 67.82
N TYR C 211 -33.24 20.97 67.74
CA TYR C 211 -32.99 19.81 66.89
C TYR C 211 -33.62 18.56 67.48
N THR C 212 -33.75 18.49 68.81
CA THR C 212 -34.42 17.34 69.41
C THR C 212 -35.91 17.36 69.04
N LYS C 213 -36.50 18.55 68.98
CA LYS C 213 -37.92 18.70 68.69
C LYS C 213 -38.22 18.57 67.20
N CYS C 214 -37.38 19.13 66.32
CA CYS C 214 -37.69 19.19 64.91
C CYS C 214 -36.64 18.56 64.01
N GLY C 215 -35.46 18.24 64.53
CA GLY C 215 -34.41 17.63 63.73
C GLY C 215 -34.90 16.45 62.91
N SER C 216 -34.68 16.48 61.60
CA SER C 216 -35.27 15.51 60.69
C SER C 216 -34.21 14.83 59.83
N GLY C 217 -32.94 14.89 60.24
CA GLY C 217 -31.87 14.38 59.44
C GLY C 217 -30.51 15.01 59.74
N PRO C 218 -29.73 15.25 58.68
CA PRO C 218 -28.34 15.66 58.88
C PRO C 218 -28.16 17.15 59.18
N TRP C 219 -29.05 18.02 58.69
CA TRP C 219 -28.94 19.46 58.95
C TRP C 219 -29.19 19.73 60.43
N LEU C 220 -28.14 20.16 61.12
CA LEU C 220 -28.29 20.55 62.52
C LEU C 220 -28.83 21.98 62.67
N THR C 221 -28.62 22.83 61.70
CA THR C 221 -29.04 24.23 61.73
C THR C 221 -29.22 24.61 60.26
N PRO C 222 -29.72 25.80 59.95
CA PRO C 222 -29.69 26.24 58.54
C PRO C 222 -28.27 26.37 57.99
N ARG C 223 -27.25 26.33 58.86
CA ARG C 223 -25.87 26.51 58.45
C ARG C 223 -25.03 25.24 58.43
N CYS C 224 -25.41 24.22 59.19
CA CYS C 224 -24.55 23.06 59.41
C CYS C 224 -25.30 21.76 59.17
N LEU C 225 -24.62 20.81 58.57
CA LEU C 225 -25.08 19.44 58.47
C LEU C 225 -23.96 18.54 58.96
N VAL C 226 -24.30 17.30 59.34
CA VAL C 226 -23.33 16.41 59.94
C VAL C 226 -22.36 15.93 58.88
N ASP C 227 -21.07 15.98 59.18
CA ASP C 227 -20.09 15.41 58.27
C ASP C 227 -20.04 13.90 58.45
N TYR C 228 -20.00 13.20 57.32
CA TYR C 228 -19.86 11.75 57.30
C TYR C 228 -19.19 11.39 55.99
N PRO C 229 -18.64 10.17 55.86
CA PRO C 229 -17.75 9.90 54.73
C PRO C 229 -18.35 10.15 53.35
N TYR C 230 -19.68 10.17 53.22
CA TYR C 230 -20.31 10.35 51.90
C TYR C 230 -21.17 11.59 51.84
N ARG C 231 -20.88 12.60 52.67
CA ARG C 231 -21.61 13.85 52.59
C ARG C 231 -21.46 14.49 51.22
N LEU C 232 -20.23 14.54 50.70
CA LEU C 232 -20.01 15.18 49.40
C LEU C 232 -20.71 14.41 48.28
N TRP C 233 -20.83 13.09 48.41
CA TRP C 233 -21.60 12.32 47.43
C TRP C 233 -23.07 12.69 47.50
N HIS C 234 -23.65 12.69 48.70
CA HIS C 234 -25.08 12.96 48.85
C HIS C 234 -25.42 14.45 48.78
N TYR C 235 -24.50 15.32 49.22
CA TYR C 235 -24.74 16.77 49.29
C TYR C 235 -23.58 17.52 48.67
N PRO C 236 -23.37 17.36 47.36
CA PRO C 236 -22.13 17.87 46.74
C PRO C 236 -21.98 19.38 46.86
N CYS C 237 -23.06 20.12 47.05
CA CYS C 237 -22.99 21.56 47.12
C CYS C 237 -22.55 22.08 48.49
N THR C 238 -22.35 21.21 49.48
CA THR C 238 -21.71 21.60 50.73
C THR C 238 -20.19 21.46 50.66
N VAL C 239 -19.62 21.42 49.44
CA VAL C 239 -18.19 21.14 49.26
C VAL C 239 -17.33 22.15 50.02
N ASN C 240 -17.67 23.42 49.95
CA ASN C 240 -16.87 24.47 50.56
C ASN C 240 -17.19 24.68 52.02
N PHE C 241 -18.17 23.96 52.57
CA PHE C 241 -18.47 24.05 53.99
C PHE C 241 -17.23 23.73 54.80
N THR C 242 -17.00 24.49 55.85
CA THR C 242 -15.85 24.28 56.71
C THR C 242 -16.23 23.35 57.87
N ILE C 243 -15.29 22.47 58.25
CA ILE C 243 -15.56 21.42 59.21
C ILE C 243 -15.29 21.99 60.61
N PHE C 244 -16.35 22.22 61.39
CA PHE C 244 -16.19 22.44 62.82
C PHE C 244 -16.56 21.17 63.53
N LYS C 245 -15.84 20.84 64.54
CA LYS C 245 -16.28 19.69 65.31
C LYS C 245 -17.06 20.13 66.53
N VAL C 246 -18.05 19.34 66.88
CA VAL C 246 -19.20 19.80 67.63
C VAL C 246 -19.51 18.83 68.75
N ARG C 247 -20.06 19.35 69.84
CA ARG C 247 -20.48 18.53 70.96
C ARG C 247 -21.91 18.93 71.27
N MET C 248 -22.78 17.95 71.48
CA MET C 248 -24.20 18.21 71.29
C MET C 248 -25.02 17.19 72.07
N TYR C 249 -25.93 17.68 72.91
CA TYR C 249 -26.66 16.84 73.87
C TYR C 249 -28.10 16.64 73.41
N VAL C 250 -28.52 15.38 73.33
CA VAL C 250 -29.89 15.01 73.00
C VAL C 250 -30.39 14.12 74.13
N GLY C 251 -31.24 14.68 74.99
CA GLY C 251 -31.83 13.91 76.08
C GLY C 251 -30.84 13.23 77.00
N GLY C 252 -29.90 14.00 77.56
CA GLY C 252 -28.93 13.47 78.48
C GLY C 252 -27.63 13.03 77.85
N VAL C 253 -27.72 12.06 76.93
CA VAL C 253 -26.55 11.53 76.23
C VAL C 253 -25.92 12.58 75.32
N GLU C 254 -24.60 12.74 75.44
CA GLU C 254 -23.86 13.67 74.60
C GLU C 254 -23.43 12.99 73.30
N HIS C 255 -23.51 13.75 72.21
CA HIS C 255 -23.11 13.28 70.89
C HIS C 255 -21.86 14.03 70.45
N ARG C 256 -20.91 13.30 69.88
CA ARG C 256 -19.54 13.76 69.67
C ARG C 256 -19.22 13.65 68.18
N LEU C 257 -19.50 14.73 67.44
CA LEU C 257 -19.52 14.69 65.99
C LEU C 257 -18.91 15.94 65.36
N ASN C 258 -18.48 15.78 64.11
CA ASN C 258 -18.02 16.89 63.28
C ASN C 258 -19.18 17.41 62.43
N ALA C 259 -19.35 18.73 62.39
CA ALA C 259 -20.36 19.37 61.56
C ALA C 259 -19.68 20.18 60.48
N ALA C 260 -20.25 20.15 59.27
CA ALA C 260 -19.80 21.01 58.18
C ALA C 260 -20.72 22.22 58.14
N CYS C 261 -20.17 23.40 58.40
CA CYS C 261 -20.91 24.65 58.40
C CYS C 261 -20.46 25.54 57.26
N ASN C 262 -21.37 26.38 56.77
CA ASN C 262 -21.02 27.33 55.71
C ASN C 262 -20.04 28.38 56.24
N TRP D 37 -9.26 -6.23 -5.86
CA TRP D 37 -8.14 -6.93 -5.25
C TRP D 37 -7.78 -8.15 -6.11
N HIS D 38 -8.53 -9.24 -5.93
CA HIS D 38 -8.39 -10.43 -6.77
C HIS D 38 -8.94 -10.12 -8.14
N ILE D 39 -8.07 -10.23 -9.13
CA ILE D 39 -8.41 -9.81 -10.48
C ILE D 39 -9.62 -10.58 -11.00
N ASN D 40 -9.77 -11.85 -10.61
CA ASN D 40 -10.90 -12.66 -11.06
C ASN D 40 -12.24 -12.11 -10.59
N ARG D 41 -12.26 -11.23 -9.60
CA ARG D 41 -13.52 -10.64 -9.14
C ARG D 41 -13.84 -9.33 -9.83
N THR D 42 -13.15 -9.01 -10.93
CA THR D 42 -13.36 -7.79 -11.69
C THR D 42 -14.25 -8.08 -12.89
N ALA D 43 -15.37 -7.37 -12.98
CA ALA D 43 -16.23 -7.46 -14.16
C ALA D 43 -15.50 -6.81 -15.34
N LEU D 44 -15.13 -7.62 -16.32
CA LEU D 44 -14.27 -7.19 -17.42
C LEU D 44 -14.97 -7.35 -18.76
N ASN D 45 -16.25 -6.98 -18.83
CA ASN D 45 -17.02 -7.08 -20.06
C ASN D 45 -16.94 -5.75 -20.81
N CYS D 46 -16.06 -5.69 -21.80
CA CYS D 46 -15.68 -4.43 -22.44
C CYS D 46 -15.81 -4.54 -23.94
N ASN D 47 -16.62 -3.66 -24.52
CA ASN D 47 -16.91 -3.65 -25.96
C ASN D 47 -16.54 -2.26 -26.51
N ASP D 48 -15.36 -2.15 -27.09
CA ASP D 48 -14.94 -0.90 -27.73
C ASP D 48 -15.49 -0.83 -29.15
N SER D 49 -16.82 -0.98 -29.29
CA SER D 49 -17.45 -1.02 -30.60
C SER D 49 -17.45 0.34 -31.30
N LEU D 50 -17.33 1.43 -30.55
CA LEU D 50 -17.24 2.77 -31.13
C LEU D 50 -15.79 3.24 -31.29
N HIS D 51 -14.82 2.40 -30.94
CA HIS D 51 -13.40 2.70 -31.14
C HIS D 51 -12.98 3.98 -30.43
N THR D 52 -13.54 4.20 -29.24
CA THR D 52 -13.04 5.27 -28.38
C THR D 52 -11.65 4.96 -27.84
N GLY D 53 -11.27 3.67 -27.82
CA GLY D 53 -9.98 3.29 -27.29
C GLY D 53 -9.84 3.44 -25.81
N PHE D 54 -10.96 3.51 -25.08
CA PHE D 54 -10.89 3.73 -23.63
C PHE D 54 -10.29 2.55 -22.88
N LEU D 55 -10.17 1.39 -23.53
CA LEU D 55 -9.72 0.19 -22.83
C LEU D 55 -8.27 0.32 -22.38
N ALA D 56 -7.43 0.97 -23.19
CA ALA D 56 -6.01 1.08 -22.87
C ALA D 56 -5.79 1.75 -21.52
N ALA D 57 -6.66 2.70 -21.14
CA ALA D 57 -6.49 3.40 -19.88
C ALA D 57 -6.52 2.46 -18.68
N LEU D 58 -7.12 1.28 -18.83
CA LEU D 58 -7.05 0.29 -17.78
C LEU D 58 -5.61 -0.09 -17.46
N PHE D 59 -4.78 -0.24 -18.51
CA PHE D 59 -3.40 -0.69 -18.35
C PHE D 59 -2.40 0.44 -18.17
N TYR D 60 -2.61 1.57 -18.84
CA TYR D 60 -1.58 2.59 -18.97
C TYR D 60 -2.04 3.93 -18.45
N THR D 61 -1.14 4.61 -17.75
CA THR D 61 -1.50 5.83 -17.04
C THR D 61 -1.80 6.99 -18.00
N HIS D 62 -1.08 7.06 -19.11
CA HIS D 62 -1.26 8.20 -20.01
C HIS D 62 -2.40 8.01 -21.00
N LYS D 63 -3.19 6.95 -20.89
CA LYS D 63 -4.17 6.65 -21.92
C LYS D 63 -5.58 7.09 -21.56
N PHE D 64 -5.76 7.82 -20.46
CA PHE D 64 -7.04 8.48 -20.23
C PHE D 64 -7.25 9.54 -21.31
N ASN D 65 -8.51 9.86 -21.58
CA ASN D 65 -8.86 10.72 -22.71
C ASN D 65 -9.63 11.93 -22.21
N ALA D 66 -9.16 13.12 -22.59
CA ALA D 66 -9.77 14.38 -22.20
C ALA D 66 -9.90 15.25 -23.47
N SER D 67 -10.78 14.83 -24.38
CA SER D 67 -10.93 15.48 -25.67
C SER D 67 -11.82 16.72 -25.54
N GLY D 68 -11.22 17.85 -25.21
CA GLY D 68 -11.97 19.08 -25.11
C GLY D 68 -12.65 19.33 -23.78
N CYS D 69 -12.23 18.65 -22.69
CA CYS D 69 -12.85 18.78 -21.37
C CYS D 69 -13.24 20.18 -20.91
N PRO D 70 -12.45 21.23 -21.17
CA PRO D 70 -12.85 22.56 -20.70
C PRO D 70 -14.24 22.98 -21.15
N GLU D 71 -14.62 22.72 -22.41
CA GLU D 71 -15.94 23.14 -22.88
C GLU D 71 -17.06 22.33 -22.24
N ARG D 72 -16.74 21.16 -21.68
CA ARG D 72 -17.73 20.34 -20.98
C ARG D 72 -17.78 20.65 -19.50
N MET D 73 -16.63 21.03 -18.93
CA MET D 73 -16.50 21.41 -17.53
C MET D 73 -16.89 22.86 -17.28
N ALA D 74 -17.25 23.60 -18.33
CA ALA D 74 -17.93 24.88 -18.17
C ALA D 74 -19.44 24.74 -18.17
N HIS D 75 -19.96 23.64 -18.71
CA HIS D 75 -21.36 23.31 -18.57
C HIS D 75 -21.75 23.12 -17.10
N CYS D 76 -20.77 22.86 -16.24
CA CYS D 76 -21.03 22.76 -14.81
C CYS D 76 -21.11 24.15 -14.20
N ARG D 77 -21.94 24.28 -13.16
CA ARG D 77 -22.11 25.58 -12.54
C ARG D 77 -21.58 25.60 -11.12
N PRO D 78 -20.88 26.67 -10.73
CA PRO D 78 -20.39 26.79 -9.34
C PRO D 78 -21.51 26.79 -8.31
N ILE D 79 -21.12 26.81 -7.03
CA ILE D 79 -22.09 26.69 -5.95
C ILE D 79 -22.91 27.98 -5.80
N ASP D 80 -22.32 29.14 -6.11
CA ASP D 80 -23.00 30.42 -5.88
C ASP D 80 -24.32 30.52 -6.63
N GLU D 81 -24.41 29.90 -7.81
CA GLU D 81 -25.53 30.14 -8.72
C GLU D 81 -26.84 29.49 -8.24
N PHE D 82 -26.79 28.60 -7.26
CA PHE D 82 -27.99 28.00 -6.70
C PHE D 82 -28.58 28.89 -5.62
N ALA D 83 -29.85 28.64 -5.31
CA ALA D 83 -30.49 29.34 -4.21
C ALA D 83 -30.17 28.66 -2.88
N GLN D 84 -30.24 29.43 -1.81
CA GLN D 84 -30.02 28.88 -0.48
C GLN D 84 -31.17 27.96 -0.10
N GLY D 85 -30.83 26.85 0.58
CA GLY D 85 -31.82 25.88 1.00
C GLY D 85 -32.21 26.08 2.45
N TRP D 86 -33.48 26.37 2.68
CA TRP D 86 -34.02 26.65 4.01
C TRP D 86 -34.98 25.54 4.42
N GLY D 87 -34.96 25.19 5.70
CA GLY D 87 -35.92 24.26 6.26
C GLY D 87 -35.30 22.93 6.66
N PRO D 88 -36.14 21.89 6.77
CA PRO D 88 -35.63 20.55 7.04
C PRO D 88 -35.09 19.91 5.77
N ILE D 89 -34.35 18.83 5.97
CA ILE D 89 -33.63 18.16 4.88
C ILE D 89 -34.35 16.87 4.54
N THR D 90 -34.95 16.83 3.36
CA THR D 90 -35.49 15.64 2.72
C THR D 90 -34.51 15.04 1.72
N TYR D 91 -34.40 13.71 1.74
CA TYR D 91 -33.75 12.97 0.67
C TYR D 91 -34.70 12.89 -0.52
N ALA D 92 -34.22 13.29 -1.70
CA ALA D 92 -35.07 13.32 -2.89
C ALA D 92 -35.25 11.91 -3.45
N PRO D 101 -22.38 12.53 -15.35
CA PRO D 101 -21.86 11.97 -14.09
C PRO D 101 -20.70 12.80 -13.54
N TYR D 102 -20.36 13.85 -14.27
CA TYR D 102 -19.02 14.40 -14.23
C TYR D 102 -19.01 15.87 -13.82
N CYS D 103 -20.19 16.44 -13.57
CA CYS D 103 -20.33 17.62 -12.73
C CYS D 103 -20.38 17.20 -11.27
N TRP D 104 -19.98 18.12 -10.39
CA TRP D 104 -20.08 17.87 -8.96
C TRP D 104 -21.54 17.83 -8.50
N HIS D 105 -22.44 18.54 -9.18
CA HIS D 105 -23.83 18.61 -8.79
C HIS D 105 -24.69 17.55 -9.47
N TYR D 106 -24.08 16.47 -9.95
CA TYR D 106 -24.84 15.39 -10.55
C TYR D 106 -25.68 14.69 -9.48
N ALA D 107 -26.96 14.45 -9.81
CA ALA D 107 -27.88 13.75 -8.93
C ALA D 107 -27.84 12.25 -9.23
N PRO D 108 -27.16 11.45 -8.42
CA PRO D 108 -27.03 10.02 -8.71
C PRO D 108 -28.27 9.26 -8.26
N ARG D 109 -28.62 8.23 -9.04
CA ARG D 109 -29.70 7.35 -8.61
C ARG D 109 -29.16 6.28 -7.65
N GLN D 110 -30.07 5.79 -6.81
CA GLN D 110 -29.73 4.95 -5.66
C GLN D 110 -28.83 3.78 -6.06
N CYS D 111 -27.78 3.55 -5.28
CA CYS D 111 -26.93 2.39 -5.50
C CYS D 111 -27.71 1.12 -5.15
N GLY D 112 -27.80 0.20 -6.11
CA GLY D 112 -28.45 -1.07 -5.88
C GLY D 112 -27.62 -2.24 -6.36
N THR D 113 -28.16 -2.99 -7.31
CA THR D 113 -27.54 -4.20 -7.82
C THR D 113 -27.46 -4.12 -9.34
N ILE D 114 -26.28 -4.38 -9.89
CA ILE D 114 -26.09 -4.26 -11.35
C ILE D 114 -25.49 -5.56 -11.89
N PRO D 115 -25.95 -6.03 -13.05
CA PRO D 115 -25.30 -7.20 -13.65
C PRO D 115 -23.88 -6.88 -14.09
N ALA D 116 -22.96 -7.81 -13.83
CA ALA D 116 -21.55 -7.62 -14.17
C ALA D 116 -21.32 -7.51 -15.67
N SER D 117 -22.29 -7.94 -16.49
CA SER D 117 -22.15 -7.84 -17.94
C SER D 117 -22.09 -6.39 -18.42
N GLN D 118 -22.42 -5.42 -17.59
CA GLN D 118 -22.41 -4.01 -17.98
C GLN D 118 -21.25 -3.24 -17.39
N VAL D 119 -20.33 -3.92 -16.73
CA VAL D 119 -19.23 -3.26 -16.04
C VAL D 119 -17.93 -3.63 -16.72
N CYS D 120 -17.04 -2.65 -16.86
CA CYS D 120 -15.73 -2.86 -17.47
C CYS D 120 -14.68 -2.30 -16.54
N GLY D 121 -13.98 -3.17 -15.83
CA GLY D 121 -12.99 -2.73 -14.87
C GLY D 121 -13.57 -2.67 -13.47
N PRO D 122 -12.78 -2.17 -12.53
CA PRO D 122 -13.19 -2.21 -11.13
C PRO D 122 -14.21 -1.14 -10.75
N VAL D 123 -15.08 -1.52 -9.82
CA VAL D 123 -16.08 -0.63 -9.24
C VAL D 123 -15.53 -0.08 -7.93
N TYR D 124 -15.58 1.24 -7.77
CA TYR D 124 -15.07 1.89 -6.58
C TYR D 124 -16.23 2.48 -5.79
N CYS D 125 -16.28 2.17 -4.50
CA CYS D 125 -17.24 2.80 -3.59
C CYS D 125 -16.47 3.63 -2.58
N PHE D 126 -17.15 4.61 -1.99
CA PHE D 126 -16.48 5.66 -1.23
C PHE D 126 -17.08 5.75 0.16
N THR D 127 -16.28 5.41 1.16
CA THR D 127 -16.75 5.23 2.53
C THR D 127 -16.48 6.40 3.47
N PRO D 128 -15.88 7.52 3.03
CA PRO D 128 -15.29 8.14 1.82
C PRO D 128 -14.05 7.44 1.26
N SER D 129 -13.28 6.76 2.10
CA SER D 129 -12.12 6.03 1.62
C SER D 129 -12.54 5.13 0.46
N PRO D 130 -11.82 5.16 -0.66
CA PRO D 130 -12.24 4.36 -1.81
C PRO D 130 -12.00 2.88 -1.54
N VAL D 131 -13.02 2.05 -1.82
CA VAL D 131 -12.92 0.61 -1.72
C VAL D 131 -13.38 0.01 -3.04
N VAL D 132 -12.89 -1.18 -3.35
CA VAL D 132 -13.21 -1.87 -4.59
C VAL D 132 -14.20 -2.99 -4.27
N VAL D 133 -15.35 -2.96 -4.92
CA VAL D 133 -16.39 -3.97 -4.75
C VAL D 133 -16.27 -4.96 -5.91
N GLY D 134 -16.10 -6.23 -5.58
CA GLY D 134 -15.93 -7.27 -6.58
C GLY D 134 -17.21 -8.07 -6.82
N THR D 135 -17.19 -8.81 -7.93
CA THR D 135 -18.36 -9.58 -8.33
C THR D 135 -18.73 -10.61 -7.27
N THR D 136 -20.04 -10.72 -7.02
CA THR D 136 -20.62 -11.73 -6.14
C THR D 136 -21.73 -12.43 -6.91
N ASP D 137 -22.37 -13.40 -6.25
CA ASP D 137 -23.60 -13.98 -6.77
C ASP D 137 -24.79 -13.18 -6.26
N ARG D 138 -26.00 -13.64 -6.58
CA ARG D 138 -27.19 -12.89 -6.19
C ARG D 138 -27.30 -12.75 -4.67
N PHE D 139 -26.67 -13.64 -3.92
CA PHE D 139 -26.74 -13.60 -2.47
C PHE D 139 -25.60 -12.80 -1.84
N GLY D 140 -24.42 -12.82 -2.46
CA GLY D 140 -23.30 -12.07 -1.95
C GLY D 140 -22.05 -12.91 -1.81
N ALA D 141 -22.11 -14.16 -2.23
CA ALA D 141 -20.94 -15.01 -2.10
C ALA D 141 -19.91 -14.65 -3.19
N PRO D 142 -18.65 -14.45 -2.83
CA PRO D 142 -17.65 -14.01 -3.82
C PRO D 142 -17.54 -15.00 -4.97
N THR D 143 -17.72 -14.48 -6.18
CA THR D 143 -17.55 -15.24 -7.40
C THR D 143 -16.29 -14.76 -8.12
N TYR D 144 -15.65 -15.68 -8.85
CA TYR D 144 -14.30 -15.47 -9.36
C TYR D 144 -14.21 -15.78 -10.85
N THR D 145 -15.18 -15.30 -11.64
CA THR D 145 -15.22 -15.69 -13.05
C THR D 145 -15.36 -14.47 -13.96
N TRP D 146 -14.64 -13.40 -13.64
CA TRP D 146 -14.50 -12.19 -14.45
C TRP D 146 -15.83 -11.51 -14.76
N GLY D 147 -16.91 -11.87 -14.06
CA GLY D 147 -18.20 -11.33 -14.41
C GLY D 147 -18.78 -11.87 -15.71
N GLU D 148 -18.20 -12.93 -16.27
CA GLU D 148 -18.68 -13.45 -17.54
C GLU D 148 -20.00 -14.18 -17.39
N ASN D 149 -20.29 -14.70 -16.21
CA ASN D 149 -21.56 -15.39 -16.00
C ASN D 149 -22.69 -14.39 -15.83
N GLU D 150 -23.80 -14.66 -16.53
CA GLU D 150 -25.09 -14.04 -16.27
C GLU D 150 -25.51 -14.03 -14.79
N THR D 151 -24.97 -14.90 -13.93
CA THR D 151 -25.29 -14.84 -12.49
C THR D 151 -24.34 -13.94 -11.71
N ASP D 152 -23.36 -13.32 -12.37
CA ASP D 152 -22.43 -12.43 -11.68
C ASP D 152 -23.05 -11.06 -11.54
N VAL D 153 -23.00 -10.50 -10.33
CA VAL D 153 -23.57 -9.20 -10.04
C VAL D 153 -22.60 -8.40 -9.18
N LEU D 154 -22.90 -7.12 -9.03
CA LEU D 154 -22.19 -6.23 -8.12
C LEU D 154 -23.22 -5.66 -7.16
N ILE D 155 -23.08 -5.99 -5.88
CA ILE D 155 -24.02 -5.55 -4.84
C ILE D 155 -23.51 -4.21 -4.33
N LEU D 156 -24.06 -3.12 -4.87
CA LEU D 156 -23.69 -1.78 -4.45
C LEU D 156 -24.71 -1.17 -3.49
N ASN D 157 -25.68 -1.96 -3.03
CA ASN D 157 -26.69 -1.45 -2.10
C ASN D 157 -26.00 -0.77 -0.91
N ASN D 158 -26.41 0.47 -0.65
CA ASN D 158 -25.70 1.35 0.28
C ASN D 158 -26.68 2.01 1.22
N THR D 159 -26.22 2.24 2.45
CA THR D 159 -26.80 3.20 3.37
C THR D 159 -25.67 4.09 3.85
N ARG D 160 -26.05 5.45 4.44
CA ARG D 160 -24.72 6.01 4.54
C ARG D 160 -24.10 5.63 5.88
N PRO D 161 -22.77 5.53 5.98
CA PRO D 161 -22.13 5.34 7.28
C PRO D 161 -22.46 6.49 8.22
N PRO D 162 -22.20 6.33 9.55
CA PRO D 162 -21.53 5.23 10.27
C PRO D 162 -22.32 3.93 10.25
N GLN D 163 -23.65 4.04 10.15
CA GLN D 163 -24.52 2.88 10.10
C GLN D 163 -24.77 2.45 8.65
N GLY D 164 -23.67 2.08 8.00
CA GLY D 164 -23.76 1.67 6.62
C GLY D 164 -22.42 1.30 6.07
N ASN D 165 -22.42 0.93 4.79
CA ASN D 165 -21.21 0.53 4.08
C ASN D 165 -20.50 1.71 3.39
N TRP D 166 -21.16 2.40 2.47
CA TRP D 166 -20.53 3.51 1.76
C TRP D 166 -21.58 4.52 1.34
N PHE D 167 -21.10 5.65 0.80
CA PHE D 167 -21.97 6.73 0.34
C PHE D 167 -22.34 6.59 -1.14
N GLY D 168 -21.45 6.08 -1.97
CA GLY D 168 -21.70 5.98 -3.40
C GLY D 168 -20.61 5.17 -4.08
N CYS D 169 -20.80 4.96 -5.39
CA CYS D 169 -19.88 4.14 -6.16
C CYS D 169 -19.79 4.65 -7.60
N THR D 170 -18.67 4.34 -8.27
CA THR D 170 -18.39 4.76 -9.64
C THR D 170 -17.77 3.60 -10.41
N TRP D 171 -18.02 3.57 -11.72
CA TRP D 171 -17.49 2.50 -12.56
C TRP D 171 -17.70 2.87 -14.02
N MET D 172 -17.16 2.02 -14.90
CA MET D 172 -17.16 2.21 -16.34
C MET D 172 -18.00 1.12 -16.98
N ASN D 173 -18.90 1.48 -17.89
CA ASN D 173 -19.72 0.43 -18.48
C ASN D 173 -19.03 -0.18 -19.70
N SER D 174 -19.73 -1.14 -20.31
CA SER D 174 -19.11 -1.98 -21.33
C SER D 174 -18.59 -1.18 -22.51
N THR D 175 -19.22 -0.04 -22.81
CA THR D 175 -18.90 0.74 -24.00
C THR D 175 -18.06 1.98 -23.70
N GLY D 176 -17.62 2.17 -22.45
CA GLY D 176 -16.73 3.26 -22.11
C GLY D 176 -17.38 4.49 -21.52
N PHE D 177 -18.50 4.35 -20.82
CA PHE D 177 -19.21 5.47 -20.23
C PHE D 177 -19.11 5.41 -18.72
N THR D 178 -18.82 6.54 -18.10
CA THR D 178 -18.76 6.57 -16.66
C THR D 178 -20.16 6.47 -16.06
N LYS D 179 -20.30 5.66 -15.04
CA LYS D 179 -21.55 5.55 -14.33
C LYS D 179 -21.30 5.57 -12.83
N THR D 180 -22.21 6.22 -12.12
CA THR D 180 -22.11 6.38 -10.67
C THR D 180 -23.50 6.23 -10.11
N CYS D 181 -23.55 5.78 -8.87
CA CYS D 181 -24.76 5.70 -8.08
C CYS D 181 -24.43 6.21 -6.70
N GLY D 182 -25.47 6.56 -5.96
CA GLY D 182 -25.26 7.03 -4.59
C GLY D 182 -26.60 7.24 -3.93
N GLY D 183 -26.56 7.23 -2.61
CA GLY D 183 -27.75 7.49 -1.83
C GLY D 183 -28.38 8.80 -2.27
N PRO D 184 -29.68 8.76 -2.55
CA PRO D 184 -30.42 9.96 -2.96
C PRO D 184 -29.91 11.23 -2.31
N PRO D 185 -29.73 12.27 -3.13
CA PRO D 185 -29.22 13.55 -2.63
C PRO D 185 -30.22 14.26 -1.75
N CYS D 186 -29.68 15.19 -0.96
CA CYS D 186 -30.48 15.95 0.00
C CYS D 186 -31.32 17.01 -0.71
N ASN D 187 -32.42 17.38 -0.07
CA ASN D 187 -33.20 18.56 -0.47
C ASN D 187 -33.24 19.52 0.72
N ILE D 188 -32.45 20.57 0.64
CA ILE D 188 -32.35 21.54 1.71
C ILE D 188 -33.27 22.72 1.48
N GLY D 190 -36.45 27.91 -0.76
CA GLY D 190 -36.75 28.67 -1.97
C GLY D 190 -36.43 27.91 -3.24
N VAL D 191 -37.09 28.30 -4.33
CA VAL D 191 -36.94 27.64 -5.62
C VAL D 191 -36.61 28.71 -6.66
N GLY D 192 -36.58 28.33 -7.93
CA GLY D 192 -36.32 29.28 -9.01
C GLY D 192 -36.06 28.53 -10.30
N ASN D 193 -35.48 29.24 -11.27
CA ASN D 193 -34.92 28.55 -12.43
C ASN D 193 -33.90 27.48 -12.04
N ASN D 194 -33.42 27.50 -10.79
CA ASN D 194 -32.39 26.58 -10.32
C ASN D 194 -32.42 26.51 -8.80
N THR D 195 -32.30 25.30 -8.29
CA THR D 195 -32.22 25.03 -6.86
C THR D 195 -31.29 23.83 -6.69
N LEU D 196 -30.88 23.57 -5.46
CA LEU D 196 -29.84 22.58 -5.20
C LEU D 196 -30.41 21.36 -4.51
N THR D 197 -30.13 20.19 -5.07
CA THR D 197 -30.16 18.95 -4.32
C THR D 197 -28.71 18.56 -4.03
N CYS D 198 -28.40 18.31 -2.76
CA CYS D 198 -27.01 18.32 -2.30
C CYS D 198 -26.43 16.92 -2.24
N PRO D 199 -25.56 16.53 -3.16
CA PRO D 199 -24.89 15.22 -3.07
C PRO D 199 -23.51 15.26 -2.42
N THR D 200 -23.08 16.41 -1.91
CA THR D 200 -21.76 16.55 -1.30
C THR D 200 -21.87 17.29 0.03
N ASP D 201 -20.80 17.95 0.44
CA ASP D 201 -20.94 19.03 1.39
C ASP D 201 -21.51 20.24 0.66
N CYS D 202 -22.56 20.83 1.23
CA CYS D 202 -23.08 22.10 0.78
C CYS D 202 -23.22 23.04 1.96
N PHE D 203 -22.19 23.06 2.82
CA PHE D 203 -22.22 23.90 4.01
C PHE D 203 -22.48 25.36 3.66
N ARG D 204 -22.12 25.77 2.43
CA ARG D 204 -22.48 27.12 2.00
C ARG D 204 -23.99 27.30 1.97
N LYS D 205 -24.70 26.41 1.29
CA LYS D 205 -26.13 26.59 1.05
C LYS D 205 -27.00 26.00 2.16
N HIS D 206 -26.42 25.40 3.19
CA HIS D 206 -27.15 24.93 4.35
C HIS D 206 -26.17 24.64 5.48
N PRO D 207 -26.39 25.20 6.68
CA PRO D 207 -25.49 24.89 7.80
C PRO D 207 -25.46 23.41 8.18
N GLU D 208 -26.62 22.79 8.43
CA GLU D 208 -26.65 21.39 8.83
C GLU D 208 -26.25 20.43 7.71
N ALA D 209 -26.35 20.84 6.44
CA ALA D 209 -26.05 19.93 5.34
C ALA D 209 -24.54 19.72 5.23
N THR D 210 -24.08 18.51 5.52
CA THR D 210 -22.66 18.18 5.48
C THR D 210 -22.43 16.97 4.57
N TYR D 211 -21.19 16.49 4.51
CA TYR D 211 -20.96 15.26 3.75
C TYR D 211 -21.46 14.04 4.51
N THR D 212 -21.47 14.10 5.85
CA THR D 212 -21.87 12.94 6.62
C THR D 212 -23.37 12.67 6.45
N LYS D 213 -24.13 13.72 6.15
CA LYS D 213 -25.57 13.63 5.93
C LYS D 213 -25.95 13.59 4.45
N CYS D 214 -25.23 14.32 3.60
CA CYS D 214 -25.62 14.44 2.20
C CYS D 214 -24.62 13.85 1.22
N GLY D 215 -23.49 13.32 1.70
CA GLY D 215 -22.49 12.74 0.83
C GLY D 215 -23.02 11.56 0.04
N SER D 216 -22.88 11.61 -1.29
CA SER D 216 -23.54 10.64 -2.16
C SER D 216 -22.56 9.95 -3.11
N GLY D 217 -21.25 10.05 -2.84
CA GLY D 217 -20.26 9.44 -3.69
C GLY D 217 -18.90 10.07 -3.55
N PRO D 218 -18.15 10.15 -4.65
CA PRO D 218 -16.75 10.60 -4.57
C PRO D 218 -16.57 12.10 -4.40
N TRP D 219 -17.53 12.94 -4.77
CA TRP D 219 -17.35 14.38 -4.61
C TRP D 219 -17.50 14.75 -3.13
N LEU D 220 -16.41 15.24 -2.54
CA LEU D 220 -16.38 15.75 -1.17
C LEU D 220 -16.95 17.15 -1.05
N THR D 221 -16.52 18.07 -1.91
CA THR D 221 -17.04 19.43 -1.96
C THR D 221 -17.33 19.73 -3.42
N PRO D 222 -17.79 20.93 -3.76
CA PRO D 222 -17.78 21.31 -5.18
C PRO D 222 -16.38 21.39 -5.80
N ARG D 223 -15.32 21.61 -5.01
CA ARG D 223 -13.97 21.64 -5.58
C ARG D 223 -13.29 20.27 -5.56
N CYS D 224 -13.53 19.45 -4.53
CA CYS D 224 -12.74 18.24 -4.30
C CYS D 224 -13.51 16.95 -4.60
N LEU D 225 -12.79 15.92 -5.01
CA LEU D 225 -13.33 14.57 -5.12
C LEU D 225 -12.24 13.58 -4.74
N VAL D 226 -12.65 12.40 -4.30
CA VAL D 226 -11.70 11.43 -3.74
C VAL D 226 -10.80 10.87 -4.84
N ASP D 227 -9.51 10.81 -4.55
CA ASP D 227 -8.54 10.32 -5.50
C ASP D 227 -8.35 8.82 -5.32
N TYR D 228 -8.50 8.09 -6.42
CA TYR D 228 -8.33 6.65 -6.48
C TYR D 228 -7.67 6.35 -7.81
N PRO D 229 -7.03 5.18 -7.96
CA PRO D 229 -6.17 4.96 -9.13
C PRO D 229 -6.85 5.15 -10.48
N TYR D 230 -8.18 5.11 -10.54
CA TYR D 230 -8.87 5.25 -11.82
C TYR D 230 -9.78 6.48 -11.86
N ARG D 231 -9.42 7.52 -11.09
CA ARG D 231 -10.15 8.78 -11.18
C ARG D 231 -10.00 9.43 -12.56
N LEU D 232 -8.80 9.38 -13.15
CA LEU D 232 -8.65 9.93 -14.49
C LEU D 232 -9.40 9.13 -15.54
N TRP D 233 -9.68 7.84 -15.28
CA TRP D 233 -10.46 7.05 -16.22
C TRP D 233 -11.93 7.46 -16.18
N HIS D 234 -12.51 7.50 -14.98
CA HIS D 234 -13.93 7.77 -14.82
C HIS D 234 -14.24 9.26 -14.90
N TYR D 235 -13.35 10.10 -14.36
CA TYR D 235 -13.55 11.55 -14.28
C TYR D 235 -12.38 12.25 -14.96
N PRO D 236 -12.21 12.07 -16.27
CA PRO D 236 -10.99 12.54 -16.93
C PRO D 236 -10.82 14.04 -16.90
N CYS D 237 -11.90 14.80 -16.78
CA CYS D 237 -11.81 16.25 -16.80
C CYS D 237 -11.42 16.84 -15.44
N THR D 238 -10.92 16.01 -14.52
CA THR D 238 -10.32 16.48 -13.29
C THR D 238 -8.81 16.24 -13.31
N VAL D 239 -8.22 16.22 -14.50
CA VAL D 239 -6.80 15.90 -14.69
C VAL D 239 -5.89 16.95 -14.07
N ASN D 240 -6.28 18.22 -14.07
CA ASN D 240 -5.46 19.29 -13.51
C ASN D 240 -5.74 19.55 -12.04
N PHE D 241 -6.47 18.65 -11.37
CA PHE D 241 -6.78 18.82 -9.96
C PHE D 241 -5.54 18.53 -9.12
N THR D 242 -5.22 19.43 -8.20
CA THR D 242 -4.08 19.18 -7.32
C THR D 242 -4.51 18.28 -6.18
N ILE D 243 -3.68 17.27 -5.88
CA ILE D 243 -3.94 16.26 -4.87
C ILE D 243 -3.51 16.80 -3.50
N PHE D 244 -4.47 17.11 -2.64
CA PHE D 244 -4.21 17.31 -1.23
C PHE D 244 -4.54 16.02 -0.51
N LYS D 245 -3.76 15.69 0.50
CA LYS D 245 -4.26 14.61 1.34
C LYS D 245 -4.95 15.22 2.58
N VAL D 246 -5.82 14.42 3.19
CA VAL D 246 -6.92 14.94 4.01
C VAL D 246 -7.26 13.92 5.09
N ARG D 247 -7.70 14.40 6.24
CA ARG D 247 -8.42 13.57 7.22
C ARG D 247 -9.87 14.00 7.26
N MET D 248 -10.74 13.05 7.53
CA MET D 248 -12.18 13.30 7.57
C MET D 248 -12.81 12.31 8.51
N TYR D 249 -13.85 12.74 9.21
CA TYR D 249 -14.43 11.87 10.24
C TYR D 249 -15.92 11.76 9.94
N VAL D 250 -16.36 10.55 9.58
CA VAL D 250 -17.77 10.20 9.44
C VAL D 250 -18.21 9.45 10.68
N GLY D 251 -19.02 10.09 11.52
CA GLY D 251 -19.50 9.46 12.72
C GLY D 251 -18.41 9.05 13.69
N GLY D 252 -17.33 9.83 13.74
CA GLY D 252 -16.28 9.57 14.71
C GLY D 252 -15.24 8.52 14.33
N VAL D 253 -15.13 8.15 13.06
CA VAL D 253 -14.14 7.18 12.60
C VAL D 253 -13.32 7.86 11.52
N GLU D 254 -12.04 7.56 11.47
CA GLU D 254 -11.22 8.61 10.95
C GLU D 254 -10.98 8.02 9.57
N HIS D 255 -11.03 8.79 8.51
CA HIS D 255 -10.52 8.24 7.26
C HIS D 255 -9.61 9.26 6.62
N ARG D 256 -8.38 8.84 6.34
CA ARG D 256 -7.47 9.63 5.54
C ARG D 256 -7.45 9.09 4.11
N LEU D 257 -7.21 9.99 3.19
CA LEU D 257 -7.51 9.76 1.80
C LEU D 257 -6.91 10.95 1.07
N ASN D 258 -6.63 10.77 -0.20
CA ASN D 258 -6.14 11.89 -0.98
C ASN D 258 -7.31 12.48 -1.74
N ALA D 259 -7.47 13.80 -1.64
CA ALA D 259 -8.48 14.51 -2.39
C ALA D 259 -7.82 15.22 -3.56
N ALA D 260 -8.52 15.27 -4.69
CA ALA D 260 -8.10 16.07 -5.83
C ALA D 260 -9.07 17.25 -5.89
N CYS D 261 -8.61 18.41 -5.43
CA CYS D 261 -9.38 19.65 -5.53
C CYS D 261 -8.88 20.44 -6.73
N ASN D 262 -9.66 21.41 -7.16
CA ASN D 262 -9.35 22.10 -8.41
C ASN D 262 -7.92 22.63 -8.47
N GLN E 1 10.43 -14.40 -16.85
CA GLN E 1 10.99 -13.73 -18.01
C GLN E 1 10.24 -14.19 -19.26
N VAL E 2 9.35 -13.34 -19.76
CA VAL E 2 8.49 -13.72 -20.87
C VAL E 2 9.32 -13.97 -22.12
N GLN E 3 9.00 -15.05 -22.83
CA GLN E 3 9.49 -15.28 -24.18
C GLN E 3 8.31 -15.66 -25.06
N LEU E 4 8.41 -15.32 -26.34
CA LEU E 4 7.32 -15.49 -27.30
C LEU E 4 7.68 -16.58 -28.29
N VAL E 5 6.86 -17.61 -28.37
CA VAL E 5 7.15 -18.77 -29.21
C VAL E 5 6.23 -18.67 -30.41
N GLN E 6 6.79 -18.59 -31.62
CA GLN E 6 5.99 -18.38 -32.81
C GLN E 6 5.95 -19.62 -33.68
N SER E 7 4.86 -19.76 -34.43
CA SER E 7 4.68 -20.88 -35.33
C SER E 7 5.71 -20.81 -36.47
N GLY E 8 5.87 -21.94 -37.17
CA GLY E 8 6.94 -22.08 -38.14
C GLY E 8 6.70 -21.31 -39.43
N ALA E 9 7.67 -21.43 -40.34
CA ALA E 9 7.59 -20.76 -41.62
C ALA E 9 6.41 -21.29 -42.42
N GLU E 10 5.82 -20.44 -43.25
CA GLU E 10 4.67 -20.85 -44.05
C GLU E 10 4.81 -20.44 -45.50
N VAL E 11 4.56 -21.39 -46.39
CA VAL E 11 4.37 -21.14 -47.81
C VAL E 11 2.89 -21.37 -48.12
N LYS E 12 2.22 -20.32 -48.56
CA LYS E 12 0.79 -20.38 -48.85
C LYS E 12 0.60 -19.69 -50.19
N LYS E 13 -0.41 -20.13 -50.95
CA LYS E 13 -0.61 -19.66 -52.32
C LYS E 13 -1.43 -18.38 -52.34
N PRO E 14 -1.35 -17.62 -53.44
CA PRO E 14 -2.14 -16.37 -53.53
C PRO E 14 -3.63 -16.64 -53.39
N GLY E 15 -4.29 -15.79 -52.63
CA GLY E 15 -5.70 -15.98 -52.33
C GLY E 15 -6.01 -16.88 -51.16
N SER E 16 -4.98 -17.35 -50.43
CA SER E 16 -5.19 -18.29 -49.34
C SER E 16 -5.18 -17.52 -48.00
N SER E 17 -4.96 -18.23 -46.89
CA SER E 17 -5.13 -17.64 -45.57
C SER E 17 -4.19 -18.32 -44.57
N VAL E 18 -3.29 -17.54 -43.96
CA VAL E 18 -2.35 -18.01 -42.94
C VAL E 18 -2.87 -17.66 -41.56
N LYS E 19 -2.68 -18.58 -40.62
CA LYS E 19 -2.92 -18.33 -39.20
C LYS E 19 -1.63 -18.63 -38.45
N VAL E 20 -0.80 -17.61 -38.26
CA VAL E 20 0.44 -17.77 -37.51
C VAL E 20 0.16 -17.63 -36.01
N SER E 21 0.96 -18.32 -35.21
CA SER E 21 0.74 -18.43 -33.79
C SER E 21 1.82 -17.68 -33.00
N CYS E 22 1.48 -17.32 -31.77
CA CYS E 22 2.44 -16.65 -30.88
C CYS E 22 2.03 -16.96 -29.45
N ARG E 23 2.67 -17.97 -28.86
CA ARG E 23 2.39 -18.39 -27.50
C ARG E 23 3.27 -17.62 -26.51
N THR E 24 2.63 -17.05 -25.49
CA THR E 24 3.35 -16.42 -24.39
C THR E 24 3.87 -17.48 -23.44
N SER E 25 5.15 -17.38 -23.08
CA SER E 25 5.80 -18.31 -22.17
C SER E 25 6.44 -17.54 -21.03
N GLY E 26 6.15 -17.95 -19.80
CA GLY E 26 6.83 -17.42 -18.63
C GLY E 26 6.24 -16.18 -18.00
N GLY E 27 5.04 -15.76 -18.40
CA GLY E 27 4.42 -14.62 -17.74
C GLY E 27 3.21 -14.12 -18.50
N THR E 28 2.82 -12.90 -18.18
CA THR E 28 1.70 -12.20 -18.78
C THR E 28 2.17 -10.88 -19.36
N VAL E 29 1.42 -10.39 -20.35
CA VAL E 29 1.72 -9.14 -21.03
C VAL E 29 0.50 -8.23 -20.88
N ASN E 30 0.70 -6.94 -21.17
CA ASN E 30 -0.43 -6.03 -21.35
C ASN E 30 -1.02 -6.15 -22.74
N THR E 31 -0.16 -6.22 -23.77
CA THR E 31 -0.57 -6.16 -25.16
C THR E 31 0.32 -7.08 -25.96
N LEU E 32 -0.29 -7.90 -26.81
CA LEU E 32 0.42 -8.52 -27.92
C LEU E 32 0.27 -7.66 -29.16
N HIS E 33 1.36 -7.46 -29.88
CA HIS E 33 1.35 -6.73 -31.14
C HIS E 33 1.83 -7.62 -32.26
N TRP E 34 1.27 -7.41 -33.44
CA TRP E 34 1.76 -8.04 -34.66
C TRP E 34 2.39 -6.97 -35.53
N VAL E 35 3.64 -7.20 -35.91
CA VAL E 35 4.43 -6.27 -36.70
C VAL E 35 5.17 -7.09 -37.74
N ARG E 36 5.00 -6.74 -39.01
CA ARG E 36 5.65 -7.50 -40.07
C ARG E 36 6.79 -6.72 -40.69
N GLN E 37 7.65 -7.44 -41.40
CA GLN E 37 8.74 -6.82 -42.13
C GLN E 37 8.76 -7.42 -43.53
N ALA E 38 8.21 -6.71 -44.50
CA ALA E 38 8.38 -7.11 -45.89
C ALA E 38 9.85 -7.03 -46.26
N PRO E 39 10.37 -7.98 -47.04
CA PRO E 39 11.79 -7.96 -47.39
C PRO E 39 12.25 -6.60 -47.91
N GLY E 40 13.22 -6.00 -47.21
CA GLY E 40 13.74 -4.71 -47.62
C GLY E 40 12.88 -3.52 -47.26
N GLN E 41 11.64 -3.73 -46.84
CA GLN E 41 10.82 -2.66 -46.28
C GLN E 41 10.98 -2.65 -44.76
N GLY E 42 10.56 -1.54 -44.15
CA GLY E 42 10.73 -1.38 -42.72
C GLY E 42 9.74 -2.19 -41.89
N LEU E 43 9.54 -1.78 -40.65
CA LEU E 43 8.60 -2.46 -39.76
C LEU E 43 7.23 -1.80 -39.85
N GLU E 44 6.20 -2.61 -40.10
CA GLU E 44 4.82 -2.14 -40.16
C GLU E 44 3.98 -2.82 -39.08
N TRP E 45 3.28 -2.02 -38.30
CA TRP E 45 2.36 -2.53 -37.29
C TRP E 45 1.03 -2.91 -37.95
N MET E 46 0.63 -4.17 -37.77
CA MET E 46 -0.62 -4.66 -38.35
C MET E 46 -1.79 -4.63 -37.37
N GLY E 47 -1.57 -5.08 -36.15
CA GLY E 47 -2.65 -5.13 -35.19
C GLY E 47 -2.14 -5.64 -33.88
N SER E 48 -3.02 -5.64 -32.89
CA SER E 48 -2.62 -5.91 -31.52
C SER E 48 -3.85 -6.31 -30.73
N ILE E 49 -3.62 -7.00 -29.63
CA ILE E 49 -4.69 -7.46 -28.77
C ILE E 49 -4.28 -7.32 -27.30
N PHE E 50 -5.28 -7.02 -26.45
CA PHE E 50 -5.20 -7.09 -25.00
C PHE E 50 -5.68 -8.47 -24.59
N PRO E 51 -4.77 -9.43 -24.39
CA PRO E 51 -5.23 -10.81 -24.09
C PRO E 51 -6.13 -10.92 -22.87
N LEU E 52 -5.93 -10.12 -21.83
CA LEU E 52 -6.87 -10.11 -20.71
C LEU E 52 -8.28 -9.82 -21.18
N LEU E 53 -8.41 -8.93 -22.16
CA LEU E 53 -9.70 -8.41 -22.60
C LEU E 53 -10.22 -9.13 -23.84
N GLY E 54 -9.33 -9.70 -24.65
CA GLY E 54 -9.77 -10.34 -25.88
C GLY E 54 -10.22 -9.40 -26.97
N VAL E 55 -9.97 -8.10 -26.82
CA VAL E 55 -10.42 -7.09 -27.78
C VAL E 55 -9.22 -6.70 -28.65
N PRO E 56 -9.29 -6.89 -29.97
CA PRO E 56 -8.17 -6.53 -30.84
C PRO E 56 -8.31 -5.11 -31.38
N THR E 57 -7.20 -4.61 -31.92
CA THR E 57 -7.18 -3.35 -32.67
C THR E 57 -6.35 -3.56 -33.93
N TYR E 58 -6.86 -3.09 -35.05
CA TYR E 58 -6.24 -3.34 -36.35
C TYR E 58 -5.82 -2.02 -36.99
N ALA E 59 -4.78 -2.08 -37.82
CA ALA E 59 -4.45 -0.96 -38.67
C ALA E 59 -5.37 -0.94 -39.89
N GLN E 60 -5.69 0.28 -40.36
CA GLN E 60 -6.58 0.45 -41.51
C GLN E 60 -6.15 -0.44 -42.66
N LYS E 61 -4.86 -0.70 -42.71
CA LYS E 61 -4.36 -1.13 -43.98
C LYS E 61 -4.55 -2.61 -44.16
N PHE E 62 -4.90 -3.25 -43.05
CA PHE E 62 -5.26 -4.65 -42.97
C PHE E 62 -6.70 -4.85 -42.48
N GLN E 63 -7.53 -3.81 -42.51
CA GLN E 63 -8.90 -3.95 -42.07
C GLN E 63 -9.70 -4.84 -43.01
N GLY E 64 -10.53 -5.71 -42.43
CA GLY E 64 -11.35 -6.60 -43.23
C GLY E 64 -10.60 -7.83 -43.71
N ARG E 65 -9.27 -7.77 -43.72
CA ARG E 65 -8.47 -8.88 -44.22
C ARG E 65 -7.52 -9.46 -43.19
N VAL E 66 -7.52 -8.95 -41.95
CA VAL E 66 -6.78 -9.55 -40.85
C VAL E 66 -7.71 -9.63 -39.64
N THR E 67 -7.54 -10.69 -38.85
CA THR E 67 -8.21 -10.82 -37.57
C THR E 67 -7.24 -11.46 -36.59
N VAL E 68 -7.06 -10.82 -35.45
CA VAL E 68 -6.20 -11.30 -34.38
C VAL E 68 -7.08 -11.69 -33.20
N THR E 69 -6.81 -12.87 -32.63
CA THR E 69 -7.56 -13.45 -31.53
C THR E 69 -6.60 -13.89 -30.43
N ALA E 70 -7.12 -14.10 -29.22
CA ALA E 70 -6.26 -14.46 -28.10
C ALA E 70 -7.02 -15.34 -27.12
N ASP E 71 -6.64 -16.62 -27.07
CA ASP E 71 -7.26 -17.61 -26.18
C ASP E 71 -6.38 -17.84 -24.95
N ARG E 72 -7.01 -17.83 -23.77
CA ARG E 72 -6.30 -17.69 -22.51
C ARG E 72 -5.80 -19.02 -21.94
N SER E 73 -6.56 -20.11 -22.08
CA SER E 73 -6.10 -21.40 -21.59
C SER E 73 -4.79 -21.80 -22.26
N THR E 74 -4.71 -21.63 -23.58
CA THR E 74 -3.46 -21.87 -24.29
C THR E 74 -2.43 -20.79 -24.03
N SER E 75 -2.86 -19.61 -23.56
CA SER E 75 -1.98 -18.44 -23.43
C SER E 75 -1.30 -18.15 -24.76
N THR E 76 -2.07 -18.27 -25.84
CA THR E 76 -1.57 -18.19 -27.20
C THR E 76 -2.46 -17.27 -28.02
N ALA E 77 -1.85 -16.39 -28.80
CA ALA E 77 -2.59 -15.50 -29.68
C ALA E 77 -2.33 -15.87 -31.13
N TYR E 78 -3.24 -15.46 -32.00
CA TYR E 78 -3.20 -15.81 -33.40
C TYR E 78 -3.40 -14.56 -34.25
N MET E 79 -2.86 -14.60 -35.46
CA MET E 79 -3.01 -13.54 -36.43
C MET E 79 -3.34 -14.21 -37.75
N GLU E 80 -4.48 -13.87 -38.32
CA GLU E 80 -5.02 -14.56 -39.50
C GLU E 80 -5.10 -13.56 -40.64
N LEU E 81 -4.30 -13.79 -41.68
CA LEU E 81 -4.24 -12.87 -42.81
C LEU E 81 -4.92 -13.52 -44.00
N ARG E 82 -6.00 -12.91 -44.46
CA ARG E 82 -6.79 -13.43 -45.57
C ARG E 82 -6.45 -12.70 -46.85
N SER E 83 -6.95 -13.25 -47.97
CA SER E 83 -6.82 -12.64 -49.29
C SER E 83 -5.34 -12.46 -49.63
N LEU E 84 -4.55 -13.48 -49.32
CA LEU E 84 -3.10 -13.40 -49.43
C LEU E 84 -2.67 -13.07 -50.85
N ARG E 85 -1.66 -12.21 -50.96
CA ARG E 85 -1.12 -11.83 -52.26
C ARG E 85 0.37 -11.58 -52.07
N ALA E 86 1.07 -11.39 -53.20
CA ALA E 86 2.54 -11.41 -53.18
C ALA E 86 3.12 -10.38 -52.23
N ASP E 87 2.54 -9.17 -52.19
CA ASP E 87 3.04 -8.14 -51.29
C ASP E 87 3.15 -8.60 -49.86
N ASP E 88 2.31 -9.56 -49.44
CA ASP E 88 2.30 -9.98 -48.06
C ASP E 88 3.45 -10.91 -47.70
N THR E 89 4.31 -11.28 -48.66
CA THR E 89 5.54 -11.97 -48.34
C THR E 89 6.36 -11.12 -47.39
N ALA E 90 6.70 -11.67 -46.24
CA ALA E 90 7.26 -10.89 -45.14
C ALA E 90 7.66 -11.84 -44.01
N VAL E 91 8.28 -11.29 -42.99
CA VAL E 91 8.49 -11.97 -41.73
C VAL E 91 7.59 -11.29 -40.70
N TYR E 92 6.81 -12.09 -39.98
CA TYR E 92 5.79 -11.57 -39.08
C TYR E 92 6.26 -11.76 -37.65
N TYR E 93 6.55 -10.65 -36.98
CA TYR E 93 6.92 -10.67 -35.57
C TYR E 93 5.70 -10.46 -34.71
N CYS E 94 5.57 -11.26 -33.66
CA CYS E 94 4.70 -10.86 -32.56
C CYS E 94 5.59 -10.23 -31.49
N ALA E 95 5.03 -9.26 -30.79
CA ALA E 95 5.78 -8.50 -29.81
C ALA E 95 4.82 -8.12 -28.70
N LYS E 96 5.35 -7.87 -27.50
CA LYS E 96 4.51 -7.58 -26.36
C LYS E 96 5.04 -6.35 -25.64
N ASP E 97 4.16 -5.75 -24.85
CA ASP E 97 4.54 -4.76 -23.88
C ASP E 97 3.81 -5.05 -22.58
N GLY E 98 4.45 -4.70 -21.48
CA GLY E 98 3.84 -4.82 -20.17
C GLY E 98 4.01 -6.20 -19.55
N VAL E 99 3.67 -6.27 -18.27
CA VAL E 99 3.70 -7.53 -17.54
C VAL E 99 2.31 -7.94 -17.09
N GLY E 100 1.28 -7.34 -17.65
CA GLY E 100 -0.06 -7.69 -17.27
C GLY E 100 -0.66 -6.74 -16.25
N TRP E 101 -1.98 -6.61 -16.29
CA TRP E 101 -2.66 -5.70 -15.39
C TRP E 101 -2.45 -6.15 -13.95
N SER E 102 -1.92 -5.25 -13.12
CA SER E 102 -1.73 -5.55 -11.70
C SER E 102 -3.04 -5.81 -10.98
N GLY E 103 -4.18 -5.58 -11.63
CA GLY E 103 -5.47 -5.70 -10.99
C GLY E 103 -5.81 -4.56 -10.06
N HIS E 104 -4.92 -3.60 -9.86
CA HIS E 104 -5.11 -2.55 -8.88
C HIS E 104 -5.09 -1.14 -9.45
N GLY E 105 -4.36 -0.91 -10.54
CA GLY E 105 -4.22 0.41 -11.09
C GLY E 105 -3.44 0.37 -12.38
N PRO E 106 -3.46 1.47 -13.13
CA PRO E 106 -2.72 1.50 -14.39
C PRO E 106 -1.24 1.42 -14.10
N SER E 107 -0.50 0.94 -15.09
CA SER E 107 0.95 0.89 -15.03
C SER E 107 1.49 1.87 -16.05
N GLN E 108 2.77 2.18 -15.96
CA GLN E 108 3.32 3.22 -16.81
C GLN E 108 4.11 2.53 -17.92
N TRP E 109 4.15 3.17 -19.08
CA TRP E 109 4.74 2.57 -20.28
C TRP E 109 6.20 2.18 -20.03
N SER E 110 6.60 1.04 -20.61
CA SER E 110 7.96 0.55 -20.47
C SER E 110 8.45 -0.09 -21.77
N GLY E 111 7.83 0.26 -22.90
CA GLY E 111 8.31 -0.12 -24.20
C GLY E 111 7.77 -1.44 -24.70
N VAL E 112 8.06 -1.73 -25.97
CA VAL E 112 7.81 -3.07 -26.49
C VAL E 112 8.99 -3.96 -26.09
N ASP E 113 8.85 -4.57 -24.91
CA ASP E 113 9.95 -5.26 -24.22
C ASP E 113 10.58 -6.34 -25.09
N VAL E 114 9.78 -7.33 -25.49
CA VAL E 114 10.33 -8.55 -26.04
C VAL E 114 9.66 -8.78 -27.39
N TRP E 115 10.43 -9.35 -28.30
CA TRP E 115 9.95 -9.66 -29.63
C TRP E 115 10.05 -11.16 -29.91
N GLY E 116 9.08 -11.70 -30.63
CA GLY E 116 9.15 -13.07 -31.05
C GLY E 116 10.24 -13.22 -32.10
N PRO E 117 10.65 -14.46 -32.38
CA PRO E 117 11.70 -14.66 -33.39
C PRO E 117 11.22 -14.46 -34.82
N GLY E 118 9.92 -14.33 -35.04
CA GLY E 118 9.41 -14.03 -36.37
C GLY E 118 9.04 -15.25 -37.19
N THR E 119 7.94 -15.15 -37.92
CA THR E 119 7.50 -16.19 -38.84
C THR E 119 7.72 -15.70 -40.27
N THR E 120 8.34 -16.53 -41.11
CA THR E 120 8.43 -16.24 -42.52
C THR E 120 7.17 -16.74 -43.22
N VAL E 121 6.48 -15.85 -43.92
CA VAL E 121 5.30 -16.19 -44.70
C VAL E 121 5.64 -15.89 -46.15
N THR E 122 5.90 -16.94 -46.92
CA THR E 122 6.17 -16.82 -48.35
C THR E 122 4.89 -17.10 -49.13
N VAL E 123 4.55 -16.20 -50.04
CA VAL E 123 3.35 -16.33 -50.85
C VAL E 123 3.74 -16.07 -52.30
N SER E 124 3.49 -17.04 -53.17
CA SER E 124 3.96 -17.02 -54.54
C SER E 124 3.24 -18.12 -55.31
N SER E 125 3.11 -17.92 -56.62
CA SER E 125 2.49 -18.91 -57.48
C SER E 125 3.40 -20.09 -57.78
N ALA E 126 4.69 -19.99 -57.47
CA ALA E 126 5.62 -21.06 -57.77
C ALA E 126 5.41 -22.25 -56.83
N SER E 127 5.98 -23.39 -57.22
CA SER E 127 5.88 -24.63 -56.46
C SER E 127 7.27 -25.16 -56.17
N THR E 128 7.34 -26.10 -55.24
CA THR E 128 8.62 -26.52 -54.67
C THR E 128 9.51 -27.17 -55.71
N LYS E 129 10.74 -26.67 -55.82
CA LYS E 129 11.78 -27.50 -56.38
C LYS E 129 13.17 -26.94 -56.13
N GLY E 130 14.10 -27.88 -55.97
CA GLY E 130 15.45 -27.62 -55.49
C GLY E 130 16.35 -27.10 -56.58
N PRO E 131 17.54 -26.70 -56.17
CA PRO E 131 18.41 -25.89 -57.02
C PRO E 131 19.27 -26.71 -57.96
N SER E 132 19.73 -26.03 -59.01
CA SER E 132 20.75 -26.53 -59.92
C SER E 132 22.06 -25.84 -59.59
N VAL E 133 23.12 -26.61 -59.37
CA VAL E 133 24.37 -26.12 -58.80
C VAL E 133 25.46 -26.23 -59.85
N PHE E 134 26.01 -25.09 -60.24
CA PHE E 134 26.96 -24.95 -61.34
C PHE E 134 28.21 -24.26 -60.85
N PRO E 135 29.36 -24.47 -61.50
CA PRO E 135 30.61 -23.95 -60.96
C PRO E 135 30.86 -22.53 -61.45
N LEU E 136 31.43 -21.73 -60.57
CA LEU E 136 32.07 -20.49 -60.97
C LEU E 136 33.56 -20.79 -60.93
N ALA E 137 34.06 -21.32 -62.03
CA ALA E 137 35.44 -21.76 -62.13
C ALA E 137 36.34 -20.56 -62.43
N PRO E 138 37.57 -20.58 -61.92
CA PRO E 138 38.46 -19.42 -62.09
C PRO E 138 39.25 -19.50 -63.40
N SER E 139 39.87 -18.38 -63.74
CA SER E 139 40.75 -18.30 -64.89
C SER E 139 42.19 -18.07 -64.42
N GLY E 146 47.77 -12.07 -56.42
CA GLY E 146 47.78 -13.53 -56.41
C GLY E 146 46.56 -14.17 -55.78
N THR E 147 45.40 -13.53 -55.94
CA THR E 147 44.15 -14.04 -55.38
C THR E 147 43.21 -14.44 -56.51
N ALA E 148 42.67 -15.65 -56.43
CA ALA E 148 41.69 -16.16 -57.36
C ALA E 148 40.33 -16.29 -56.67
N ALA E 149 39.28 -16.13 -57.45
CA ALA E 149 37.92 -16.35 -56.98
C ALA E 149 37.33 -17.56 -57.67
N LEU E 150 36.68 -18.40 -56.89
CA LEU E 150 35.80 -19.45 -57.39
C LEU E 150 34.51 -19.41 -56.61
N GLY E 151 33.50 -20.13 -57.09
CA GLY E 151 32.22 -20.09 -56.41
C GLY E 151 31.26 -21.10 -56.97
N CYS E 152 30.02 -21.01 -56.48
CA CYS E 152 28.93 -21.87 -56.93
C CYS E 152 27.72 -21.02 -57.26
N LEU E 153 27.08 -21.34 -58.39
CA LEU E 153 25.80 -20.75 -58.74
C LEU E 153 24.68 -21.67 -58.26
N VAL E 154 23.85 -21.17 -57.37
CA VAL E 154 22.70 -21.91 -56.87
C VAL E 154 21.46 -21.25 -57.49
N LYS E 155 20.99 -21.82 -58.60
CA LYS E 155 19.95 -21.21 -59.42
C LYS E 155 18.70 -22.09 -59.44
N ASP E 156 17.55 -21.45 -59.67
CA ASP E 156 16.29 -22.12 -59.97
C ASP E 156 15.82 -22.98 -58.80
N TYR E 157 15.56 -22.32 -57.67
CA TYR E 157 15.09 -23.03 -56.50
C TYR E 157 14.01 -22.22 -55.78
N PHE E 158 13.15 -22.97 -55.07
CA PHE E 158 12.03 -22.52 -54.26
C PHE E 158 11.64 -23.68 -53.35
N PRO E 159 11.34 -23.48 -52.08
CA PRO E 159 11.30 -22.22 -51.35
C PRO E 159 12.61 -21.95 -50.69
N GLU E 160 12.84 -20.72 -50.35
CA GLU E 160 14.00 -20.35 -49.57
C GLU E 160 13.78 -20.82 -48.13
N PRO E 161 14.85 -21.14 -47.38
CA PRO E 161 16.30 -20.94 -47.53
C PRO E 161 17.07 -22.07 -48.18
N VAL E 162 18.32 -21.75 -48.50
CA VAL E 162 19.32 -22.70 -48.97
C VAL E 162 20.61 -22.40 -48.21
N THR E 163 21.36 -23.44 -47.87
CA THR E 163 22.61 -23.27 -47.15
C THR E 163 23.79 -23.69 -48.00
N VAL E 164 24.84 -22.90 -47.95
CA VAL E 164 26.08 -23.16 -48.67
C VAL E 164 27.20 -23.28 -47.66
N SER E 165 28.11 -24.21 -47.89
CA SER E 165 29.33 -24.34 -47.12
C SER E 165 30.44 -24.71 -48.08
N TRP E 166 31.68 -24.62 -47.62
CA TRP E 166 32.82 -24.95 -48.45
C TRP E 166 33.72 -25.92 -47.72
N ASN E 167 34.11 -27.00 -48.40
CA ASN E 167 34.90 -28.08 -47.81
C ASN E 167 34.29 -28.54 -46.50
N SER E 168 32.95 -28.58 -46.47
CA SER E 168 32.17 -29.03 -45.32
C SER E 168 32.51 -28.25 -44.06
N GLY E 169 32.64 -26.94 -44.20
CA GLY E 169 32.93 -26.08 -43.07
C GLY E 169 34.40 -25.80 -42.84
N ALA E 170 35.30 -26.52 -43.50
CA ALA E 170 36.73 -26.27 -43.34
C ALA E 170 37.16 -24.92 -43.89
N LEU E 171 36.37 -24.30 -44.76
CA LEU E 171 36.73 -23.06 -45.43
C LEU E 171 35.65 -22.03 -45.19
N THR E 172 35.92 -21.02 -44.36
CA THR E 172 34.95 -19.98 -44.11
C THR E 172 35.52 -18.59 -44.37
N SER E 173 36.82 -18.42 -44.22
CA SER E 173 37.41 -17.12 -44.54
C SER E 173 37.29 -16.87 -46.03
N GLY E 174 37.00 -15.62 -46.38
CA GLY E 174 36.88 -15.20 -47.77
C GLY E 174 35.59 -15.59 -48.46
N VAL E 175 34.66 -16.23 -47.76
CA VAL E 175 33.45 -16.75 -48.38
C VAL E 175 32.37 -15.67 -48.35
N HIS E 176 31.78 -15.41 -49.50
CA HIS E 176 30.63 -14.52 -49.60
C HIS E 176 29.51 -15.29 -50.28
N THR E 177 28.48 -15.64 -49.51
CA THR E 177 27.26 -16.20 -50.05
C THR E 177 26.22 -15.09 -50.12
N PHE E 178 25.79 -14.78 -51.33
CA PHE E 178 24.98 -13.61 -51.60
C PHE E 178 23.53 -13.85 -51.22
N PRO E 179 22.83 -12.80 -50.79
CA PRO E 179 21.38 -12.89 -50.63
C PRO E 179 20.74 -13.38 -51.91
N ALA E 180 19.87 -14.38 -51.79
CA ALA E 180 19.12 -14.85 -52.94
C ALA E 180 18.32 -13.70 -53.55
N VAL E 181 18.18 -13.70 -54.88
CA VAL E 181 17.46 -12.65 -55.57
C VAL E 181 16.37 -13.34 -56.41
N LEU E 182 15.20 -12.71 -56.49
CA LEU E 182 14.05 -13.33 -57.15
C LEU E 182 14.03 -12.94 -58.63
N GLN E 183 14.14 -13.95 -59.50
CA GLN E 183 14.18 -13.73 -60.94
C GLN E 183 12.77 -13.56 -61.51
N SER E 184 12.68 -13.30 -62.82
CA SER E 184 11.38 -13.19 -63.47
C SER E 184 10.66 -14.54 -63.50
N SER E 185 11.42 -15.62 -63.47
CA SER E 185 10.85 -16.97 -63.55
C SER E 185 9.87 -17.24 -62.41
N GLY E 186 9.93 -16.47 -61.33
CA GLY E 186 9.29 -16.87 -60.09
C GLY E 186 10.14 -17.83 -59.29
N LEU E 187 11.46 -17.80 -59.50
CA LEU E 187 12.39 -18.65 -58.78
C LEU E 187 13.50 -17.78 -58.22
N TYR E 188 14.12 -18.26 -57.14
CA TYR E 188 15.28 -17.63 -56.55
C TYR E 188 16.54 -18.11 -57.24
N SER E 189 17.59 -17.29 -57.16
CA SER E 189 18.91 -17.63 -57.65
C SER E 189 19.94 -16.98 -56.74
N LEU E 190 21.08 -17.66 -56.58
CA LEU E 190 22.04 -17.32 -55.55
C LEU E 190 23.44 -17.67 -56.03
N SER E 191 24.41 -16.86 -55.62
CA SER E 191 25.82 -17.19 -55.84
C SER E 191 26.55 -17.20 -54.51
N SER E 192 27.52 -18.09 -54.39
CA SER E 192 28.41 -18.14 -53.23
C SER E 192 29.83 -18.21 -53.76
N VAL E 193 30.67 -17.27 -53.34
CA VAL E 193 32.02 -17.10 -53.86
C VAL E 193 33.01 -17.17 -52.72
N VAL E 194 34.22 -17.58 -53.04
CA VAL E 194 35.33 -17.58 -52.09
C VAL E 194 36.61 -17.18 -52.81
N THR E 195 37.41 -16.35 -52.15
CA THR E 195 38.74 -15.99 -52.62
C THR E 195 39.78 -16.90 -52.00
N VAL E 196 40.69 -17.39 -52.83
CA VAL E 196 41.72 -18.34 -52.40
C VAL E 196 43.04 -17.95 -53.05
N PRO E 197 44.16 -18.43 -52.49
CA PRO E 197 45.45 -18.23 -53.16
C PRO E 197 45.46 -18.90 -54.54
N SER E 198 45.67 -18.09 -55.58
CA SER E 198 45.76 -18.64 -56.93
C SER E 198 46.82 -19.72 -57.01
N SER E 199 47.81 -19.66 -56.12
CA SER E 199 48.85 -20.66 -55.93
C SER E 199 48.28 -22.05 -55.66
N SER E 200 46.98 -22.15 -55.37
CA SER E 200 46.40 -23.40 -54.89
C SER E 200 45.42 -24.03 -55.86
N LEU E 201 45.22 -23.44 -57.04
CA LEU E 201 44.05 -23.77 -57.85
C LEU E 201 44.09 -25.20 -58.38
N GLY E 202 45.04 -25.50 -59.26
CA GLY E 202 45.08 -26.85 -59.78
C GLY E 202 45.27 -27.89 -58.71
N THR E 203 45.65 -27.46 -57.51
CA THR E 203 46.20 -28.41 -56.58
C THR E 203 45.33 -28.59 -55.34
N GLN E 204 44.83 -27.52 -54.68
CA GLN E 204 43.87 -27.66 -53.58
C GLN E 204 42.45 -27.91 -54.08
N THR E 205 41.80 -28.95 -53.54
CA THR E 205 40.46 -29.32 -53.99
C THR E 205 39.41 -28.50 -53.25
N TYR E 206 38.44 -27.96 -54.02
CA TYR E 206 37.42 -27.07 -53.48
C TYR E 206 36.04 -27.66 -53.75
N ILE E 207 35.27 -27.86 -52.69
CA ILE E 207 33.92 -28.37 -52.79
C ILE E 207 32.97 -27.39 -52.11
N CYS E 208 31.82 -27.11 -52.73
CA CYS E 208 30.78 -26.32 -52.08
C CYS E 208 29.64 -27.27 -51.74
N ASN E 209 29.09 -27.19 -50.53
CA ASN E 209 28.05 -28.14 -50.17
C ASN E 209 26.76 -27.34 -50.02
N VAL E 210 25.91 -27.42 -51.02
CA VAL E 210 24.58 -26.82 -50.99
C VAL E 210 23.62 -27.89 -50.51
N ASN E 211 22.68 -27.53 -49.63
CA ASN E 211 21.63 -28.49 -49.38
C ASN E 211 20.39 -27.63 -49.24
N HIS E 212 19.27 -28.11 -49.78
CA HIS E 212 18.02 -27.35 -49.84
C HIS E 212 17.00 -28.21 -49.12
N LYS E 213 16.94 -28.04 -47.80
CA LYS E 213 16.14 -28.93 -46.98
C LYS E 213 14.65 -28.99 -47.34
N PRO E 214 13.99 -27.93 -47.84
CA PRO E 214 12.58 -28.08 -48.23
C PRO E 214 12.34 -28.94 -49.47
N SER E 215 13.35 -29.20 -50.30
CA SER E 215 13.19 -30.07 -51.46
C SER E 215 14.03 -31.33 -51.36
N ASN E 216 14.72 -31.53 -50.24
CA ASN E 216 15.54 -32.71 -49.98
C ASN E 216 16.61 -32.93 -51.06
N THR E 217 17.02 -31.88 -51.77
CA THR E 217 18.12 -32.00 -52.71
C THR E 217 19.40 -31.50 -52.04
N LYS E 218 20.48 -32.24 -52.29
CA LYS E 218 21.75 -31.99 -51.65
C LYS E 218 22.80 -32.19 -52.73
N VAL E 219 23.65 -31.21 -52.93
CA VAL E 219 24.70 -31.33 -53.94
C VAL E 219 26.05 -31.08 -53.27
N ASP E 220 27.06 -31.85 -53.70
CA ASP E 220 28.44 -31.67 -53.26
C ASP E 220 29.31 -31.64 -54.51
N LYS E 221 29.20 -30.59 -55.32
CA LYS E 221 29.88 -30.58 -56.62
C LYS E 221 31.14 -29.73 -56.58
N ARG E 222 32.22 -30.28 -57.13
CA ARG E 222 33.54 -29.68 -57.06
C ARG E 222 33.68 -28.53 -58.04
N VAL E 223 34.23 -27.41 -57.56
CA VAL E 223 34.63 -26.34 -58.45
C VAL E 223 36.06 -26.59 -58.88
N GLU E 224 36.29 -26.61 -60.18
CA GLU E 224 37.58 -27.03 -60.67
C GLU E 224 38.01 -26.10 -61.81
N PRO E 225 39.29 -25.69 -61.83
CA PRO E 225 39.78 -24.71 -62.80
C PRO E 225 39.62 -25.16 -64.25
N ASP F 1 -1.43 7.72 -36.88
CA ASP F 1 -1.75 8.99 -37.52
C ASP F 1 -0.60 9.98 -37.35
N ILE F 2 0.05 9.92 -36.20
CA ILE F 2 1.32 10.63 -36.02
C ILE F 2 2.37 10.01 -36.93
N VAL F 3 3.01 10.83 -37.75
CA VAL F 3 4.03 10.38 -38.69
C VAL F 3 5.41 10.59 -38.07
N MET F 4 6.26 9.58 -38.14
CA MET F 4 7.61 9.64 -37.60
C MET F 4 8.59 9.59 -38.76
N THR F 5 9.33 10.68 -38.98
CA THR F 5 10.40 10.71 -39.97
C THR F 5 11.74 10.84 -39.27
N GLN F 6 12.73 10.12 -39.80
CA GLN F 6 14.06 10.06 -39.22
C GLN F 6 15.10 10.72 -40.11
N SER F 7 16.27 10.99 -39.52
CA SER F 7 17.39 11.59 -40.21
C SER F 7 18.67 11.18 -39.51
N PRO F 8 19.70 10.76 -40.25
CA PRO F 8 19.59 10.54 -41.70
C PRO F 8 18.92 9.21 -41.98
N LEU F 9 18.94 8.79 -43.24
CA LEU F 9 18.57 7.42 -43.55
C LEU F 9 19.78 6.50 -43.53
N SER F 10 20.93 7.05 -43.93
CA SER F 10 22.19 6.34 -44.01
C SER F 10 23.17 7.05 -43.09
N LEU F 11 23.81 6.32 -42.17
CA LEU F 11 24.78 6.95 -41.29
C LEU F 11 26.08 6.15 -41.24
N PRO F 12 27.05 6.48 -42.10
CA PRO F 12 28.39 5.88 -41.97
C PRO F 12 29.15 6.55 -40.83
N VAL F 13 29.62 5.74 -39.88
CA VAL F 13 30.32 6.22 -38.70
C VAL F 13 31.65 5.48 -38.58
N THR F 14 32.72 6.25 -38.29
CA THR F 14 34.02 5.63 -38.02
C THR F 14 34.01 5.03 -36.62
N PRO F 15 34.62 3.84 -36.45
CA PRO F 15 34.70 3.24 -35.11
C PRO F 15 35.40 4.17 -34.11
N GLY F 16 34.75 4.37 -32.97
CA GLY F 16 35.21 5.30 -31.96
C GLY F 16 34.46 6.61 -31.94
N GLU F 17 33.86 6.96 -33.06
CA GLU F 17 33.12 8.22 -33.21
C GLU F 17 31.72 8.06 -32.59
N PRO F 18 31.25 9.07 -31.87
CA PRO F 18 29.82 9.18 -31.58
C PRO F 18 28.97 9.22 -32.86
N ALA F 19 27.66 9.02 -32.67
CA ALA F 19 26.70 8.93 -33.76
C ALA F 19 25.35 9.45 -33.29
N SER F 20 24.69 10.21 -34.16
CA SER F 20 23.46 10.90 -33.79
C SER F 20 22.40 10.62 -34.85
N ILE F 21 21.33 9.98 -34.44
CA ILE F 21 20.14 9.80 -35.27
C ILE F 21 19.09 10.77 -34.77
N SER F 22 18.32 11.34 -35.68
CA SER F 22 17.28 12.28 -35.32
C SER F 22 15.92 11.71 -35.71
N CYS F 23 14.92 11.98 -34.87
CA CYS F 23 13.55 11.54 -35.11
C CYS F 23 12.64 12.74 -34.90
N THR F 24 11.70 12.96 -35.83
CA THR F 24 10.75 14.05 -35.75
C THR F 24 9.34 13.50 -35.88
N SER F 25 8.44 13.97 -35.03
CA SER F 25 7.07 13.50 -34.97
C SER F 25 6.13 14.57 -35.48
N SER F 26 5.04 14.14 -36.12
CA SER F 26 4.06 15.07 -36.66
C SER F 26 3.26 15.78 -35.56
N GLN F 27 3.17 15.19 -34.37
CA GLN F 27 2.49 15.80 -33.24
C GLN F 27 3.40 15.74 -32.03
N SER F 28 3.09 16.57 -31.03
CA SER F 28 3.88 16.56 -29.80
C SER F 28 3.68 15.26 -29.03
N LEU F 29 4.79 14.71 -28.54
CA LEU F 29 4.80 13.43 -27.83
C LEU F 29 4.89 13.59 -26.33
N LEU F 30 4.73 14.79 -25.80
CA LEU F 30 4.78 15.02 -24.36
C LEU F 30 3.35 15.15 -23.82
N HIS F 31 3.09 14.47 -22.71
CA HIS F 31 1.76 14.22 -22.21
C HIS F 31 1.52 14.99 -20.92
N SER F 32 0.26 14.95 -20.45
CA SER F 32 -0.08 15.49 -19.13
C SER F 32 0.86 14.96 -18.07
N THR F 33 1.03 13.64 -18.05
CA THR F 33 1.93 12.89 -17.20
C THR F 33 3.28 13.56 -16.97
N GLY F 34 3.86 14.14 -18.02
CA GLY F 34 5.19 14.73 -17.93
C GLY F 34 6.32 13.91 -18.54
N TYR F 35 6.00 12.86 -19.30
CA TYR F 35 6.99 12.04 -19.98
C TYR F 35 6.80 12.14 -21.49
N ASN F 36 7.87 11.90 -22.23
CA ASN F 36 7.83 11.89 -23.69
C ASN F 36 7.69 10.44 -24.14
N TYR F 37 6.65 10.15 -24.91
CA TYR F 37 6.32 8.76 -25.26
C TYR F 37 6.90 8.40 -26.62
N LEU F 38 8.23 8.40 -26.66
CA LEU F 38 8.98 7.98 -27.84
C LEU F 38 9.96 6.88 -27.44
N ASP F 39 10.00 5.82 -28.24
CA ASP F 39 10.89 4.69 -28.04
C ASP F 39 11.93 4.63 -29.15
N TRP F 40 13.02 3.91 -28.88
CA TRP F 40 14.06 3.64 -29.87
C TRP F 40 14.27 2.14 -29.94
N TYR F 41 14.30 1.58 -31.16
CA TYR F 41 14.52 0.16 -31.39
C TYR F 41 15.66 -0.03 -32.38
N VAL F 42 16.42 -1.12 -32.22
CA VAL F 42 17.44 -1.49 -33.20
C VAL F 42 17.14 -2.88 -33.73
N GLN F 43 17.23 -3.03 -35.05
CA GLN F 43 17.23 -4.34 -35.68
C GLN F 43 18.61 -4.58 -36.28
N LYS F 44 19.42 -5.38 -35.58
CA LYS F 44 20.68 -5.81 -36.15
C LYS F 44 20.42 -6.87 -37.22
N PRO F 45 21.30 -6.98 -38.21
CA PRO F 45 21.02 -7.86 -39.36
C PRO F 45 20.71 -9.29 -38.94
N GLY F 46 19.58 -9.81 -39.43
CA GLY F 46 19.21 -11.19 -39.20
C GLY F 46 18.59 -11.50 -37.86
N GLN F 47 18.18 -10.48 -37.09
CA GLN F 47 17.66 -10.70 -35.75
C GLN F 47 16.38 -9.90 -35.55
N SER F 48 15.65 -10.26 -34.50
CA SER F 48 14.43 -9.55 -34.18
C SER F 48 14.75 -8.12 -33.75
N PRO F 49 13.89 -7.16 -34.05
CA PRO F 49 14.00 -5.87 -33.39
C PRO F 49 14.10 -6.04 -31.87
N GLN F 50 15.05 -5.32 -31.27
CA GLN F 50 15.04 -5.06 -29.83
C GLN F 50 14.87 -3.58 -29.46
N LEU F 51 14.56 -3.42 -28.18
CA LEU F 51 14.29 -2.14 -27.56
C LEU F 51 15.57 -1.62 -26.94
N LEU F 52 15.86 -0.35 -27.19
CA LEU F 52 17.02 0.34 -26.64
C LEU F 52 16.66 1.38 -25.60
N ILE F 53 15.75 2.28 -25.95
CA ILE F 53 15.43 3.45 -25.12
C ILE F 53 13.91 3.59 -25.12
N TYR F 54 13.33 3.75 -23.94
CA TYR F 54 11.91 4.05 -23.87
C TYR F 54 11.68 5.28 -23.02
N LEU F 55 10.56 5.95 -23.29
CA LEU F 55 10.20 7.22 -22.65
C LEU F 55 11.30 8.27 -22.86
N GLY F 56 11.87 8.29 -24.05
CA GLY F 56 12.86 9.28 -24.44
C GLY F 56 14.30 9.01 -24.06
N SER F 57 14.52 8.51 -22.84
CA SER F 57 15.90 8.45 -22.35
C SER F 57 16.23 7.29 -21.41
N ILE F 58 15.36 6.30 -21.24
CA ILE F 58 15.60 5.20 -20.29
C ILE F 58 16.16 4.00 -21.02
N ARG F 59 17.25 3.44 -20.52
CA ARG F 59 17.85 2.29 -21.19
C ARG F 59 17.12 1.00 -20.85
N ALA F 60 16.97 0.15 -21.85
CA ALA F 60 16.35 -1.14 -21.69
C ALA F 60 17.35 -2.12 -21.10
N SER F 61 16.85 -3.26 -20.64
CA SER F 61 17.69 -4.31 -20.10
C SER F 61 18.83 -4.63 -21.05
N GLY F 62 20.06 -4.50 -20.55
CA GLY F 62 21.23 -4.81 -21.32
C GLY F 62 21.83 -3.67 -22.12
N VAL F 63 21.22 -2.49 -22.11
CA VAL F 63 21.68 -1.38 -22.95
C VAL F 63 22.72 -0.56 -22.21
N PRO F 64 23.90 -0.36 -22.79
CA PRO F 64 25.00 0.29 -22.04
C PRO F 64 24.86 1.79 -21.97
N ASP F 65 25.66 2.39 -21.08
CA ASP F 65 25.67 3.83 -20.86
C ASP F 65 25.85 4.61 -22.15
N ARG F 66 26.77 4.13 -23.01
CA ARG F 66 27.08 4.76 -24.28
C ARG F 66 25.87 4.94 -25.21
N PHE F 67 24.72 4.31 -24.93
CA PHE F 67 23.48 4.65 -25.64
C PHE F 67 22.71 5.68 -24.82
N SER F 68 22.41 6.84 -25.42
CA SER F 68 21.61 7.84 -24.75
C SER F 68 20.65 8.48 -25.75
N GLY F 69 19.41 8.71 -25.30
CA GLY F 69 18.42 9.41 -26.09
C GLY F 69 18.02 10.69 -25.39
N SER F 70 17.73 11.72 -26.18
CA SER F 70 17.34 13.01 -25.62
C SER F 70 16.26 13.63 -26.51
N GLY F 71 15.75 14.76 -26.06
CA GLY F 71 14.76 15.52 -26.79
C GLY F 71 13.42 15.56 -26.09
N SER F 72 12.53 16.38 -26.63
CA SER F 72 11.20 16.50 -26.07
C SER F 72 10.25 17.10 -27.10
N GLY F 73 8.97 16.77 -26.95
CA GLY F 73 7.92 17.33 -27.79
C GLY F 73 7.82 16.68 -29.15
N THR F 74 8.50 17.27 -30.14
CA THR F 74 8.50 16.74 -31.49
C THR F 74 9.88 16.44 -32.02
N ASP F 75 10.94 16.92 -31.37
CA ASP F 75 12.30 16.58 -31.76
C ASP F 75 12.94 15.68 -30.72
N PHE F 76 13.55 14.60 -31.18
CA PHE F 76 14.28 13.67 -30.34
C PHE F 76 15.54 13.24 -31.07
N THR F 77 16.51 12.75 -30.30
CA THR F 77 17.75 12.23 -30.87
C THR F 77 18.22 11.02 -30.08
N LEU F 78 18.63 9.98 -30.80
CA LEU F 78 19.40 8.89 -30.21
C LEU F 78 20.88 9.14 -30.47
N ARG F 79 21.69 8.93 -29.45
CA ARG F 79 23.12 9.25 -29.50
C ARG F 79 23.90 8.03 -29.02
N ILE F 80 24.76 7.50 -29.89
CA ILE F 80 25.76 6.52 -29.50
C ILE F 80 27.09 7.25 -29.40
N SER F 81 27.90 6.88 -28.40
CA SER F 81 29.16 7.58 -28.17
C SER F 81 30.37 6.86 -28.76
N ARG F 82 30.41 5.53 -28.76
CA ARG F 82 31.62 4.82 -29.17
C ARG F 82 31.21 3.60 -30.01
N VAL F 83 30.96 3.85 -31.30
CA VAL F 83 30.39 2.81 -32.16
C VAL F 83 31.40 1.68 -32.35
N GLU F 84 30.87 0.48 -32.56
CA GLU F 84 31.65 -0.74 -32.76
C GLU F 84 31.08 -1.51 -33.94
N ALA F 85 31.58 -2.72 -34.16
CA ALA F 85 30.95 -3.58 -35.16
C ALA F 85 29.63 -4.14 -34.65
N GLY F 86 29.40 -4.13 -33.34
CA GLY F 86 28.17 -4.69 -32.80
C GLY F 86 26.97 -3.82 -33.05
N ASP F 87 27.14 -2.50 -32.94
CA ASP F 87 26.05 -1.55 -32.99
C ASP F 87 25.42 -1.41 -34.37
N VAL F 88 25.98 -2.06 -35.39
CA VAL F 88 25.44 -1.96 -36.74
C VAL F 88 24.00 -2.49 -36.78
N GLY F 89 23.19 -1.92 -37.67
CA GLY F 89 21.81 -2.34 -37.82
C GLY F 89 20.96 -1.17 -38.26
N ILE F 90 19.64 -1.38 -38.25
CA ILE F 90 18.70 -0.34 -38.67
C ILE F 90 17.99 0.16 -37.41
N TYR F 91 18.06 1.46 -37.17
CA TYR F 91 17.60 2.09 -35.94
C TYR F 91 16.26 2.77 -36.18
N TYR F 92 15.25 2.37 -35.39
CA TYR F 92 13.90 2.86 -35.53
C TYR F 92 13.48 3.63 -34.29
N CYS F 93 12.78 4.75 -34.49
CA CYS F 93 12.05 5.37 -33.40
C CYS F 93 10.57 5.01 -33.50
N MET F 94 9.88 5.13 -32.37
CA MET F 94 8.47 4.73 -32.32
C MET F 94 7.75 5.58 -31.29
N GLN F 95 6.59 6.12 -31.65
CA GLN F 95 5.80 6.87 -30.68
C GLN F 95 4.87 5.94 -29.90
N ALA F 96 4.78 6.17 -28.58
CA ALA F 96 3.93 5.36 -27.71
C ALA F 96 2.74 6.11 -27.15
N LEU F 97 2.52 7.37 -27.53
CA LEU F 97 1.17 7.86 -27.50
C LEU F 97 0.35 7.06 -28.50
N GLU F 98 -0.97 7.08 -28.34
CA GLU F 98 -1.87 6.38 -29.27
C GLU F 98 -1.61 4.88 -29.29
N ILE F 99 -1.19 4.31 -28.16
CA ILE F 99 -1.15 2.86 -27.99
C ILE F 99 -2.58 2.37 -27.77
N PRO F 100 -2.94 1.11 -28.11
CA PRO F 100 -2.12 -0.01 -28.58
C PRO F 100 -1.58 0.16 -29.99
N ARG F 101 -1.99 1.21 -30.69
CA ARG F 101 -1.48 1.45 -32.04
C ARG F 101 -0.03 1.93 -32.00
N LEU F 102 0.81 1.32 -32.82
CA LEU F 102 2.20 1.74 -32.97
C LEU F 102 2.42 2.28 -34.38
N THR F 103 3.37 3.21 -34.51
CA THR F 103 3.84 3.65 -35.81
C THR F 103 5.35 3.76 -35.74
N PHE F 104 6.03 3.15 -36.71
CA PHE F 104 7.48 3.10 -36.72
C PHE F 104 8.03 4.05 -37.77
N GLY F 105 9.25 4.53 -37.53
CA GLY F 105 9.93 5.32 -38.53
C GLY F 105 10.29 4.49 -39.75
N GLY F 106 10.81 5.18 -40.77
CA GLY F 106 11.39 4.46 -41.88
C GLY F 106 12.72 3.82 -41.55
N GLY F 107 13.27 4.09 -40.39
CA GLY F 107 14.54 3.51 -39.99
C GLY F 107 15.74 4.32 -40.43
N THR F 108 16.82 4.19 -39.67
CA THR F 108 18.14 4.70 -40.03
C THR F 108 19.14 3.56 -39.92
N LYS F 109 19.86 3.29 -41.00
CA LYS F 109 20.85 2.21 -41.00
C LYS F 109 22.21 2.76 -40.61
N LEU F 110 22.85 2.12 -39.63
CA LEU F 110 24.15 2.53 -39.12
C LEU F 110 25.22 1.68 -39.79
N GLU F 111 26.17 2.34 -40.44
CA GLU F 111 27.28 1.65 -41.07
C GLU F 111 28.59 2.08 -40.43
N ILE F 112 29.59 1.23 -40.56
CA ILE F 112 30.93 1.54 -40.11
C ILE F 112 31.71 2.20 -41.25
N LYS F 113 32.39 3.30 -40.95
CA LYS F 113 33.14 4.01 -41.97
C LYS F 113 34.58 3.49 -42.03
N ARG F 114 35.22 3.74 -43.17
CA ARG F 114 36.27 2.88 -43.66
C ARG F 114 36.92 3.59 -44.84
N THR F 115 38.22 3.39 -45.00
CA THR F 115 38.88 4.02 -46.14
C THR F 115 38.30 3.46 -47.43
N VAL F 116 38.10 4.34 -48.41
CA VAL F 116 37.64 3.93 -49.74
C VAL F 116 38.44 2.72 -50.18
N ALA F 117 37.74 1.70 -50.70
CA ALA F 117 38.38 0.49 -51.18
C ALA F 117 37.79 0.10 -52.52
N ALA F 118 38.64 -0.10 -53.50
CA ALA F 118 38.20 -0.40 -54.85
C ALA F 118 37.85 -1.87 -54.99
N PRO F 119 36.84 -2.20 -55.80
CA PRO F 119 36.45 -3.60 -55.93
C PRO F 119 37.42 -4.36 -56.81
N SER F 120 37.71 -5.59 -56.40
CA SER F 120 38.43 -6.53 -57.25
C SER F 120 37.40 -7.22 -58.12
N VAL F 121 37.49 -7.04 -59.41
CA VAL F 121 36.44 -7.47 -60.32
C VAL F 121 36.87 -8.78 -60.97
N PHE F 122 36.00 -9.77 -60.89
CA PHE F 122 36.19 -11.06 -61.53
C PHE F 122 34.99 -11.25 -62.46
N ILE F 123 35.19 -12.09 -63.48
CA ILE F 123 34.13 -12.45 -64.40
C ILE F 123 34.16 -13.95 -64.60
N PHE F 124 32.98 -14.55 -64.68
CA PHE F 124 32.82 -16.01 -64.76
C PHE F 124 31.95 -16.31 -65.97
N PRO F 125 32.40 -17.13 -66.91
CA PRO F 125 31.54 -17.55 -68.01
C PRO F 125 30.57 -18.62 -67.56
N PRO F 126 29.48 -18.84 -68.28
CA PRO F 126 28.53 -19.88 -67.88
C PRO F 126 29.18 -21.25 -67.82
N SER F 127 28.70 -22.06 -66.89
CA SER F 127 29.16 -23.42 -66.78
C SER F 127 28.95 -24.14 -68.11
N ASP F 128 30.03 -24.75 -68.63
CA ASP F 128 29.86 -25.61 -69.79
C ASP F 128 28.74 -26.61 -69.57
N GLU F 129 28.56 -27.06 -68.33
CA GLU F 129 27.34 -27.76 -67.95
C GLU F 129 26.11 -26.88 -68.21
N GLN F 130 26.05 -25.71 -67.57
CA GLN F 130 24.82 -24.90 -67.59
C GLN F 130 24.25 -24.78 -68.99
N LEU F 131 25.13 -24.63 -69.99
CA LEU F 131 24.66 -24.50 -71.37
C LEU F 131 23.72 -25.62 -71.77
N LYS F 132 23.94 -26.83 -71.25
CA LYS F 132 23.21 -28.03 -71.66
C LYS F 132 21.70 -27.86 -71.62
N SER F 133 21.17 -26.91 -70.84
CA SER F 133 19.73 -26.76 -70.66
C SER F 133 19.20 -25.45 -71.23
N GLY F 134 19.82 -24.94 -72.28
CA GLY F 134 19.37 -23.68 -72.87
C GLY F 134 19.57 -22.47 -72.01
N THR F 135 20.47 -22.54 -71.03
CA THR F 135 20.64 -21.51 -70.02
C THR F 135 22.08 -21.00 -70.00
N ALA F 136 22.25 -19.70 -69.77
CA ALA F 136 23.57 -19.08 -69.71
C ALA F 136 23.55 -18.00 -68.64
N SER F 137 24.52 -18.04 -67.74
CA SER F 137 24.66 -17.06 -66.67
C SER F 137 26.09 -16.53 -66.68
N VAL F 138 26.26 -15.28 -67.09
CA VAL F 138 27.51 -14.57 -66.90
C VAL F 138 27.44 -13.80 -65.59
N VAL F 139 28.31 -14.18 -64.65
CA VAL F 139 28.38 -13.58 -63.32
C VAL F 139 29.58 -12.64 -63.28
N CYS F 140 29.38 -11.47 -62.67
CA CYS F 140 30.47 -10.55 -62.37
C CYS F 140 30.50 -10.35 -60.86
N LEU F 141 31.69 -10.50 -60.27
CA LEU F 141 31.89 -10.34 -58.84
C LEU F 141 32.69 -9.08 -58.56
N LEU F 142 32.13 -8.22 -57.72
CA LEU F 142 32.79 -7.01 -57.25
C LEU F 142 33.07 -7.27 -55.78
N ASN F 143 34.34 -7.37 -55.41
CA ASN F 143 34.73 -7.95 -54.13
C ASN F 143 35.42 -6.92 -53.25
N ASN F 144 34.96 -6.79 -52.02
CA ASN F 144 35.67 -6.08 -50.95
C ASN F 144 35.86 -4.61 -51.30
N PHE F 145 34.77 -3.97 -51.67
CA PHE F 145 34.77 -2.54 -51.91
C PHE F 145 33.95 -1.83 -50.84
N TYR F 146 34.19 -0.53 -50.76
CA TYR F 146 33.36 0.54 -50.21
C TYR F 146 33.86 1.96 -50.47
N PRO F 147 32.90 2.94 -50.58
CA PRO F 147 31.45 2.85 -50.28
C PRO F 147 30.53 1.89 -51.06
N ARG F 148 29.32 1.76 -50.51
CA ARG F 148 28.20 1.01 -51.07
C ARG F 148 28.05 1.25 -52.57
N GLU F 149 28.36 2.47 -53.02
CA GLU F 149 28.01 2.79 -54.41
C GLU F 149 28.85 1.94 -55.37
N ALA F 150 28.17 1.40 -56.38
CA ALA F 150 28.73 0.41 -57.29
C ALA F 150 27.86 0.31 -58.53
N LYS F 151 28.50 0.47 -59.69
CA LYS F 151 27.86 0.48 -61.00
C LYS F 151 28.39 -0.67 -61.82
N VAL F 152 27.59 -1.73 -61.97
CA VAL F 152 27.80 -2.68 -63.05
C VAL F 152 27.24 -2.13 -64.34
N GLN F 153 27.95 -2.40 -65.43
CA GLN F 153 27.61 -1.89 -66.76
C GLN F 153 28.01 -2.97 -67.76
N TRP F 154 27.03 -3.77 -68.19
CA TRP F 154 27.28 -4.94 -69.02
C TRP F 154 27.30 -4.59 -70.50
N LYS F 155 28.16 -5.28 -71.25
CA LYS F 155 28.34 -5.04 -72.68
C LYS F 155 28.59 -6.37 -73.38
N VAL F 156 27.66 -6.76 -74.25
CA VAL F 156 27.80 -7.98 -75.06
C VAL F 156 28.11 -7.57 -76.50
N ASP F 157 29.31 -7.91 -76.98
CA ASP F 157 29.86 -7.43 -78.26
C ASP F 157 29.89 -5.90 -78.32
N ASN F 158 30.40 -5.33 -77.23
CA ASN F 158 30.57 -3.92 -76.89
C ASN F 158 29.21 -3.24 -76.67
N ALA F 159 28.10 -3.90 -76.96
CA ALA F 159 26.79 -3.26 -76.98
C ALA F 159 26.17 -3.30 -75.60
N LEU F 160 25.62 -2.17 -75.16
CA LEU F 160 25.16 -2.04 -73.79
C LEU F 160 23.85 -2.79 -73.58
N GLN F 161 23.70 -3.40 -72.41
CA GLN F 161 22.58 -4.26 -72.10
C GLN F 161 21.71 -3.63 -71.02
N SER F 162 20.43 -4.02 -71.03
CA SER F 162 19.44 -3.42 -70.13
C SER F 162 18.33 -4.44 -69.86
N GLY F 163 17.89 -4.49 -68.60
CA GLY F 163 16.78 -5.34 -68.23
C GLY F 163 17.06 -6.81 -68.18
N ASN F 164 18.31 -7.23 -68.41
CA ASN F 164 18.69 -8.63 -68.34
C ASN F 164 19.63 -8.90 -67.16
N SER F 165 20.00 -7.87 -66.41
CA SER F 165 20.90 -7.99 -65.28
C SER F 165 20.11 -8.05 -63.97
N GLN F 166 20.61 -8.85 -63.03
CA GLN F 166 20.14 -8.84 -61.66
C GLN F 166 21.34 -8.86 -60.73
N GLU F 167 21.22 -8.22 -59.58
CA GLU F 167 22.35 -8.09 -58.68
C GLU F 167 21.90 -8.27 -57.23
N SER F 168 22.82 -8.78 -56.42
CA SER F 168 22.64 -8.78 -54.97
C SER F 168 23.98 -8.41 -54.33
N VAL F 169 23.88 -7.73 -53.19
CA VAL F 169 25.04 -7.22 -52.46
C VAL F 169 25.13 -7.98 -51.15
N THR F 170 26.35 -8.30 -50.73
CA THR F 170 26.47 -8.78 -49.37
C THR F 170 26.20 -7.62 -48.41
N GLU F 171 26.16 -7.94 -47.13
CA GLU F 171 26.05 -6.92 -46.10
C GLU F 171 27.39 -6.83 -45.39
N GLN F 172 27.73 -5.60 -44.99
CA GLN F 172 29.10 -5.20 -44.73
C GLN F 172 29.86 -6.20 -43.88
N ASP F 173 31.08 -6.51 -44.31
CA ASP F 173 31.99 -7.37 -43.57
C ASP F 173 32.15 -6.86 -42.14
N SER F 174 32.37 -7.78 -41.21
CA SER F 174 32.61 -7.42 -39.82
C SER F 174 34.08 -7.12 -39.55
N LYS F 175 34.99 -7.91 -40.12
CA LYS F 175 36.42 -7.67 -39.99
C LYS F 175 36.83 -6.38 -40.71
N ASP F 176 36.80 -6.39 -42.03
CA ASP F 176 37.36 -5.27 -42.81
C ASP F 176 36.33 -4.22 -43.22
N SER F 177 35.04 -4.49 -43.01
CA SER F 177 33.96 -3.54 -43.26
C SER F 177 33.75 -3.25 -44.74
N THR F 178 33.98 -4.22 -45.62
CA THR F 178 33.71 -4.06 -47.04
C THR F 178 32.44 -4.79 -47.45
N TYR F 179 32.04 -4.54 -48.69
CA TYR F 179 30.89 -5.16 -49.33
C TYR F 179 31.35 -6.08 -50.45
N SER F 180 30.39 -6.77 -51.05
CA SER F 180 30.63 -7.62 -52.19
C SER F 180 29.35 -7.69 -53.01
N LEU F 181 29.49 -7.50 -54.32
CA LEU F 181 28.35 -7.51 -55.22
C LEU F 181 28.54 -8.61 -56.25
N SER F 182 27.45 -9.29 -56.57
CA SER F 182 27.39 -10.23 -57.67
C SER F 182 26.36 -9.73 -58.66
N SER F 183 26.76 -9.59 -59.91
CA SER F 183 25.84 -9.22 -60.99
C SER F 183 25.77 -10.40 -61.94
N THR F 184 24.61 -11.06 -61.97
CA THR F 184 24.39 -12.20 -62.85
C THR F 184 23.61 -11.73 -64.07
N LEU F 185 24.14 -12.01 -65.25
CA LEU F 185 23.45 -11.70 -66.49
C LEU F 185 23.00 -13.02 -67.12
N THR F 186 21.69 -13.25 -67.09
CA THR F 186 21.09 -14.50 -67.55
C THR F 186 20.67 -14.36 -69.01
N LEU F 187 21.08 -15.32 -69.84
CA LEU F 187 20.75 -15.32 -71.26
C LEU F 187 20.33 -16.73 -71.66
N SER F 188 20.31 -17.00 -72.96
CA SER F 188 20.08 -18.33 -73.50
C SER F 188 21.32 -18.77 -74.28
N LYS F 189 21.33 -20.05 -74.66
CA LYS F 189 22.41 -20.59 -75.47
C LYS F 189 22.66 -19.72 -76.70
N ALA F 190 21.62 -19.58 -77.54
CA ALA F 190 21.78 -18.95 -78.84
C ALA F 190 22.20 -17.49 -78.70
N ASP F 191 21.65 -16.79 -77.71
CA ASP F 191 22.05 -15.41 -77.49
C ASP F 191 23.45 -15.32 -76.91
N TYR F 192 23.85 -16.31 -76.10
CA TYR F 192 25.23 -16.37 -75.62
C TYR F 192 26.17 -16.89 -76.70
N GLU F 193 25.68 -17.71 -77.63
CA GLU F 193 26.50 -18.30 -78.67
C GLU F 193 26.52 -17.49 -79.97
N LYS F 194 25.91 -16.30 -79.98
CA LYS F 194 25.97 -15.40 -81.12
C LYS F 194 26.99 -14.30 -80.93
N HIS F 195 27.63 -14.23 -79.77
CA HIS F 195 28.43 -13.09 -79.36
C HIS F 195 29.76 -13.59 -78.81
N LYS F 196 30.72 -12.67 -78.68
CA LYS F 196 32.07 -13.11 -78.29
C LYS F 196 32.63 -12.37 -77.08
N VAL F 197 32.71 -11.03 -77.14
CA VAL F 197 33.37 -10.27 -76.08
C VAL F 197 32.33 -9.86 -75.03
N TYR F 198 32.53 -10.35 -73.81
CA TYR F 198 31.68 -10.04 -72.66
C TYR F 198 32.53 -9.27 -71.66
N ALA F 199 32.23 -7.99 -71.49
CA ALA F 199 33.05 -7.09 -70.68
C ALA F 199 32.25 -6.53 -69.50
N CYS F 200 32.86 -6.49 -68.33
CA CYS F 200 32.24 -5.99 -67.10
C CYS F 200 32.82 -4.62 -66.80
N GLU F 201 32.06 -3.56 -67.05
CA GLU F 201 32.46 -2.22 -66.68
C GLU F 201 31.94 -1.95 -65.28
N VAL F 202 32.84 -1.85 -64.31
CA VAL F 202 32.45 -1.45 -62.97
C VAL F 202 32.91 -0.02 -62.75
N THR F 203 32.12 0.73 -62.01
CA THR F 203 32.41 2.11 -61.65
C THR F 203 32.42 2.22 -60.13
N HIS F 204 33.40 2.94 -59.60
CA HIS F 204 33.47 3.06 -58.15
C HIS F 204 34.28 4.29 -57.75
N GLN F 205 34.02 4.75 -56.53
CA GLN F 205 34.77 5.86 -55.96
C GLN F 205 36.26 5.56 -55.91
N GLY F 206 36.61 4.32 -55.58
CA GLY F 206 38.02 3.98 -55.45
C GLY F 206 38.76 3.70 -56.74
N LEU F 207 38.08 3.77 -57.88
CA LEU F 207 38.64 3.37 -59.16
C LEU F 207 39.10 4.58 -59.97
N SER F 208 40.35 4.55 -60.42
CA SER F 208 40.87 5.62 -61.25
C SER F 208 40.05 5.77 -62.53
N SER F 209 39.68 4.66 -63.14
CA SER F 209 38.85 4.62 -64.33
C SER F 209 37.94 3.41 -64.24
N PRO F 210 36.84 3.39 -65.00
CA PRO F 210 35.99 2.19 -65.04
C PRO F 210 36.76 0.94 -65.45
N VAL F 211 36.90 0.00 -64.51
CA VAL F 211 37.69 -1.21 -64.73
C VAL F 211 36.87 -2.23 -65.50
N THR F 212 37.54 -3.01 -66.35
CA THR F 212 36.86 -3.91 -67.27
C THR F 212 37.54 -5.28 -67.27
N LYS F 213 36.96 -6.34 -66.64
CA LYS F 213 37.29 -7.67 -67.17
C LYS F 213 36.36 -8.03 -68.29
N SER F 214 36.95 -8.70 -69.24
CA SER F 214 36.28 -9.27 -70.38
C SER F 214 36.73 -10.70 -70.57
N PHE F 215 36.07 -11.37 -71.52
CA PHE F 215 36.48 -12.68 -71.96
C PHE F 215 35.87 -12.96 -73.32
N ASN F 216 36.54 -13.84 -74.06
CA ASN F 216 36.07 -14.29 -75.36
C ASN F 216 35.32 -15.60 -75.10
N ARG F 217 34.18 -15.80 -75.75
CA ARG F 217 33.54 -17.10 -75.57
C ARG F 217 34.29 -18.17 -76.35
N GLY F 218 34.87 -19.14 -75.64
CA GLY F 218 35.62 -20.21 -76.29
C GLY F 218 37.00 -20.41 -75.70
N GLU F 219 37.60 -19.34 -75.18
CA GLU F 219 38.94 -19.40 -74.60
C GLU F 219 38.94 -20.13 -73.25
C1 NAG G . -42.50 1.30 58.69
C2 NAG G . -43.28 0.08 59.18
C3 NAG G . -43.85 -0.66 57.98
C4 NAG G . -44.67 0.23 57.07
C5 NAG G . -43.85 1.48 56.76
C6 NAG G . -44.63 2.47 55.92
C7 NAG G . -42.20 -0.77 61.18
C8 NAG G . -41.00 -1.53 61.70
N2 NAG G . -42.38 -0.81 59.87
O3 NAG G . -44.69 -1.73 58.46
O4 NAG G . -44.79 -0.48 55.83
O5 NAG G . -43.38 2.14 57.95
O6 NAG G . -43.70 3.26 55.17
O7 NAG G . -42.97 -0.15 61.91
C1 NAG G . -46.11 -0.85 55.38
C2 NAG G . -45.97 -2.15 54.57
C3 NAG G . -47.31 -2.57 53.99
C4 NAG G . -48.31 -2.74 55.14
C5 NAG G . -48.37 -1.43 55.94
C6 NAG G . -49.32 -1.57 57.12
C7 NAG G . -44.77 -1.02 52.74
C8 NAG G . -43.37 -0.49 52.67
N2 NAG G . -44.95 -2.07 53.54
O3 NAG G . -47.16 -3.81 53.28
O4 NAG G . -49.62 -3.00 54.60
O5 NAG G . -47.06 -1.06 56.42
O6 NAG G . -48.78 -2.51 58.06
O7 NAG G . -45.69 -0.52 52.10
C1 BMA G . -50.02 -4.37 54.78
C2 BMA G . -51.52 -4.40 55.04
C3 BMA G . -52.02 -5.84 55.22
C4 BMA G . -51.58 -6.67 54.02
C5 BMA G . -50.08 -6.54 53.77
C6 BMA G . -49.75 -7.18 52.43
O2 BMA G . -52.21 -3.79 53.93
O3 BMA G . -53.45 -5.84 55.28
O4 BMA G . -51.94 -8.04 54.25
O5 BMA G . -49.76 -5.16 53.62
O6 BMA G . -50.66 -6.61 51.47
C1 MAN G . -49.98 -6.16 50.28
C2 MAN G . -49.33 -4.78 50.50
C3 MAN G . -50.37 -3.71 50.78
C4 MAN G . -51.42 -3.73 49.66
C5 MAN G . -51.98 -5.14 49.48
C6 MAN G . -53.01 -5.24 48.35
O2 MAN G . -48.56 -4.40 49.35
O3 MAN G . -49.77 -2.41 50.88
O4 MAN G . -52.45 -2.78 49.97
O5 MAN G . -50.88 -6.02 49.17
O6 MAN G . -54.21 -4.54 48.69
C1 NAG H . -34.30 7.92 41.77
C2 NAG H . -35.39 7.05 41.12
C3 NAG H . -35.97 7.73 39.89
C4 NAG H . -36.45 9.13 40.25
C5 NAG H . -35.34 9.93 40.94
C6 NAG H . -35.85 11.27 41.44
C7 NAG H . -35.16 4.67 41.54
C8 NAG H . -36.52 4.62 42.18
N2 NAG H . -34.91 5.73 40.75
O3 NAG H . -37.08 6.95 39.45
O4 NAG H . -36.79 9.79 39.01
O5 NAG H . -34.87 9.20 42.08
O6 NAG H . -36.79 11.05 42.50
O7 NAG H . -34.33 3.79 41.74
C1 NAG H . -38.18 10.19 39.06
C2 NAG H . -38.44 11.24 37.98
C3 NAG H . -39.91 11.63 37.99
C4 NAG H . -40.78 10.37 37.85
C5 NAG H . -40.41 9.38 38.94
C6 NAG H . -41.18 8.07 38.82
C7 NAG H . -36.43 12.60 37.72
C8 NAG H . -35.72 13.87 38.10
N2 NAG H . -37.65 12.43 38.24
O3 NAG H . -40.16 12.53 36.91
O4 NAG H . -42.16 10.69 37.98
O5 NAG H . -39.02 9.06 38.84
O6 NAG H . -40.72 7.23 39.88
O7 NAG H . -35.94 11.76 36.98
C1 BMA H . -42.81 10.46 36.70
C2 BMA H . -44.32 10.45 36.91
C3 BMA H . -45.00 10.17 35.57
C4 BMA H . -44.50 11.15 34.52
C5 BMA H . -42.98 11.16 34.46
C6 BMA H . -42.49 12.25 33.52
O2 BMA H . -44.73 11.71 37.44
O3 BMA H . -46.42 10.28 35.73
O4 BMA H . -45.04 10.80 33.23
O5 BMA H . -42.48 11.48 35.76
O6 BMA H . -43.18 13.46 33.87
C1 MAN H . -42.35 14.63 33.68
C2 MAN H . -42.85 15.75 34.60
C3 MAN H . -44.28 16.12 34.20
C4 MAN H . -44.34 16.42 32.70
C5 MAN H . -43.74 15.27 31.90
C6 MAN H . -43.75 15.58 30.40
O2 MAN H . -41.98 16.89 34.52
O3 MAN H . -44.70 17.28 34.93
O4 MAN H . -45.72 16.58 32.30
O5 MAN H . -42.39 15.09 32.33
O6 MAN H . -42.96 14.62 29.71
C1 NAG I . -16.45 26.74 46.22
C2 NAG I . -17.48 27.34 45.28
C3 NAG I . -16.89 27.49 43.89
C4 NAG I . -15.56 28.24 43.91
C5 NAG I . -14.62 27.56 44.92
C6 NAG I . -13.28 28.26 45.11
C7 NAG I . -19.78 26.71 45.83
C8 NAG I . -20.83 25.63 45.75
N2 NAG I . -18.63 26.46 45.21
O3 NAG I . -17.83 28.18 43.04
O4 NAG I . -15.05 28.12 42.57
O5 NAG I . -15.24 27.51 46.20
O6 NAG I . -13.48 29.59 45.60
O7 NAG I . -19.98 27.75 46.45
C1 NAG I . -14.39 29.30 42.08
C2 NAG I . -13.54 28.90 40.86
C3 NAG I . -12.81 30.12 40.31
C4 NAG I . -13.80 31.24 39.98
C5 NAG I . -14.64 31.53 41.22
C6 NAG I . -15.75 32.56 40.97
C7 NAG I . -12.85 26.55 41.04
C8 NAG I . -11.69 25.63 41.27
N2 NAG I . -12.59 27.86 41.21
O3 NAG I . -12.09 29.75 39.13
O4 NAG I . -13.03 32.40 39.57
O5 NAG I . -15.29 30.33 41.68
O6 NAG I . -16.79 31.92 40.23
O7 NAG I . -13.96 26.14 40.72
C1 BMA I . -13.45 32.95 38.29
C2 BMA I . -12.45 32.62 37.19
C3 BMA I . -12.94 33.25 35.86
C4 BMA I . -14.38 32.79 35.58
C5 BMA I . -15.25 33.16 36.78
C6 BMA I . -16.73 32.82 36.54
O2 BMA I . -12.34 31.19 37.13
O3 BMA I . -12.09 33.16 34.67
O4 BMA I . -14.88 33.39 34.38
O5 BMA I . -14.75 32.48 37.93
O6 BMA I . -17.59 33.96 36.72
C1 MAN I . -11.42 31.90 34.39
C2 MAN I . -9.94 32.17 34.06
C3 MAN I . -9.81 32.90 32.73
C4 MAN I . -10.51 32.09 31.63
C5 MAN I . -11.96 31.85 32.05
C6 MAN I . -12.63 31.02 30.95
O2 MAN I . -9.23 30.94 34.00
O3 MAN I . -8.42 33.06 32.39
O4 MAN I . -10.44 32.74 30.35
O5 MAN I . -11.95 31.14 33.28
O6 MAN I . -14.02 30.80 31.22
C1 MAN I . -17.12 35.11 35.96
C2 MAN I . -17.31 36.40 36.76
C3 MAN I . -18.80 36.75 36.88
C4 MAN I . -19.44 36.77 35.49
C5 MAN I . -19.18 35.44 34.80
C6 MAN I . -19.84 35.39 33.43
O2 MAN I . -16.61 37.48 36.12
O3 MAN I . -18.93 38.02 37.51
O4 MAN I . -20.85 37.03 35.57
O5 MAN I . -17.76 35.27 34.68
O6 MAN I . -19.37 36.45 32.60
C1 NAG J . -30.44 -3.76 -3.76
C2 NAG J . -31.41 -4.82 -3.23
C3 NAG J . -31.89 -5.66 -4.40
C4 NAG J . -32.45 -4.79 -5.53
C5 NAG J . -31.45 -3.68 -5.88
C6 NAG J . -32.01 -2.77 -6.98
C7 NAG J . -30.67 -5.45 -0.99
C8 NAG J . -29.50 -6.07 -0.27
N2 NAG J . -30.74 -5.70 -2.29
O3 NAG J . -32.89 -6.57 -3.94
O4 NAG J . -32.59 -5.64 -6.68
O5 NAG J . -31.09 -2.92 -4.72
O6 NAG J . -33.30 -2.30 -6.61
O7 NAG J . -31.50 -4.77 -0.41
C1 NAG J . -33.97 -5.72 -7.11
C2 NAG J . -34.03 -6.55 -8.39
C3 NAG J . -35.48 -6.63 -8.87
C4 NAG J . -36.32 -7.22 -7.76
C5 NAG J . -36.18 -6.37 -6.48
C6 NAG J . -36.97 -6.92 -5.30
C7 NAG J . -31.98 -6.52 -9.69
C8 NAG J . -31.22 -5.90 -10.84
N2 NAG J . -33.19 -6.01 -9.44
O3 NAG J . -35.57 -7.41 -10.06
O4 NAG J . -37.69 -7.28 -8.19
O5 NAG J . -34.80 -6.32 -6.11
O6 NAG J . -36.71 -6.07 -4.17
O7 NAG J . -31.52 -7.44 -9.04
C1 BMA J . -38.05 -8.67 -8.31
C2 BMA J . -39.36 -8.88 -7.56
C3 BMA J . -39.74 -10.36 -7.59
C4 BMA J . -39.78 -10.82 -9.05
C5 BMA J . -38.48 -10.49 -9.76
C6 BMA J . -38.54 -10.88 -11.23
O2 BMA J . -40.40 -8.11 -8.17
O3 BMA J . -41.01 -10.51 -6.94
O4 BMA J . -40.01 -12.23 -9.11
O5 BMA J . -38.25 -9.08 -9.68
O6 BMA J . -39.82 -10.52 -11.77
C1 MAN J . -40.91 -11.30 -5.72
C2 MAN J . -42.32 -11.63 -5.23
C3 MAN J . -43.05 -10.37 -4.78
C4 MAN J . -42.22 -9.65 -3.71
C5 MAN J . -40.81 -9.42 -4.23
C6 MAN J . -39.93 -8.77 -3.15
O2 MAN J . -42.25 -12.56 -4.13
O3 MAN J . -44.35 -10.68 -4.26
O4 MAN J . -42.84 -8.41 -3.37
O5 MAN J . -40.23 -10.67 -4.63
O6 MAN J . -39.91 -9.62 -1.99
C1 MAN J . -39.70 -9.98 -13.09
C2 MAN J . -41.00 -9.24 -13.45
C3 MAN J . -42.17 -10.22 -13.48
C4 MAN J . -41.85 -11.37 -14.43
C5 MAN J . -40.51 -12.00 -14.04
C6 MAN J . -40.15 -13.14 -14.98
O2 MAN J . -40.86 -8.61 -14.72
O3 MAN J . -43.38 -9.57 -13.88
O4 MAN J . -42.89 -12.35 -14.38
O5 MAN J . -39.49 -10.98 -14.09
O6 MAN J . -38.98 -13.83 -14.51
C1 NAG K . -23.14 2.13 -21.83
C2 NAG K . -24.28 1.26 -22.39
C3 NAG K . -24.87 1.91 -23.64
C4 NAG K . -25.43 3.28 -23.30
C5 NAG K . -24.31 4.09 -22.64
C6 NAG K . -24.84 5.42 -22.11
C7 NAG K . -24.05 -1.05 -21.67
C8 NAG K . -24.93 -0.70 -20.51
N2 NAG K . -23.89 -0.11 -22.61
O3 NAG K . -25.90 1.06 -24.19
O4 NAG K . -25.82 3.95 -24.52
O5 NAG K . -23.73 3.39 -21.53
O6 NAG K . -25.41 5.23 -20.80
O7 NAG K . -23.49 -2.13 -21.74
C1 NAG K . -27.23 4.34 -24.53
C2 NAG K . -27.43 5.45 -25.57
C3 NAG K . -28.90 5.87 -25.61
C4 NAG K . -29.78 4.66 -25.88
C5 NAG K . -29.48 3.59 -24.82
C6 NAG K . -30.31 2.33 -25.00
C7 NAG K . -25.47 6.85 -25.91
C8 NAG K . -24.95 8.26 -25.79
N2 NAG K . -26.60 6.60 -25.26
O3 NAG K . -29.07 6.86 -26.63
O4 NAG K . -31.19 5.02 -25.82
O5 NAG K . -28.08 3.24 -24.86
O6 NAG K . -30.03 1.44 -23.91
O7 NAG K . -24.89 6.01 -26.56
C1 BMA K . -31.71 5.30 -27.15
C2 BMA K . -31.73 4.03 -27.98
C3 BMA K . -32.20 4.33 -29.40
C4 BMA K . -33.57 5.01 -29.35
C5 BMA K . -33.49 6.23 -28.43
C6 BMA K . -34.83 6.96 -28.38
O2 BMA K . -32.61 3.07 -27.36
O3 BMA K . -32.29 3.13 -30.18
O4 BMA K . -33.97 5.40 -30.66
O5 BMA K . -33.06 5.81 -27.13
O6 BMA K . -34.68 8.39 -28.52
C1 MAN K . -35.00 8.82 -29.87
C2 MAN K . -33.72 9.19 -30.61
C3 MAN K . -33.07 10.40 -29.95
C4 MAN K . -34.08 11.54 -29.88
C5 MAN K . -35.36 11.06 -29.18
C6 MAN K . -36.39 12.18 -29.12
O2 MAN K . -34.01 9.48 -31.99
O3 MAN K . -31.91 10.80 -30.69
O4 MAN K . -33.53 12.66 -29.18
O5 MAN K . -35.88 9.94 -29.91
O6 MAN K . -37.69 11.65 -28.82
C1 NAG L . -5.32 21.30 -17.97
C2 NAG L . -6.40 21.84 -18.92
C3 NAG L . -5.84 21.92 -20.34
C4 NAG L . -4.53 22.69 -20.37
C5 NAG L . -3.55 22.08 -19.36
C6 NAG L . -2.23 22.86 -19.28
C7 NAG L . -8.59 21.13 -18.08
C8 NAG L . -9.63 20.06 -18.07
N2 NAG L . -7.57 20.97 -18.92
O3 NAG L . -6.80 22.58 -21.18
O4 NAG L . -3.96 22.57 -21.67
O5 NAG L . -4.14 22.09 -18.07
O6 NAG L . -2.47 24.14 -18.66
O7 NAG L . -8.66 22.10 -17.35
C1 NAG L . -3.82 23.88 -22.30
C2 NAG L . -2.84 23.71 -23.46
C3 NAG L . -2.64 25.06 -24.16
C4 NAG L . -4.00 25.58 -24.61
C5 NAG L . -4.94 25.67 -23.40
C6 NAG L . -6.33 26.17 -23.76
C7 NAG L . -0.66 23.76 -22.27
C8 NAG L . 0.71 23.18 -22.36
N2 NAG L . -1.58 23.13 -23.02
O3 NAG L . -1.77 24.91 -25.28
O4 NAG L . -3.81 26.88 -25.21
O5 NAG L . -5.06 24.38 -22.80
O6 NAG L . -7.09 25.10 -24.34
O7 NAG L . -0.91 24.72 -21.55
C1 BMA L . -4.26 26.89 -26.57
C2 BMA L . -4.45 28.33 -27.03
C3 BMA L . -5.05 28.34 -28.43
C4 BMA L . -4.13 27.56 -29.37
C5 BMA L . -3.89 26.17 -28.79
C6 BMA L . -2.97 25.36 -29.69
O2 BMA L . -3.17 28.98 -27.06
O3 BMA L . -5.27 29.69 -28.90
O4 BMA L . -4.71 27.46 -30.67
O5 BMA L . -3.33 26.28 -27.48
O6 BMA L . -1.87 26.17 -30.12
C1 MAN L . -6.58 30.14 -28.47
C2 MAN L . -7.68 29.53 -29.34
C3 MAN L . -7.61 30.08 -30.77
C4 MAN L . -7.62 31.61 -30.75
C5 MAN L . -6.52 32.11 -29.81
C6 MAN L . -6.52 33.63 -29.73
O2 MAN L . -8.96 29.82 -28.79
O3 MAN L . -8.73 29.61 -31.52
O4 MAN L . -7.43 32.13 -32.06
O5 MAN L . -6.76 31.57 -28.50
O6 MAN L . -5.46 34.06 -28.87
C1 MAN L . -0.66 25.41 -29.98
C2 MAN L . 0.34 26.22 -29.14
C3 MAN L . 0.71 27.50 -29.86
C4 MAN L . 1.21 27.18 -31.27
C5 MAN L . 0.17 26.33 -32.01
C6 MAN L . 0.63 25.94 -33.41
O2 MAN L . 1.50 25.42 -28.90
O3 MAN L . 1.72 28.22 -29.14
O4 MAN L . 1.46 28.40 -31.98
O5 MAN L . -0.03 25.13 -31.24
O6 MAN L . 0.69 27.08 -34.27
C1 NAG M . -20.44 -11.89 50.95
C2 NAG M . -20.20 -13.23 51.67
C3 NAG M . -19.27 -14.11 50.86
C4 NAG M . -19.83 -14.31 49.46
C5 NAG M . -20.08 -12.95 48.82
C6 NAG M . -20.66 -13.11 47.41
C7 NAG M . -20.32 -13.18 54.11
C8 NAG M . -19.51 -13.15 55.37
N2 NAG M . -19.62 -13.00 52.98
O3 NAG M . -19.17 -15.40 51.50
O4 NAG M . -18.91 -15.07 48.67
O5 NAG M . -20.96 -12.18 49.64
O6 NAG M . -20.60 -11.86 46.71
O7 NAG M . -21.54 -13.37 54.11
C1 NAG N . -31.68 1.06 35.00
C2 NAG N . -32.01 -0.37 34.59
C3 NAG N . -32.59 -0.35 33.17
C4 NAG N . -33.85 0.51 33.19
C5 NAG N . -33.55 1.91 33.74
C6 NAG N . -34.83 2.71 33.92
C7 NAG N . -30.77 -2.01 35.90
C8 NAG N . -29.51 -2.80 36.05
N2 NAG N . -30.89 -1.29 34.77
O3 NAG N . -32.87 -1.67 32.70
O4 NAG N . -34.37 0.60 31.86
O5 NAG N . -32.91 1.81 35.01
O6 NAG N . -35.49 2.93 32.67
O7 NAG N . -31.64 -2.01 36.76
C1 NAG O . -22.04 16.38 36.45
C2 NAG O . -21.14 15.82 35.34
C3 NAG O . -21.45 16.53 34.02
C4 NAG O . -22.94 16.37 33.70
C5 NAG O . -23.77 16.91 34.87
C6 NAG O . -25.28 16.80 34.65
C7 NAG O . -18.90 14.98 35.81
C8 NAG O . -17.47 15.33 36.07
N2 NAG O . -19.73 16.01 35.68
O3 NAG O . -20.65 15.99 32.96
O4 NAG O . -23.25 17.06 32.48
O5 NAG O . -23.42 16.21 36.07
O6 NAG O . -25.82 15.66 35.34
O7 NAG O . -19.29 13.82 35.71
C1 NAG P . -44.70 35.79 47.60
C2 NAG P . -44.55 37.31 47.48
C3 NAG P . -44.03 37.75 46.12
C4 NAG P . -42.70 37.03 45.88
C5 NAG P . -42.94 35.51 45.99
C6 NAG P . -41.68 34.72 45.63
C7 NAG P . -45.95 38.83 48.79
C8 NAG P . -46.66 38.33 50.03
N2 NAG P . -45.82 37.94 47.79
O3 NAG P . -43.83 39.17 46.06
O4 NAG P . -42.12 37.40 44.62
O5 NAG P . -43.43 35.17 47.30
O6 NAG P . -42.02 33.72 44.66
O7 NAG P . -45.54 39.97 48.70
C1 NAG Q . -20.14 -5.44 -29.23
C2 NAG Q . -20.65 -6.88 -29.23
C3 NAG Q . -20.93 -7.35 -30.65
C4 NAG Q . -21.88 -6.37 -31.33
C5 NAG Q . -21.34 -4.94 -31.23
C6 NAG Q . -22.31 -3.95 -31.86
C7 NAG Q . -18.58 -8.20 -29.03
C8 NAG Q . -18.28 -9.66 -28.81
N2 NAG Q . -19.74 -7.78 -28.53
O3 NAG Q . -21.50 -8.66 -30.62
O4 NAG Q . -22.05 -6.70 -32.72
O5 NAG Q . -21.11 -4.60 -29.86
O6 NAG Q . -23.43 -3.73 -30.98
O7 NAG Q . -17.79 -7.46 -29.60
C1 NAG R . -11.20 10.64 -27.17
C2 NAG R . -10.48 10.11 -28.40
C3 NAG R . -11.16 10.65 -29.67
C4 NAG R . -12.64 10.30 -29.64
C5 NAG R . -13.27 10.84 -28.37
C6 NAG R . -14.75 10.47 -28.28
C7 NAG R . -8.07 9.75 -28.22
C8 NAG R . -8.30 8.29 -28.52
N2 NAG R . -9.10 10.57 -28.40
O3 NAG R . -10.53 10.06 -30.83
O4 NAG R . -13.31 10.87 -30.78
O5 NAG R . -12.59 10.28 -27.25
O6 NAG R . -15.23 10.76 -26.97
O7 NAG R . -6.98 10.17 -27.85
#